data_8QYU
#
_entry.id   8QYU
#
_cell.length_a   97.996
_cell.length_b   122.503
_cell.length_c   187.463
_cell.angle_alpha   90.00
_cell.angle_beta   90.00
_cell.angle_gamma   90.00
#
_symmetry.space_group_name_H-M   'P 21 21 21'
#
loop_
_entity.id
_entity.type
_entity.pdbx_description
1 polymer Myosin-7
2 polymer 'Myosin light chain 3'
3 non-polymer "ADENOSINE-5'-DIPHOSPHATE"
4 non-polymer 'VANADATE ION'
5 non-polymer 'MAGNESIUM ION'
6 non-polymer 'FORMIC ACID'
7 non-polymer 'DIMETHYL SULFOXIDE'
8 non-polymer 'methyl 4-(2-fluoro-3-{[(6-methylpyridin-3-yl)carbamoyl]amino}benzyl)piperazine-1-carboxylate'
9 non-polymer GLYCEROL
10 non-polymer 'MALONIC ACID'
11 water water
#
loop_
_entity_poly.entity_id
_entity_poly.type
_entity_poly.pdbx_seq_one_letter_code
_entity_poly.pdbx_strand_id
1 'polypeptide(L)'
;MVDAEMAAFGEAAPYLRKSEKERLEAQTRPFDLKKDVFVPDDKEEFVKATILSREGGKVTAETEHGKTVTVKEDQVLQQN
PPKFDKIEDMAMLTFLHEPAVLYNLKERYASWMIYTYSGLFCVTINPY(M3L)WLPVYNAEVVAAYRGKKRSEAPPHIFS
ISDNAYQYMLTDRENQSILITGESGAGKTVNTKRVIQYFAVIAAIGDRSKKEQATGKGTLEDQIIQANPALEAFGNAKTV
RNDNSSRFGKFIRIHFGATGKLASADIETYLLEKSRVIFQLKAERDYHIFYQILSNKKPELLDMLLITNNPYDYAFISQG
ETTVASIDDAEELMATDNAFDVLGFTTEEKNSMYKLTGAIMHFGNMKFKLKQREEQAEPDGTEEADKSAYLMGLNSADLL
KGLCHPRVKVGNEYVTKGQNVQQVVYAKGALAKAVYERMFNWMVTRINATLETKQPRQYFIGVLDIAGFEIFDFNSFEQL
CINFTNEKLQQFFNHHMFVLEQEEYKKEGIEWEFIDFGMDLQACIDLIEKPMGIMSILEEECMFPKATDMTF(M3L)AKL
FDNHLGKSSNFQKPRNIKGKPEAHFSLIHYAGTVDYNIIGWLQKNKDPLNETVVDLYKKSSLKMLSSLFANYAGFDTPIE
KGKGKAKKGSSFQTVSALHRENLNKLMTNLRSTHPHFVRCIIPNETKSPGVIDNPLVMHQLRCNGVLEGIRICRKGFPNR
ILYGDFRQRYRILNPAAIPEGQFIDSRKGAEKLLGSLDIDHNQYKFGHTKVFFKAGLLGLLEEMRDERLSRIITRIQAQS
RGVLSRMEFKKLLERRDS
;
A,B
2 'polypeptide(L)'
;MAPKKPDPKKDEAKAGAKAAAAPAPAPAPPPAPEPSKEPEFDPSKIKIEFTPEQIEEFKEAFTLFDRTPKCEMKITYGQC
GDVLRALGQNPTQAEVLRVLGKPKQEELNSKMMDFDTFLPMLQHISKNKDTGTYEDFVEGLRVFDKEGNGTVMGAELRHV
LATLGEKLTEDEVEKLMAGQEDSNGCINYEAFVKHIMAG
;
G,H
#
# COMPACT_ATOMS: atom_id res chain seq x y z
N ASP A 3 -40.05 17.35 -18.12
CA ASP A 3 -39.20 18.44 -18.58
C ASP A 3 -39.07 19.53 -17.50
N ALA A 4 -40.14 19.77 -16.73
CA ALA A 4 -40.24 20.68 -15.59
C ALA A 4 -39.29 20.22 -14.48
N GLU A 5 -39.10 18.88 -14.33
CA GLU A 5 -38.18 18.30 -13.35
C GLU A 5 -36.71 18.59 -13.76
N MET A 6 -36.47 18.88 -15.06
CA MET A 6 -35.16 19.23 -15.64
C MET A 6 -34.92 20.75 -15.76
N ALA A 7 -35.92 21.57 -15.37
CA ALA A 7 -35.90 23.04 -15.41
C ALA A 7 -34.70 23.69 -14.70
N ALA A 8 -34.28 23.13 -13.53
CA ALA A 8 -33.15 23.62 -12.73
C ALA A 8 -31.82 23.62 -13.50
N PHE A 9 -31.69 22.70 -14.48
CA PHE A 9 -30.48 22.55 -15.30
C PHE A 9 -30.37 23.56 -16.43
N GLY A 10 -31.44 24.32 -16.70
CA GLY A 10 -31.48 25.33 -17.75
C GLY A 10 -31.24 24.81 -19.15
N GLU A 11 -30.42 25.54 -19.94
CA GLU A 11 -30.10 25.20 -21.33
C GLU A 11 -29.28 23.91 -21.50
N ALA A 12 -28.70 23.40 -20.41
CA ALA A 12 -27.95 22.13 -20.39
C ALA A 12 -28.88 20.94 -20.44
N ALA A 13 -30.15 21.09 -19.99
CA ALA A 13 -31.16 20.01 -19.92
C ALA A 13 -31.20 19.07 -21.15
N PRO A 14 -31.31 19.52 -22.45
CA PRO A 14 -31.34 18.55 -23.55
C PRO A 14 -30.04 17.76 -23.80
N TYR A 15 -28.90 18.24 -23.27
CA TYR A 15 -27.59 17.60 -23.39
C TYR A 15 -27.33 16.63 -22.23
N LEU A 16 -28.23 16.60 -21.25
CA LEU A 16 -28.12 15.78 -20.05
C LEU A 16 -29.17 14.66 -19.99
N ARG A 17 -30.42 14.95 -20.37
CA ARG A 17 -31.52 13.97 -20.37
C ARG A 17 -32.46 14.26 -21.53
N LYS A 18 -32.92 13.20 -22.20
CA LYS A 18 -33.85 13.36 -23.31
C LYS A 18 -35.23 13.84 -22.82
N SER A 19 -35.94 14.58 -23.68
CA SER A 19 -37.29 15.09 -23.37
C SER A 19 -38.27 13.94 -23.12
N GLU A 20 -39.39 14.21 -22.41
CA GLU A 20 -40.45 13.21 -22.19
C GLU A 20 -41.06 12.80 -23.55
N LYS A 21 -41.12 13.75 -24.50
CA LYS A 21 -41.60 13.56 -25.86
C LYS A 21 -40.70 12.53 -26.59
N GLU A 22 -39.35 12.61 -26.39
CA GLU A 22 -38.43 11.65 -27.01
C GLU A 22 -38.58 10.29 -26.34
N ARG A 23 -38.82 10.28 -25.01
CA ARG A 23 -38.99 9.09 -24.22
C ARG A 23 -40.17 8.28 -24.73
N LEU A 24 -41.31 8.97 -25.05
CA LEU A 24 -42.53 8.37 -25.61
C LEU A 24 -42.31 7.91 -27.05
N GLU A 25 -41.49 8.64 -27.83
CA GLU A 25 -41.17 8.27 -29.21
C GLU A 25 -40.37 6.96 -29.25
N ALA A 26 -39.30 6.87 -28.41
CA ALA A 26 -38.43 5.71 -28.32
C ALA A 26 -39.27 4.49 -27.90
N GLN A 27 -39.87 4.55 -26.72
CA GLN A 27 -40.77 3.58 -26.10
C GLN A 27 -41.74 2.87 -27.07
N THR A 28 -42.33 3.66 -28.01
CA THR A 28 -43.32 3.21 -29.00
C THR A 28 -42.76 2.94 -30.40
N ARG A 29 -41.46 3.17 -30.62
CA ARG A 29 -40.87 2.95 -31.93
C ARG A 29 -41.03 1.49 -32.38
N PRO A 30 -41.03 1.20 -33.71
CA PRO A 30 -41.13 -0.20 -34.15
C PRO A 30 -40.00 -1.08 -33.58
N PHE A 31 -40.38 -2.26 -33.05
CA PHE A 31 -39.49 -3.26 -32.45
C PHE A 31 -40.15 -4.64 -32.31
N ASP A 32 -39.36 -5.67 -32.63
CA ASP A 32 -39.69 -7.09 -32.51
C ASP A 32 -38.50 -7.77 -31.83
N LEU A 33 -38.71 -8.27 -30.59
CA LEU A 33 -37.67 -8.94 -29.83
C LEU A 33 -37.07 -10.11 -30.60
N LYS A 34 -37.89 -10.83 -31.40
CA LYS A 34 -37.44 -11.98 -32.19
C LYS A 34 -36.55 -11.62 -33.39
N LYS A 35 -36.84 -10.52 -34.10
CA LYS A 35 -36.13 -10.09 -35.31
C LYS A 35 -34.91 -9.20 -35.06
N ASP A 36 -35.09 -8.13 -34.26
CA ASP A 36 -34.09 -7.10 -33.97
C ASP A 36 -32.96 -7.63 -33.09
N VAL A 37 -31.82 -7.90 -33.74
CA VAL A 37 -30.62 -8.48 -33.13
C VAL A 37 -29.35 -7.71 -33.55
N PHE A 38 -28.19 -8.16 -33.06
CA PHE A 38 -26.85 -7.70 -33.39
C PHE A 38 -26.10 -8.91 -33.95
N VAL A 39 -25.29 -8.71 -34.99
CA VAL A 39 -24.48 -9.78 -35.56
C VAL A 39 -23.02 -9.28 -35.61
N PRO A 40 -21.99 -10.17 -35.56
CA PRO A 40 -20.60 -9.68 -35.71
C PRO A 40 -20.39 -9.13 -37.11
N ASP A 41 -19.44 -8.19 -37.25
CA ASP A 41 -19.07 -7.56 -38.51
C ASP A 41 -17.55 -7.39 -38.51
N ASP A 42 -16.89 -7.80 -39.61
CA ASP A 42 -15.42 -7.73 -39.76
C ASP A 42 -14.84 -6.31 -39.73
N LYS A 43 -15.63 -5.28 -40.07
CA LYS A 43 -15.16 -3.89 -40.09
C LYS A 43 -15.76 -3.02 -38.99
N GLU A 44 -17.00 -3.28 -38.59
CA GLU A 44 -17.69 -2.46 -37.61
C GLU A 44 -17.91 -3.13 -36.24
N GLU A 45 -17.20 -4.27 -35.98
CA GLU A 45 -17.29 -5.08 -34.75
C GLU A 45 -18.60 -5.83 -34.68
N PHE A 46 -19.71 -5.07 -34.56
CA PHE A 46 -21.08 -5.56 -34.50
C PHE A 46 -21.93 -4.57 -35.25
N VAL A 47 -23.03 -5.07 -35.83
CA VAL A 47 -24.01 -4.24 -36.55
C VAL A 47 -25.41 -4.67 -36.11
N LYS A 48 -26.39 -3.75 -36.19
CA LYS A 48 -27.80 -4.06 -35.92
C LYS A 48 -28.30 -4.81 -37.16
N ALA A 49 -29.10 -5.86 -36.96
CA ALA A 49 -29.66 -6.65 -38.07
C ALA A 49 -31.07 -7.14 -37.73
N THR A 50 -31.86 -7.48 -38.77
CA THR A 50 -33.21 -8.03 -38.63
C THR A 50 -33.18 -9.42 -39.23
N ILE A 51 -33.56 -10.45 -38.45
CA ILE A 51 -33.58 -11.85 -38.89
C ILE A 51 -34.66 -12.03 -39.99
N LEU A 52 -34.25 -12.64 -41.12
CA LEU A 52 -35.10 -12.93 -42.26
C LEU A 52 -35.50 -14.40 -42.22
N SER A 53 -34.53 -15.30 -41.94
CA SER A 53 -34.75 -16.76 -41.89
C SER A 53 -33.90 -17.50 -40.85
N ARG A 54 -34.50 -18.53 -40.21
CA ARG A 54 -33.87 -19.43 -39.26
C ARG A 54 -33.80 -20.80 -39.95
N GLU A 55 -32.59 -21.36 -40.17
CA GLU A 55 -32.42 -22.64 -40.85
C GLU A 55 -31.24 -23.49 -40.34
N GLY A 56 -31.58 -24.58 -39.65
CA GLY A 56 -30.66 -25.58 -39.10
C GLY A 56 -29.47 -25.08 -38.31
N GLY A 57 -29.75 -24.32 -37.24
CA GLY A 57 -28.73 -23.76 -36.35
C GLY A 57 -28.06 -22.49 -36.83
N LYS A 58 -28.41 -22.01 -38.04
CA LYS A 58 -27.86 -20.77 -38.61
C LYS A 58 -28.98 -19.74 -38.83
N VAL A 59 -28.65 -18.43 -38.76
CA VAL A 59 -29.64 -17.39 -39.04
C VAL A 59 -29.21 -16.60 -40.29
N THR A 60 -30.20 -16.16 -41.09
CA THR A 60 -30.01 -15.32 -42.28
C THR A 60 -30.63 -13.98 -41.92
N ALA A 61 -29.79 -12.95 -41.79
CA ALA A 61 -30.29 -11.63 -41.39
C ALA A 61 -29.89 -10.50 -42.34
N GLU A 62 -30.66 -9.41 -42.29
CA GLU A 62 -30.41 -8.20 -43.08
C GLU A 62 -29.86 -7.11 -42.13
N THR A 63 -28.61 -6.68 -42.37
CA THR A 63 -27.90 -5.67 -41.59
C THR A 63 -28.51 -4.29 -41.76
N GLU A 64 -28.07 -3.35 -40.91
CA GLU A 64 -28.47 -1.95 -40.98
C GLU A 64 -27.92 -1.27 -42.26
N HIS A 65 -26.89 -1.87 -42.87
CA HIS A 65 -26.23 -1.38 -44.08
C HIS A 65 -26.77 -2.01 -45.40
N GLY A 66 -27.86 -2.78 -45.30
CA GLY A 66 -28.51 -3.41 -46.44
C GLY A 66 -27.68 -4.56 -47.00
N LYS A 67 -27.32 -5.49 -46.13
CA LYS A 67 -26.49 -6.64 -46.47
C LYS A 67 -27.07 -7.94 -45.88
N THR A 68 -27.16 -8.99 -46.70
CA THR A 68 -27.63 -10.30 -46.26
C THR A 68 -26.41 -11.11 -45.79
N VAL A 69 -26.41 -11.51 -44.51
CA VAL A 69 -25.33 -12.26 -43.86
C VAL A 69 -25.93 -13.57 -43.29
N THR A 70 -25.15 -14.66 -43.33
CA THR A 70 -25.52 -15.96 -42.78
C THR A 70 -24.53 -16.25 -41.66
N VAL A 71 -25.03 -16.45 -40.43
CA VAL A 71 -24.21 -16.67 -39.25
C VAL A 71 -24.78 -17.81 -38.40
N LYS A 72 -23.98 -18.30 -37.44
CA LYS A 72 -24.40 -19.32 -36.47
C LYS A 72 -25.28 -18.65 -35.41
N GLU A 73 -26.27 -19.40 -34.88
CA GLU A 73 -27.21 -18.94 -33.85
C GLU A 73 -26.50 -18.40 -32.58
N ASP A 74 -25.38 -19.01 -32.17
CA ASP A 74 -24.60 -18.62 -30.99
C ASP A 74 -23.73 -17.36 -31.20
N GLN A 75 -23.73 -16.78 -32.42
CA GLN A 75 -23.02 -15.54 -32.73
C GLN A 75 -23.97 -14.34 -32.65
N VAL A 76 -25.29 -14.61 -32.69
CA VAL A 76 -26.39 -13.64 -32.65
C VAL A 76 -26.66 -13.17 -31.21
N LEU A 77 -26.75 -11.85 -31.01
CA LEU A 77 -27.01 -11.22 -29.71
C LEU A 77 -28.23 -10.34 -29.78
N GLN A 78 -29.09 -10.45 -28.76
CA GLN A 78 -30.36 -9.77 -28.68
C GLN A 78 -30.27 -8.28 -28.39
N GLN A 79 -31.09 -7.48 -29.08
CA GLN A 79 -31.21 -6.03 -28.88
C GLN A 79 -32.11 -5.79 -27.68
N ASN A 80 -31.76 -4.80 -26.86
CA ASN A 80 -32.58 -4.43 -25.72
C ASN A 80 -33.82 -3.70 -26.21
N PRO A 81 -35.02 -3.98 -25.65
CA PRO A 81 -36.24 -3.24 -26.08
C PRO A 81 -36.13 -1.70 -25.98
N PRO A 82 -36.99 -0.94 -26.73
CA PRO A 82 -36.85 0.54 -26.79
C PRO A 82 -36.89 1.32 -25.47
N LYS A 83 -37.48 0.76 -24.40
CA LYS A 83 -37.51 1.41 -23.08
C LYS A 83 -36.06 1.64 -22.53
N PHE A 84 -35.10 0.81 -23.01
CA PHE A 84 -33.69 0.85 -22.65
C PHE A 84 -32.86 1.77 -23.56
N ASP A 85 -33.47 2.42 -24.57
CA ASP A 85 -32.75 3.32 -25.50
C ASP A 85 -32.09 4.45 -24.71
N LYS A 86 -30.79 4.67 -24.94
CA LYS A 86 -30.01 5.74 -24.30
C LYS A 86 -30.11 5.69 -22.75
N ILE A 87 -30.10 4.46 -22.19
CA ILE A 87 -30.22 4.25 -20.74
C ILE A 87 -29.07 4.94 -19.99
N GLU A 88 -29.40 5.58 -18.84
CA GLU A 88 -28.43 6.30 -18.00
C GLU A 88 -27.45 5.37 -17.30
N ASP A 89 -27.90 4.21 -16.80
CA ASP A 89 -27.05 3.19 -16.17
C ASP A 89 -27.14 1.88 -16.91
N MET A 90 -26.02 1.46 -17.55
CA MET A 90 -25.96 0.24 -18.33
C MET A 90 -26.03 -1.05 -17.50
N ALA A 91 -25.89 -0.96 -16.17
CA ALA A 91 -26.09 -2.08 -15.25
C ALA A 91 -27.58 -2.50 -15.21
N MET A 92 -28.48 -1.66 -15.74
CA MET A 92 -29.93 -1.87 -15.75
C MET A 92 -30.45 -2.55 -17.01
N LEU A 93 -29.63 -2.67 -18.08
CA LEU A 93 -30.01 -3.33 -19.34
C LEU A 93 -30.41 -4.79 -19.08
N THR A 94 -31.44 -5.30 -19.78
CA THR A 94 -31.87 -6.71 -19.67
C THR A 94 -30.77 -7.62 -20.23
N PHE A 95 -30.29 -7.32 -21.45
CA PHE A 95 -29.24 -8.11 -22.08
C PHE A 95 -27.92 -7.32 -22.04
N LEU A 96 -26.98 -7.83 -21.24
CA LEU A 96 -25.66 -7.23 -21.10
C LEU A 96 -24.61 -7.99 -21.91
N HIS A 97 -24.16 -7.38 -22.99
CA HIS A 97 -23.16 -7.91 -23.93
C HIS A 97 -22.46 -6.73 -24.62
N GLU A 98 -21.41 -7.01 -25.40
CA GLU A 98 -20.61 -5.95 -26.04
C GLU A 98 -21.40 -5.00 -26.96
N PRO A 99 -22.19 -5.47 -27.97
CA PRO A 99 -22.94 -4.49 -28.78
C PRO A 99 -24.01 -3.70 -28.03
N ALA A 100 -24.61 -4.27 -26.95
CA ALA A 100 -25.61 -3.54 -26.14
C ALA A 100 -24.96 -2.33 -25.50
N VAL A 101 -23.76 -2.51 -24.94
CA VAL A 101 -22.98 -1.43 -24.30
C VAL A 101 -22.53 -0.42 -25.36
N LEU A 102 -21.92 -0.92 -26.45
CA LEU A 102 -21.41 -0.11 -27.54
C LEU A 102 -22.50 0.76 -28.17
N TYR A 103 -23.66 0.16 -28.51
CA TYR A 103 -24.76 0.89 -29.14
C TYR A 103 -25.47 1.84 -28.17
N ASN A 104 -25.49 1.55 -26.87
CA ASN A 104 -26.09 2.45 -25.90
C ASN A 104 -25.23 3.72 -25.75
N LEU A 105 -23.90 3.55 -25.80
CA LEU A 105 -22.91 4.63 -25.74
C LEU A 105 -22.97 5.48 -26.99
N LYS A 106 -23.02 4.84 -28.18
CA LYS A 106 -23.10 5.51 -29.50
C LYS A 106 -24.36 6.36 -29.60
N GLU A 107 -25.50 5.82 -29.16
CA GLU A 107 -26.80 6.49 -29.27
C GLU A 107 -26.89 7.69 -28.34
N ARG A 108 -26.24 7.64 -27.17
CA ARG A 108 -26.20 8.78 -26.23
C ARG A 108 -25.25 9.84 -26.81
N TYR A 109 -24.08 9.40 -27.33
CA TYR A 109 -23.08 10.29 -27.91
C TYR A 109 -23.64 11.05 -29.11
N ALA A 110 -24.49 10.39 -29.95
CA ALA A 110 -25.17 11.02 -31.10
C ALA A 110 -26.11 12.18 -30.65
N SER A 111 -26.60 12.14 -29.38
CA SER A 111 -27.45 13.18 -28.78
C SER A 111 -26.62 14.13 -27.92
N TRP A 112 -25.27 14.05 -28.05
CA TRP A 112 -24.29 14.85 -27.30
C TRP A 112 -24.34 14.56 -25.78
N MET A 113 -24.88 13.39 -25.39
CA MET A 113 -24.89 12.95 -23.98
C MET A 113 -23.64 12.11 -23.79
N ILE A 114 -22.56 12.76 -23.31
CA ILE A 114 -21.19 12.24 -23.24
C ILE A 114 -20.87 11.41 -21.96
N TYR A 115 -21.76 11.41 -20.95
CA TYR A 115 -21.59 10.64 -19.71
C TYR A 115 -22.62 9.53 -19.64
N THR A 116 -22.22 8.33 -19.23
CA THR A 116 -23.10 7.18 -19.06
C THR A 116 -22.61 6.40 -17.84
N TYR A 117 -23.51 6.10 -16.88
CA TYR A 117 -23.12 5.25 -15.76
C TYR A 117 -23.03 3.81 -16.25
N SER A 118 -22.08 3.08 -15.70
CA SER A 118 -21.92 1.65 -16.02
C SER A 118 -21.65 1.00 -14.67
N GLY A 119 -22.72 0.68 -13.95
CA GLY A 119 -22.63 0.16 -12.59
C GLY A 119 -22.24 1.32 -11.66
N LEU A 120 -21.27 1.08 -10.77
CA LEU A 120 -20.81 2.11 -9.85
C LEU A 120 -19.72 3.01 -10.44
N PHE A 121 -19.32 2.78 -11.70
CA PHE A 121 -18.36 3.63 -12.34
C PHE A 121 -19.04 4.37 -13.49
N CYS A 122 -18.28 5.19 -14.24
CA CYS A 122 -18.81 6.02 -15.29
C CYS A 122 -17.91 5.96 -16.53
N VAL A 123 -18.54 6.04 -17.70
CA VAL A 123 -17.87 6.09 -19.01
C VAL A 123 -18.14 7.49 -19.57
N THR A 124 -17.11 8.10 -20.20
CA THR A 124 -17.26 9.39 -20.86
C THR A 124 -16.55 9.34 -22.23
N ILE A 125 -17.18 9.89 -23.28
CA ILE A 125 -16.65 9.86 -24.64
C ILE A 125 -16.37 11.30 -25.02
N ASN A 126 -15.14 11.57 -25.48
CA ASN A 126 -14.70 12.90 -25.85
C ASN A 126 -15.58 13.52 -26.96
N PRO A 127 -16.34 14.63 -26.69
CA PRO A 127 -17.15 15.22 -27.77
C PRO A 127 -16.36 15.99 -28.82
N TYR A 128 -15.13 16.48 -28.49
CA TYR A 128 -14.28 17.36 -29.35
C TYR A 128 -15.06 18.64 -29.71
N TRP A 130 -17.37 22.02 -27.37
N TRP A 130 -17.21 22.03 -27.24
CA TRP A 130 -17.80 22.70 -26.15
CA TRP A 130 -17.60 22.48 -25.90
C TRP A 130 -19.30 22.45 -25.97
C TRP A 130 -19.14 22.58 -25.82
N LEU A 131 -19.72 21.93 -24.81
CA LEU A 131 -21.16 21.77 -24.54
C LEU A 131 -21.58 22.62 -23.38
N PRO A 132 -22.82 23.19 -23.34
CA PRO A 132 -23.18 24.09 -22.22
C PRO A 132 -23.63 23.33 -20.97
N VAL A 133 -22.81 22.34 -20.53
CA VAL A 133 -23.15 21.46 -19.39
C VAL A 133 -22.29 21.68 -18.13
N TYR A 134 -21.36 22.66 -18.17
CA TYR A 134 -20.43 22.87 -17.07
C TYR A 134 -20.53 24.24 -16.34
N ASN A 135 -21.63 24.93 -16.48
CA ASN A 135 -21.80 26.23 -15.84
C ASN A 135 -22.28 26.13 -14.36
N ALA A 136 -22.26 27.27 -13.61
CA ALA A 136 -22.64 27.34 -12.20
C ALA A 136 -24.08 26.91 -11.90
N GLU A 137 -24.98 27.06 -12.89
CA GLU A 137 -26.38 26.66 -12.81
C GLU A 137 -26.48 25.13 -12.76
N VAL A 138 -25.68 24.42 -13.61
CA VAL A 138 -25.61 22.94 -13.63
C VAL A 138 -24.97 22.44 -12.30
N VAL A 139 -23.96 23.16 -11.77
CA VAL A 139 -23.32 22.84 -10.49
C VAL A 139 -24.41 22.86 -9.38
N ALA A 140 -25.16 23.98 -9.27
CA ALA A 140 -26.25 24.15 -8.28
C ALA A 140 -27.32 23.06 -8.41
N ALA A 141 -27.71 22.74 -9.64
CA ALA A 141 -28.71 21.72 -9.97
C ALA A 141 -28.32 20.28 -9.53
N TYR A 142 -27.00 19.94 -9.49
CA TYR A 142 -26.53 18.60 -9.11
C TYR A 142 -26.36 18.39 -7.59
N ARG A 143 -26.26 19.49 -6.84
CA ARG A 143 -26.03 19.52 -5.40
C ARG A 143 -27.00 18.63 -4.57
N GLY A 144 -26.46 17.59 -3.96
CA GLY A 144 -27.22 16.66 -3.11
C GLY A 144 -28.16 15.69 -3.82
N LYS A 145 -28.14 15.65 -5.17
CA LYS A 145 -29.03 14.77 -5.93
C LYS A 145 -28.59 13.34 -5.86
N LYS A 146 -29.57 12.42 -5.70
CA LYS A 146 -29.30 10.97 -5.71
C LYS A 146 -29.01 10.53 -7.16
N ARG A 147 -28.34 9.39 -7.33
CA ARG A 147 -27.93 8.84 -8.65
C ARG A 147 -29.11 8.67 -9.62
N SER A 148 -30.28 8.25 -9.11
CA SER A 148 -31.51 8.07 -9.90
C SER A 148 -32.11 9.41 -10.37
N GLU A 149 -32.23 10.41 -9.45
CA GLU A 149 -32.86 11.69 -9.78
C GLU A 149 -32.02 12.63 -10.67
N ALA A 150 -30.71 12.42 -10.81
CA ALA A 150 -29.89 13.29 -11.64
C ALA A 150 -29.27 12.56 -12.83
N PRO A 151 -29.20 13.21 -14.04
CA PRO A 151 -28.59 12.53 -15.21
C PRO A 151 -27.08 12.28 -15.02
N PRO A 152 -26.43 11.27 -15.71
CA PRO A 152 -24.98 11.10 -15.53
C PRO A 152 -24.19 12.33 -15.94
N HIS A 153 -23.22 12.70 -15.08
CA HIS A 153 -22.34 13.85 -15.25
C HIS A 153 -21.15 13.70 -14.31
N ILE A 154 -20.01 14.34 -14.65
CA ILE A 154 -18.83 14.39 -13.78
C ILE A 154 -19.17 15.05 -12.42
N PHE A 155 -20.13 16.04 -12.38
CA PHE A 155 -20.59 16.71 -11.16
C PHE A 155 -21.32 15.76 -10.21
N SER A 156 -22.09 14.78 -10.77
CA SER A 156 -22.80 13.81 -9.95
C SER A 156 -21.88 12.74 -9.35
N ILE A 157 -20.78 12.37 -10.08
CA ILE A 157 -19.75 11.45 -9.58
C ILE A 157 -19.08 12.14 -8.40
N SER A 158 -18.79 13.46 -8.56
CA SER A 158 -18.17 14.30 -7.56
C SER A 158 -19.10 14.42 -6.33
N ASP A 159 -20.41 14.69 -6.54
CA ASP A 159 -21.38 14.78 -5.45
C ASP A 159 -21.55 13.42 -4.73
N ASN A 160 -21.69 12.32 -5.48
CA ASN A 160 -21.79 10.96 -4.91
C ASN A 160 -20.58 10.67 -3.98
N ALA A 161 -19.34 10.95 -4.45
CA ALA A 161 -18.12 10.78 -3.67
C ALA A 161 -18.18 11.56 -2.35
N TYR A 162 -18.68 12.80 -2.42
CA TYR A 162 -18.89 13.65 -1.25
C TYR A 162 -19.89 13.03 -0.25
N GLN A 163 -21.01 12.44 -0.74
CA GLN A 163 -22.01 11.78 0.13
C GLN A 163 -21.45 10.52 0.76
N TYR A 164 -20.68 9.71 -0.01
CA TYR A 164 -20.00 8.52 0.51
C TYR A 164 -19.03 8.90 1.65
N MET A 165 -18.32 10.04 1.49
CA MET A 165 -17.36 10.61 2.43
C MET A 165 -18.00 10.85 3.80
N LEU A 166 -19.11 11.59 3.82
CA LEU A 166 -19.85 11.91 5.05
C LEU A 166 -20.60 10.69 5.64
N THR A 167 -21.18 9.83 4.79
CA THR A 167 -21.94 8.66 5.28
C THR A 167 -21.03 7.55 5.86
N ASP A 168 -19.95 7.22 5.13
CA ASP A 168 -19.05 6.13 5.53
C ASP A 168 -17.90 6.60 6.40
N ARG A 169 -17.62 7.94 6.44
CA ARG A 169 -16.51 8.57 7.18
C ARG A 169 -15.17 8.05 6.66
N GLU A 170 -14.99 8.16 5.36
CA GLU A 170 -13.74 7.73 4.74
C GLU A 170 -13.37 8.57 3.55
N ASN A 171 -12.05 8.67 3.34
CA ASN A 171 -11.45 9.44 2.25
C ASN A 171 -11.81 8.79 0.92
N GLN A 172 -12.01 9.63 -0.13
CA GLN A 172 -12.45 9.18 -1.46
C GLN A 172 -11.44 9.58 -2.52
N SER A 173 -11.41 8.82 -3.62
CA SER A 173 -10.58 9.12 -4.79
C SER A 173 -11.40 9.03 -6.07
N ILE A 174 -11.11 9.92 -7.03
CA ILE A 174 -11.76 9.95 -8.33
C ILE A 174 -10.62 9.71 -9.31
N LEU A 175 -10.60 8.46 -9.85
CA LEU A 175 -9.56 7.92 -10.72
C LEU A 175 -10.02 7.94 -12.15
N ILE A 176 -9.44 8.87 -12.92
CA ILE A 176 -9.84 9.20 -14.28
C ILE A 176 -8.86 8.61 -15.27
N THR A 177 -9.30 7.55 -15.96
CA THR A 177 -8.44 6.84 -16.89
C THR A 177 -8.68 7.26 -18.34
N GLY A 178 -7.76 6.84 -19.21
CA GLY A 178 -7.85 7.07 -20.64
C GLY A 178 -6.51 7.21 -21.31
N GLU A 179 -6.49 6.94 -22.61
CA GLU A 179 -5.35 7.14 -23.47
C GLU A 179 -5.15 8.65 -23.62
N SER A 180 -4.01 9.05 -24.16
CA SER A 180 -3.71 10.46 -24.41
C SER A 180 -4.81 11.08 -25.29
N GLY A 181 -5.37 12.20 -24.83
CA GLY A 181 -6.41 12.95 -25.51
C GLY A 181 -7.83 12.49 -25.24
N ALA A 182 -8.02 11.52 -24.32
CA ALA A 182 -9.33 10.97 -23.97
C ALA A 182 -10.25 11.91 -23.18
N GLY A 183 -9.69 12.73 -22.29
CA GLY A 183 -10.45 13.70 -21.49
C GLY A 183 -10.21 13.73 -20.00
N LYS A 184 -9.08 13.14 -19.53
CA LYS A 184 -8.73 13.10 -18.10
C LYS A 184 -8.53 14.48 -17.46
N THR A 185 -7.78 15.40 -18.14
CA THR A 185 -7.50 16.74 -17.62
C THR A 185 -8.78 17.58 -17.61
N VAL A 186 -9.62 17.46 -18.67
CA VAL A 186 -10.88 18.18 -18.69
C VAL A 186 -11.74 17.71 -17.48
N ASN A 187 -11.93 16.40 -17.30
CA ASN A 187 -12.77 15.93 -16.19
C ASN A 187 -12.18 16.23 -14.81
N THR A 188 -10.84 16.21 -14.65
CA THR A 188 -10.18 16.56 -13.39
C THR A 188 -10.54 18.02 -12.97
N LYS A 189 -10.46 18.96 -13.94
CA LYS A 189 -10.73 20.38 -13.71
C LYS A 189 -12.20 20.60 -13.42
N ARG A 190 -13.10 19.71 -13.96
CA ARG A 190 -14.54 19.78 -13.69
C ARG A 190 -14.88 19.34 -12.26
N VAL A 191 -14.14 18.34 -11.70
CA VAL A 191 -14.32 17.89 -10.30
C VAL A 191 -13.95 19.07 -9.39
N ILE A 192 -12.77 19.69 -9.63
CA ILE A 192 -12.27 20.85 -8.88
C ILE A 192 -13.29 22.01 -8.96
N GLN A 193 -13.79 22.29 -10.17
CA GLN A 193 -14.81 23.32 -10.42
C GLN A 193 -16.05 23.09 -9.57
N TYR A 194 -16.52 21.84 -9.51
CA TYR A 194 -17.68 21.43 -8.73
C TYR A 194 -17.57 21.86 -7.26
N PHE A 195 -16.49 21.46 -6.56
CA PHE A 195 -16.31 21.79 -5.16
C PHE A 195 -16.03 23.29 -4.95
N ALA A 196 -15.27 23.94 -5.85
CA ALA A 196 -14.98 25.38 -5.77
C ALA A 196 -16.25 26.23 -5.88
N VAL A 197 -17.11 25.93 -6.88
CA VAL A 197 -18.36 26.67 -7.12
C VAL A 197 -19.37 26.43 -5.97
N ILE A 198 -19.49 25.19 -5.46
CA ILE A 198 -20.40 24.85 -4.35
C ILE A 198 -19.99 25.67 -3.11
N ALA A 199 -18.68 25.69 -2.79
CA ALA A 199 -18.12 26.44 -1.65
C ALA A 199 -18.29 27.96 -1.80
N ALA A 200 -18.29 28.46 -3.04
CA ALA A 200 -18.46 29.88 -3.35
C ALA A 200 -19.90 30.33 -3.05
N ILE A 201 -20.90 29.45 -3.24
CA ILE A 201 -22.31 29.74 -2.97
C ILE A 201 -22.55 29.73 -1.45
N THR A 215 -11.65 33.01 -1.74
CA THR A 215 -10.47 33.08 -2.60
C THR A 215 -9.75 31.72 -2.70
N LEU A 216 -9.90 30.76 -1.71
CA LEU A 216 -9.36 29.40 -1.84
C LEU A 216 -9.99 28.78 -3.12
N GLU A 217 -11.31 28.99 -3.31
CA GLU A 217 -12.10 28.52 -4.45
C GLU A 217 -11.57 29.06 -5.78
N ASP A 218 -11.15 30.34 -5.83
CA ASP A 218 -10.57 30.98 -7.03
C ASP A 218 -9.18 30.36 -7.30
N GLN A 219 -8.36 30.26 -6.23
CA GLN A 219 -7.01 29.72 -6.20
C GLN A 219 -6.92 28.26 -6.68
N ILE A 220 -7.88 27.37 -6.28
CA ILE A 220 -7.87 25.95 -6.72
C ILE A 220 -8.13 25.83 -8.24
N ILE A 221 -9.01 26.71 -8.78
CA ILE A 221 -9.32 26.74 -10.22
C ILE A 221 -8.16 27.29 -11.05
N GLN A 222 -7.44 28.29 -10.51
CA GLN A 222 -6.33 28.97 -11.17
C GLN A 222 -5.00 28.20 -11.09
N ALA A 223 -4.95 27.12 -10.27
CA ALA A 223 -3.76 26.29 -10.14
C ALA A 223 -3.43 25.58 -11.46
N ASN A 224 -4.46 25.11 -12.20
CA ASN A 224 -4.30 24.34 -13.44
C ASN A 224 -3.78 25.19 -14.63
N PRO A 225 -4.30 26.40 -14.98
CA PRO A 225 -3.67 27.16 -16.08
C PRO A 225 -2.17 27.45 -15.85
N ALA A 226 -1.76 27.74 -14.59
CA ALA A 226 -0.35 28.01 -14.25
C ALA A 226 0.50 26.76 -14.48
N LEU A 227 0.02 25.57 -14.03
CA LEU A 227 0.71 24.29 -14.20
C LEU A 227 0.75 23.87 -15.66
N GLU A 228 -0.34 24.08 -16.41
CA GLU A 228 -0.43 23.68 -17.82
C GLU A 228 0.50 24.46 -18.72
N ALA A 229 0.76 25.76 -18.41
CA ALA A 229 1.73 26.58 -19.17
C ALA A 229 3.13 25.92 -19.13
N PHE A 230 3.52 25.40 -17.95
CA PHE A 230 4.84 24.83 -17.76
C PHE A 230 4.94 23.30 -17.86
N GLY A 231 3.83 22.60 -17.70
CA GLY A 231 3.81 21.14 -17.71
C GLY A 231 3.05 20.47 -18.83
N ASN A 232 2.37 21.25 -19.69
CA ASN A 232 1.61 20.70 -20.82
C ASN A 232 2.20 21.13 -22.15
N ALA A 233 1.98 20.29 -23.19
CA ALA A 233 2.53 20.55 -24.53
C ALA A 233 1.76 19.82 -25.61
N LYS A 234 1.87 20.33 -26.84
CA LYS A 234 1.23 19.71 -27.98
C LYS A 234 2.04 18.48 -28.39
N THR A 235 1.35 17.34 -28.45
CA THR A 235 1.94 16.09 -28.93
C THR A 235 1.11 15.71 -30.14
N VAL A 236 1.52 14.67 -30.88
CA VAL A 236 0.78 14.18 -32.03
C VAL A 236 -0.65 13.70 -31.63
N ARG A 237 -0.83 13.30 -30.36
CA ARG A 237 -2.11 12.79 -29.85
C ARG A 237 -2.98 13.83 -29.14
N ASN A 238 -2.38 14.81 -28.50
CA ASN A 238 -3.15 15.84 -27.79
C ASN A 238 -2.51 17.21 -27.91
N ASP A 239 -3.30 18.23 -28.35
CA ASP A 239 -2.84 19.64 -28.46
C ASP A 239 -2.48 20.21 -27.08
N ASN A 240 -3.09 19.68 -26.01
CA ASN A 240 -2.82 20.09 -24.64
C ASN A 240 -2.48 18.87 -23.75
N SER A 241 -1.48 18.08 -24.17
CA SER A 241 -1.05 16.88 -23.44
C SER A 241 -0.33 17.18 -22.11
N SER A 242 -0.73 16.49 -21.02
CA SER A 242 -0.11 16.62 -19.68
C SER A 242 1.17 15.78 -19.73
N ARG A 243 2.31 16.38 -19.44
CA ARG A 243 3.62 15.72 -19.46
C ARG A 243 4.13 15.40 -18.03
N PHE A 244 3.19 15.38 -17.08
CA PHE A 244 3.41 15.07 -15.68
C PHE A 244 2.12 14.45 -15.12
N GLY A 245 2.25 13.72 -14.02
CA GLY A 245 1.12 13.17 -13.31
C GLY A 245 0.80 14.07 -12.13
N LYS A 246 -0.44 14.03 -11.66
CA LYS A 246 -0.84 14.81 -10.49
C LYS A 246 -1.99 14.16 -9.71
N PHE A 247 -1.92 14.28 -8.38
CA PHE A 247 -2.95 13.86 -7.44
C PHE A 247 -3.38 15.11 -6.65
N ILE A 248 -4.62 15.59 -6.87
CA ILE A 248 -5.15 16.81 -6.19
C ILE A 248 -6.04 16.37 -5.04
N ARG A 249 -5.70 16.76 -3.80
CA ARG A 249 -6.56 16.43 -2.65
C ARG A 249 -7.37 17.65 -2.26
N ILE A 250 -8.70 17.49 -2.17
CA ILE A 250 -9.58 18.57 -1.74
C ILE A 250 -10.01 18.18 -0.31
N HIS A 251 -9.54 18.95 0.69
CA HIS A 251 -9.78 18.67 2.11
C HIS A 251 -11.07 19.26 2.64
N PHE A 252 -11.78 18.49 3.47
CA PHE A 252 -13.07 18.88 4.05
C PHE A 252 -13.11 18.75 5.57
N GLY A 253 -13.87 19.63 6.23
CA GLY A 253 -14.09 19.52 7.67
C GLY A 253 -15.01 18.34 7.95
N ALA A 254 -15.13 17.95 9.23
CA ALA A 254 -15.98 16.81 9.68
C ALA A 254 -17.45 16.90 9.20
N THR A 255 -18.00 18.12 9.05
CA THR A 255 -19.40 18.29 8.63
C THR A 255 -19.53 18.50 7.12
N GLY A 256 -18.40 18.52 6.41
CA GLY A 256 -18.37 18.61 4.96
C GLY A 256 -18.09 19.95 4.35
N LYS A 257 -17.59 20.93 5.13
CA LYS A 257 -17.21 22.25 4.61
C LYS A 257 -15.81 22.20 3.98
N LEU A 258 -15.63 22.83 2.80
CA LEU A 258 -14.32 22.91 2.12
C LEU A 258 -13.31 23.59 3.05
N ALA A 259 -12.16 22.92 3.29
CA ALA A 259 -11.17 23.44 4.22
C ALA A 259 -9.86 23.89 3.59
N SER A 260 -9.26 23.05 2.74
CA SER A 260 -7.95 23.24 2.12
C SER A 260 -7.83 22.38 0.85
N ALA A 261 -6.67 22.47 0.18
CA ALA A 261 -6.31 21.66 -0.98
C ALA A 261 -4.79 21.56 -1.10
N ASP A 262 -4.30 20.52 -1.78
CA ASP A 262 -2.87 20.34 -2.03
C ASP A 262 -2.66 19.57 -3.33
N ILE A 263 -1.52 19.78 -3.98
CA ILE A 263 -1.16 19.15 -5.25
C ILE A 263 0.17 18.40 -5.15
N GLU A 264 0.15 17.10 -5.46
CA GLU A 264 1.33 16.27 -5.60
C GLU A 264 1.54 16.06 -7.12
N THR A 265 2.72 16.40 -7.63
CA THR A 265 3.04 16.22 -9.06
C THR A 265 4.10 15.13 -9.18
N TYR A 266 4.05 14.36 -10.28
CA TYR A 266 4.97 13.26 -10.52
C TYR A 266 5.64 13.30 -11.88
N LEU A 267 6.97 13.12 -11.86
CA LEU A 267 7.85 12.95 -13.02
C LEU A 267 7.50 13.80 -14.26
N LEU A 268 7.90 15.08 -14.27
CA LEU A 268 7.71 15.93 -15.46
C LEU A 268 8.66 15.42 -16.55
N GLU A 269 8.22 15.40 -17.83
CA GLU A 269 9.06 14.92 -18.92
C GLU A 269 10.17 15.95 -19.23
N LYS A 270 11.37 15.68 -18.70
CA LYS A 270 12.51 16.59 -18.84
C LYS A 270 13.03 16.78 -20.27
N SER A 271 13.14 15.72 -21.08
CA SER A 271 13.67 15.81 -22.46
C SER A 271 12.98 16.82 -23.35
N ARG A 272 11.63 17.01 -23.17
CA ARG A 272 10.81 17.95 -23.97
C ARG A 272 11.35 19.39 -23.97
N VAL A 273 11.95 19.82 -22.85
CA VAL A 273 12.53 21.16 -22.65
C VAL A 273 13.57 21.52 -23.75
N ILE A 274 14.37 20.54 -24.15
CA ILE A 274 15.49 20.69 -25.09
C ILE A 274 15.33 19.88 -26.40
N PHE A 275 14.29 19.03 -26.50
CA PHE A 275 14.09 18.14 -27.64
C PHE A 275 12.63 17.99 -28.03
N GLN A 276 12.34 17.95 -29.35
CA GLN A 276 11.00 17.72 -29.88
C GLN A 276 11.07 16.80 -31.09
N LEU A 277 10.05 15.93 -31.22
CA LEU A 277 9.89 15.07 -32.40
C LEU A 277 9.13 15.93 -33.45
N LYS A 278 9.15 15.51 -34.72
CA LYS A 278 8.57 16.23 -35.87
C LYS A 278 7.18 16.86 -35.60
N ALA A 279 6.21 16.07 -35.15
CA ALA A 279 4.83 16.55 -34.97
C ALA A 279 4.48 17.02 -33.57
N GLU A 280 5.42 17.70 -32.88
CA GLU A 280 5.14 18.17 -31.51
C GLU A 280 5.85 19.48 -31.14
N ARG A 281 5.40 20.13 -30.05
CA ARG A 281 5.98 21.40 -29.57
C ARG A 281 6.65 21.16 -28.23
N ASP A 282 7.41 22.15 -27.77
CA ASP A 282 8.02 22.21 -26.44
C ASP A 282 6.86 22.69 -25.50
N TYR A 283 7.12 22.91 -24.22
CA TYR A 283 6.07 23.38 -23.30
C TYR A 283 5.46 24.70 -23.77
N HIS A 284 4.13 24.86 -23.56
CA HIS A 284 3.33 26.02 -23.97
C HIS A 284 3.97 27.35 -23.64
N ILE A 285 4.50 27.50 -22.41
CA ILE A 285 5.08 28.77 -21.90
C ILE A 285 5.98 29.50 -22.93
N PHE A 286 6.91 28.77 -23.60
CA PHE A 286 7.84 29.35 -24.58
C PHE A 286 7.13 30.13 -25.68
N TYR A 287 6.08 29.53 -26.26
CA TYR A 287 5.25 30.08 -27.33
C TYR A 287 4.33 31.17 -26.83
N GLN A 288 3.86 31.05 -25.56
CA GLN A 288 3.04 32.06 -24.90
C GLN A 288 3.84 33.36 -24.75
N ILE A 289 5.11 33.26 -24.31
CA ILE A 289 6.03 34.39 -24.18
C ILE A 289 6.32 35.00 -25.57
N LEU A 290 6.72 34.15 -26.53
CA LEU A 290 7.05 34.59 -27.89
C LEU A 290 5.89 35.18 -28.71
N SER A 291 4.62 35.03 -28.24
CA SER A 291 3.40 35.52 -28.89
C SER A 291 3.41 37.03 -29.09
N ASN A 292 4.20 37.75 -28.26
CA ASN A 292 4.38 39.21 -28.21
C ASN A 292 3.17 39.92 -27.62
N LYS A 293 2.34 39.18 -26.85
CA LYS A 293 1.16 39.71 -26.18
C LYS A 293 1.57 40.70 -25.07
N LYS A 294 2.72 40.45 -24.42
CA LYS A 294 3.28 41.32 -23.39
C LYS A 294 4.68 41.65 -23.94
N PRO A 295 4.82 42.69 -24.79
CA PRO A 295 6.13 42.98 -25.42
C PRO A 295 7.28 43.22 -24.46
N GLU A 296 6.98 43.65 -23.21
CA GLU A 296 7.96 43.92 -22.17
C GLU A 296 8.70 42.65 -21.72
N LEU A 297 8.05 41.47 -21.84
CA LEU A 297 8.65 40.18 -21.52
C LEU A 297 9.79 39.87 -22.51
N LEU A 298 9.62 40.23 -23.78
CA LEU A 298 10.63 40.00 -24.83
C LEU A 298 11.83 40.90 -24.60
N ASP A 299 11.58 42.13 -24.14
CA ASP A 299 12.62 43.09 -23.82
C ASP A 299 13.38 42.66 -22.56
N MET A 300 12.65 42.19 -21.53
CA MET A 300 13.20 41.70 -20.26
C MET A 300 14.06 40.45 -20.46
N LEU A 301 13.60 39.50 -21.29
CA LEU A 301 14.27 38.22 -21.57
C LEU A 301 15.36 38.30 -22.64
N LEU A 302 15.52 39.50 -23.29
CA LEU A 302 16.50 39.78 -24.34
C LEU A 302 16.36 38.80 -25.52
N ILE A 303 15.11 38.56 -25.94
CA ILE A 303 14.75 37.64 -27.01
C ILE A 303 13.99 38.34 -28.13
N THR A 304 13.96 37.69 -29.31
CA THR A 304 13.20 38.10 -30.49
C THR A 304 11.78 37.50 -30.33
N ASN A 305 10.94 37.60 -31.37
CA ASN A 305 9.59 37.01 -31.31
C ASN A 305 9.54 35.73 -32.18
N ASN A 306 10.71 35.24 -32.59
CA ASN A 306 10.82 34.12 -33.50
C ASN A 306 11.27 32.84 -32.79
N PRO A 307 10.38 31.82 -32.66
CA PRO A 307 10.80 30.56 -32.01
C PRO A 307 11.92 29.82 -32.73
N TYR A 308 12.01 29.99 -34.06
CA TYR A 308 13.05 29.38 -34.92
C TYR A 308 14.45 29.95 -34.66
N ASP A 309 14.53 31.01 -33.83
CA ASP A 309 15.79 31.62 -33.38
C ASP A 309 16.34 30.87 -32.14
N TYR A 310 15.54 29.95 -31.55
CA TYR A 310 15.88 29.20 -30.34
C TYR A 310 15.86 27.69 -30.59
N ALA A 311 17.08 27.09 -30.59
CA ALA A 311 17.36 25.67 -30.92
C ALA A 311 16.57 24.66 -30.09
N PHE A 312 16.52 24.86 -28.77
CA PHE A 312 15.84 23.99 -27.81
C PHE A 312 14.33 23.82 -28.06
N ILE A 313 13.66 24.83 -28.63
CA ILE A 313 12.19 24.87 -28.77
C ILE A 313 11.62 24.70 -30.19
N SER A 314 12.44 24.77 -31.25
CA SER A 314 11.97 24.76 -32.65
C SER A 314 12.32 23.53 -33.49
N GLN A 315 12.51 22.36 -32.87
CA GLN A 315 12.84 21.14 -33.59
C GLN A 315 11.62 20.44 -34.23
N GLY A 316 10.42 20.70 -33.70
CA GLY A 316 9.17 20.14 -34.21
C GLY A 316 8.26 21.21 -34.77
N GLU A 317 7.16 21.48 -34.07
CA GLU A 317 6.20 22.51 -34.49
C GLU A 317 6.27 23.70 -33.58
N THR A 318 5.81 24.87 -34.04
CA THR A 318 5.85 26.07 -33.18
C THR A 318 4.45 26.68 -32.97
N THR A 319 3.49 26.35 -33.86
CA THR A 319 2.10 26.84 -33.76
C THR A 319 1.12 25.65 -33.74
N VAL A 320 -0.03 25.84 -33.05
CA VAL A 320 -1.12 24.87 -32.94
C VAL A 320 -2.40 25.64 -33.31
N ALA A 321 -3.16 25.12 -34.28
CA ALA A 321 -4.40 25.75 -34.78
C ALA A 321 -5.43 26.05 -33.70
N SER A 322 -5.59 25.12 -32.74
CA SER A 322 -6.57 25.22 -31.65
C SER A 322 -6.10 26.04 -30.45
N ILE A 323 -4.85 26.52 -30.44
CA ILE A 323 -4.31 27.29 -29.30
C ILE A 323 -3.99 28.74 -29.70
N ASP A 324 -4.48 29.69 -28.90
CA ASP A 324 -4.17 31.12 -29.03
C ASP A 324 -3.15 31.40 -27.91
N ASP A 325 -1.84 31.34 -28.27
CA ASP A 325 -0.73 31.54 -27.35
C ASP A 325 -0.71 32.92 -26.71
N ALA A 326 -1.23 33.95 -27.43
CA ALA A 326 -1.38 35.31 -26.92
C ALA A 326 -2.43 35.32 -25.81
N GLU A 327 -3.60 34.71 -26.06
CA GLU A 327 -4.68 34.59 -25.08
C GLU A 327 -4.21 33.78 -23.86
N GLU A 328 -3.48 32.66 -24.10
CA GLU A 328 -2.99 31.78 -23.05
C GLU A 328 -1.95 32.44 -22.11
N LEU A 329 -1.06 33.33 -22.62
CA LEU A 329 -0.09 34.03 -21.76
C LEU A 329 -0.83 34.93 -20.74
N MET A 330 -1.97 35.53 -21.16
CA MET A 330 -2.81 36.36 -20.28
C MET A 330 -3.49 35.48 -19.22
N ALA A 331 -3.91 34.25 -19.61
CA ALA A 331 -4.49 33.27 -18.67
C ALA A 331 -3.44 32.85 -17.64
N THR A 332 -2.21 32.55 -18.09
CA THR A 332 -1.08 32.16 -17.24
C THR A 332 -0.69 33.30 -16.27
N ASP A 333 -0.55 34.54 -16.80
CA ASP A 333 -0.17 35.68 -16.00
C ASP A 333 -1.24 36.05 -14.97
N ASN A 334 -2.53 35.90 -15.32
CA ASN A 334 -3.64 36.17 -14.41
C ASN A 334 -3.73 35.07 -13.35
N ALA A 335 -3.48 33.79 -13.72
CA ALA A 335 -3.47 32.65 -12.79
C ALA A 335 -2.46 32.92 -11.69
N PHE A 336 -1.23 33.36 -12.06
CA PHE A 336 -0.17 33.70 -11.10
C PHE A 336 -0.55 34.86 -10.14
N ASP A 337 -1.37 35.84 -10.62
CA ASP A 337 -1.85 36.97 -9.81
C ASP A 337 -2.83 36.50 -8.77
N VAL A 338 -3.87 35.72 -9.18
CA VAL A 338 -4.90 35.11 -8.33
C VAL A 338 -4.24 34.22 -7.25
N LEU A 339 -3.15 33.53 -7.63
CA LEU A 339 -2.41 32.64 -6.75
C LEU A 339 -1.50 33.37 -5.78
N GLY A 340 -1.46 34.70 -5.89
CA GLY A 340 -0.71 35.58 -5.00
C GLY A 340 0.79 35.58 -5.22
N PHE A 341 1.26 35.19 -6.43
CA PHE A 341 2.69 35.26 -6.77
C PHE A 341 3.05 36.75 -6.95
N THR A 342 4.16 37.19 -6.34
CA THR A 342 4.64 38.59 -6.43
C THR A 342 5.16 38.88 -7.85
N THR A 343 5.45 40.15 -8.16
CA THR A 343 6.01 40.56 -9.45
C THR A 343 7.39 39.94 -9.59
N GLU A 344 8.17 39.93 -8.49
CA GLU A 344 9.51 39.36 -8.41
C GLU A 344 9.48 37.85 -8.69
N GLU A 345 8.46 37.13 -8.14
CA GLU A 345 8.27 35.66 -8.34
C GLU A 345 7.90 35.38 -9.80
N LYS A 346 6.93 36.14 -10.36
CA LYS A 346 6.49 36.03 -11.76
C LYS A 346 7.65 36.30 -12.71
N ASN A 347 8.31 37.49 -12.58
CA ASN A 347 9.46 37.86 -13.41
C ASN A 347 10.62 36.87 -13.36
N SER A 348 10.89 36.26 -12.18
CA SER A 348 11.98 35.27 -12.07
C SER A 348 11.70 34.00 -12.89
N MET A 349 10.42 33.61 -12.96
CA MET A 349 9.95 32.46 -13.74
C MET A 349 10.08 32.75 -15.24
N TYR A 350 9.69 33.96 -15.67
CA TYR A 350 9.84 34.39 -17.07
C TYR A 350 11.32 34.47 -17.45
N LYS A 351 12.16 35.09 -16.60
CA LYS A 351 13.61 35.27 -16.80
C LYS A 351 14.35 33.93 -16.94
N LEU A 352 14.00 32.93 -16.08
CA LEU A 352 14.62 31.61 -16.14
C LEU A 352 14.23 30.87 -17.41
N THR A 353 12.99 31.08 -17.89
CA THR A 353 12.49 30.48 -19.13
C THR A 353 13.28 31.07 -20.33
N GLY A 354 13.51 32.39 -20.32
CA GLY A 354 14.29 33.11 -21.32
C GLY A 354 15.75 32.70 -21.30
N ALA A 355 16.31 32.53 -20.09
CA ALA A 355 17.69 32.06 -19.88
C ALA A 355 17.86 30.66 -20.48
N ILE A 356 16.85 29.77 -20.34
CA ILE A 356 16.86 28.42 -20.93
C ILE A 356 16.92 28.50 -22.46
N MET A 357 16.11 29.40 -23.08
CA MET A 357 16.07 29.65 -24.52
C MET A 357 17.47 30.04 -25.05
N HIS A 358 18.14 30.99 -24.37
CA HIS A 358 19.49 31.46 -24.70
C HIS A 358 20.56 30.37 -24.53
N PHE A 359 20.43 29.57 -23.48
CA PHE A 359 21.32 28.50 -23.07
C PHE A 359 21.50 27.48 -24.17
N GLY A 360 20.43 27.14 -24.86
CA GLY A 360 20.48 26.19 -25.97
C GLY A 360 21.15 26.67 -27.24
N ASN A 361 21.34 27.99 -27.34
CA ASN A 361 21.95 28.66 -28.49
C ASN A 361 23.46 28.86 -28.34
N MET A 362 24.02 28.50 -27.16
CA MET A 362 25.48 28.56 -26.93
C MET A 362 26.14 27.48 -27.78
N LYS A 363 26.99 27.91 -28.74
CA LYS A 363 27.73 27.01 -29.63
C LYS A 363 29.14 26.76 -29.12
N PHE A 364 29.70 25.59 -29.45
CA PHE A 364 31.04 25.16 -29.04
C PHE A 364 31.78 24.51 -30.22
N LYS A 365 33.12 24.61 -30.22
CA LYS A 365 34.02 24.05 -31.24
C LYS A 365 35.20 23.29 -30.60
N LEU A 366 35.84 22.38 -31.34
CA LEU A 366 37.00 21.66 -30.81
C LEU A 366 38.22 22.55 -30.95
N LYS A 367 39.14 22.47 -29.96
CA LYS A 367 40.43 23.16 -30.01
C LYS A 367 41.26 22.54 -31.17
N GLN A 368 42.23 23.27 -31.72
CA GLN A 368 43.05 22.84 -32.86
C GLN A 368 43.80 21.51 -32.67
N ARG A 369 44.56 21.39 -31.58
CA ARG A 369 45.42 20.24 -31.29
C ARG A 369 44.90 19.26 -30.22
N GLU A 370 43.72 19.52 -29.63
CA GLU A 370 43.18 18.62 -28.61
C GLU A 370 41.67 18.43 -28.69
N GLU A 371 41.19 17.25 -28.27
CA GLU A 371 39.78 16.88 -28.26
C GLU A 371 39.11 17.52 -27.05
N GLN A 372 39.15 18.86 -27.04
CA GLN A 372 38.61 19.70 -25.97
C GLN A 372 37.74 20.77 -26.59
N ALA A 373 36.55 20.98 -25.99
CA ALA A 373 35.59 21.99 -26.42
C ALA A 373 36.03 23.37 -25.97
N GLU A 374 35.68 24.37 -26.78
CA GLU A 374 35.94 25.77 -26.47
C GLU A 374 34.76 26.59 -26.98
N PRO A 375 34.39 27.75 -26.36
CA PRO A 375 33.25 28.50 -26.91
C PRO A 375 33.43 28.93 -28.36
N ASP A 376 32.35 28.88 -29.13
CA ASP A 376 32.28 29.31 -30.52
C ASP A 376 31.31 30.50 -30.52
N GLY A 377 31.83 31.66 -30.11
CA GLY A 377 31.03 32.86 -29.87
C GLY A 377 30.56 32.85 -28.42
N THR A 378 30.24 34.03 -27.84
CA THR A 378 29.82 34.12 -26.43
C THR A 378 28.55 34.98 -26.18
N GLU A 379 27.91 35.53 -27.26
CA GLU A 379 26.73 36.40 -27.16
C GLU A 379 25.57 35.76 -26.40
N GLU A 380 25.19 34.52 -26.77
CA GLU A 380 24.06 33.81 -26.15
C GLU A 380 24.38 33.36 -24.73
N ALA A 381 25.69 33.13 -24.44
CA ALA A 381 26.16 32.76 -23.09
C ALA A 381 26.06 33.99 -22.16
N ASP A 382 26.42 35.19 -22.68
CA ASP A 382 26.33 36.46 -21.97
C ASP A 382 24.88 36.76 -21.53
N LYS A 383 23.91 36.55 -22.43
CA LYS A 383 22.49 36.79 -22.16
C LYS A 383 21.95 35.80 -21.12
N SER A 384 22.31 34.50 -21.29
CA SER A 384 21.95 33.43 -20.37
C SER A 384 22.44 33.74 -18.95
N ALA A 385 23.75 34.02 -18.79
CA ALA A 385 24.39 34.36 -17.52
C ALA A 385 23.78 35.62 -16.91
N TYR A 386 23.43 36.60 -17.75
CA TYR A 386 22.85 37.85 -17.29
C TYR A 386 21.51 37.61 -16.61
N LEU A 387 20.65 36.82 -17.27
CA LEU A 387 19.32 36.47 -16.75
C LEU A 387 19.40 35.54 -15.53
N MET A 388 20.45 34.71 -15.48
CA MET A 388 20.68 33.73 -14.42
C MET A 388 21.43 34.27 -13.20
N GLY A 389 21.90 35.51 -13.27
CA GLY A 389 22.67 36.13 -12.20
C GLY A 389 24.02 35.46 -11.99
N LEU A 390 24.67 35.06 -13.11
CA LEU A 390 25.98 34.42 -13.12
C LEU A 390 26.96 35.24 -13.96
N ASN A 391 28.25 34.89 -13.86
CA ASN A 391 29.33 35.47 -14.65
C ASN A 391 29.45 34.55 -15.89
N SER A 392 29.43 35.11 -17.12
CA SER A 392 29.49 34.26 -18.32
C SER A 392 30.81 33.52 -18.52
N ALA A 393 31.95 34.11 -18.04
CA ALA A 393 33.28 33.48 -18.13
C ALA A 393 33.34 32.25 -17.22
N ASP A 394 32.72 32.34 -16.02
CA ASP A 394 32.62 31.24 -15.05
C ASP A 394 31.76 30.11 -15.63
N LEU A 395 30.60 30.46 -16.24
CA LEU A 395 29.67 29.52 -16.88
C LEU A 395 30.39 28.70 -17.97
N LEU A 396 31.02 29.41 -18.92
CA LEU A 396 31.75 28.81 -20.04
C LEU A 396 32.94 27.97 -19.59
N LYS A 397 33.67 28.40 -18.55
CA LYS A 397 34.80 27.62 -18.02
C LYS A 397 34.29 26.36 -17.29
N GLY A 398 33.16 26.47 -16.58
CA GLY A 398 32.54 25.36 -15.87
C GLY A 398 32.03 24.26 -16.78
N LEU A 399 31.49 24.66 -17.95
CA LEU A 399 30.99 23.77 -18.99
C LEU A 399 32.13 23.08 -19.73
N CYS A 400 33.21 23.81 -20.03
CA CYS A 400 34.35 23.27 -20.77
C CYS A 400 35.35 22.51 -19.89
N HIS A 401 35.50 22.93 -18.64
CA HIS A 401 36.46 22.35 -17.70
C HIS A 401 35.85 22.12 -16.30
N PRO A 402 34.91 21.16 -16.16
CA PRO A 402 34.33 20.90 -14.83
C PRO A 402 35.40 20.47 -13.83
N ARG A 403 35.35 21.05 -12.62
CA ARG A 403 36.32 20.84 -11.55
C ARG A 403 36.13 19.53 -10.82
N VAL A 404 37.25 18.97 -10.36
CA VAL A 404 37.37 17.71 -9.60
C VAL A 404 38.32 18.03 -8.41
N LYS A 405 37.94 17.68 -7.16
CA LYS A 405 38.80 17.97 -5.99
C LYS A 405 39.88 16.90 -5.72
N VAL A 406 41.15 17.34 -5.72
CA VAL A 406 42.36 16.54 -5.45
C VAL A 406 43.28 17.38 -4.52
N GLY A 407 43.19 17.12 -3.21
CA GLY A 407 43.96 17.71 -2.12
C GLY A 407 44.31 19.20 -2.13
N ASN A 408 43.29 20.08 -2.03
CA ASN A 408 43.34 21.56 -2.00
C ASN A 408 43.56 22.17 -3.41
N GLU A 409 43.17 21.44 -4.46
CA GLU A 409 43.18 21.92 -5.84
C GLU A 409 41.97 21.41 -6.58
N TYR A 410 41.42 22.27 -7.43
CA TYR A 410 40.29 21.91 -8.27
C TYR A 410 40.84 21.65 -9.64
N VAL A 411 41.32 20.41 -9.88
CA VAL A 411 41.84 20.02 -11.20
C VAL A 411 40.66 19.92 -12.19
N THR A 412 40.91 20.25 -13.45
CA THR A 412 39.85 20.22 -14.42
C THR A 412 39.79 18.92 -15.19
N LYS A 413 38.58 18.51 -15.54
CA LYS A 413 38.25 17.35 -16.34
C LYS A 413 38.07 17.87 -17.80
N GLY A 414 38.67 17.19 -18.76
CA GLY A 414 38.54 17.56 -20.16
C GLY A 414 37.15 17.20 -20.66
N GLN A 415 36.64 17.94 -21.66
CA GLN A 415 35.33 17.68 -22.26
C GLN A 415 35.37 18.00 -23.74
N ASN A 416 34.90 17.08 -24.61
CA ASN A 416 34.79 17.39 -26.03
C ASN A 416 33.47 18.17 -26.28
N VAL A 417 33.13 18.50 -27.54
CA VAL A 417 31.88 19.24 -27.85
C VAL A 417 30.62 18.39 -27.54
N GLN A 418 30.64 17.06 -27.83
CA GLN A 418 29.51 16.16 -27.55
C GLN A 418 29.15 16.20 -26.06
N GLN A 419 30.19 16.17 -25.19
CA GLN A 419 30.07 16.20 -23.74
C GLN A 419 29.50 17.53 -23.23
N VAL A 420 29.99 18.66 -23.76
CA VAL A 420 29.51 20.00 -23.39
C VAL A 420 28.06 20.17 -23.82
N VAL A 421 27.70 19.83 -25.09
CA VAL A 421 26.31 19.90 -25.61
C VAL A 421 25.36 19.07 -24.70
N TYR A 422 25.77 17.85 -24.32
CA TYR A 422 24.98 17.00 -23.46
C TYR A 422 24.79 17.65 -22.08
N ALA A 423 25.88 18.17 -21.48
CA ALA A 423 25.90 18.83 -20.17
C ALA A 423 25.04 20.08 -20.16
N LYS A 424 25.10 20.87 -21.25
CA LYS A 424 24.34 22.11 -21.47
C LYS A 424 22.83 21.77 -21.41
N GLY A 425 22.44 20.68 -22.08
CA GLY A 425 21.09 20.16 -22.13
C GLY A 425 20.60 19.68 -20.78
N ALA A 426 21.40 18.83 -20.09
CA ALA A 426 21.11 18.28 -18.74
C ALA A 426 20.83 19.41 -17.73
N LEU A 427 21.61 20.50 -17.79
CA LEU A 427 21.49 21.67 -16.92
C LEU A 427 20.20 22.47 -17.14
N ALA A 428 19.82 22.71 -18.42
CA ALA A 428 18.61 23.42 -18.80
C ALA A 428 17.38 22.62 -18.34
N LYS A 429 17.41 21.28 -18.56
CA LYS A 429 16.38 20.32 -18.13
C LYS A 429 16.20 20.35 -16.59
N ALA A 430 17.31 20.48 -15.83
CA ALA A 430 17.31 20.53 -14.37
C ALA A 430 16.72 21.85 -13.85
N VAL A 431 17.18 22.99 -14.38
CA VAL A 431 16.68 24.32 -14.03
C VAL A 431 15.15 24.35 -14.24
N TYR A 432 14.66 23.88 -15.44
CA TYR A 432 13.24 23.84 -15.80
C TYR A 432 12.42 22.95 -14.85
N GLU A 433 12.87 21.70 -14.63
CA GLU A 433 12.19 20.77 -13.74
C GLU A 433 12.10 21.30 -12.30
N ARG A 434 13.21 21.83 -11.75
CA ARG A 434 13.22 22.38 -10.40
C ARG A 434 12.36 23.61 -10.27
N MET A 435 12.25 24.42 -11.35
CA MET A 435 11.41 25.63 -11.43
C MET A 435 9.94 25.21 -11.38
N PHE A 436 9.56 24.14 -12.14
CA PHE A 436 8.20 23.59 -12.16
C PHE A 436 7.84 23.06 -10.77
N ASN A 437 8.80 22.38 -10.10
CA ASN A 437 8.61 21.84 -8.76
C ASN A 437 8.50 22.95 -7.70
N TRP A 438 9.22 24.08 -7.91
CA TRP A 438 9.16 25.25 -7.04
C TRP A 438 7.75 25.85 -7.14
N MET A 439 7.22 25.95 -8.37
CA MET A 439 5.91 26.51 -8.65
C MET A 439 4.80 25.71 -7.96
N VAL A 440 4.89 24.35 -7.96
CA VAL A 440 3.90 23.48 -7.33
C VAL A 440 3.91 23.71 -5.79
N THR A 441 5.13 23.77 -5.19
CA THR A 441 5.34 24.00 -3.76
C THR A 441 4.73 25.36 -3.36
N ARG A 442 4.91 26.39 -4.24
CA ARG A 442 4.44 27.74 -4.06
C ARG A 442 2.91 27.84 -4.17
N ILE A 443 2.31 27.03 -5.07
CA ILE A 443 0.85 26.93 -5.24
C ILE A 443 0.28 26.30 -3.94
N ASN A 444 0.87 25.20 -3.45
CA ASN A 444 0.49 24.56 -2.20
C ASN A 444 0.57 25.48 -0.99
N ALA A 445 1.58 26.37 -0.92
CA ALA A 445 1.73 27.36 0.17
C ALA A 445 0.49 28.28 0.26
N THR A 446 -0.10 28.67 -0.89
CA THR A 446 -1.30 29.52 -0.92
C THR A 446 -2.59 28.68 -0.68
N LEU A 447 -2.65 27.44 -1.22
CA LEU A 447 -3.79 26.53 -1.07
C LEU A 447 -3.98 26.01 0.37
N GLU A 448 -2.89 25.93 1.16
CA GLU A 448 -2.91 25.52 2.56
C GLU A 448 -3.44 26.70 3.37
N THR A 449 -4.60 26.51 3.99
CA THR A 449 -5.31 27.54 4.75
C THR A 449 -5.17 27.44 6.27
N LYS A 450 -4.61 26.32 6.78
CA LYS A 450 -4.45 26.03 8.22
C LYS A 450 -5.83 25.85 8.93
N GLN A 451 -6.89 25.62 8.12
CA GLN A 451 -8.27 25.40 8.55
C GLN A 451 -8.40 23.92 8.91
N PRO A 452 -9.07 23.56 10.04
CA PRO A 452 -9.19 22.14 10.40
C PRO A 452 -9.96 21.28 9.38
N ARG A 453 -9.56 20.02 9.24
CA ARG A 453 -10.16 19.06 8.32
C ARG A 453 -10.19 17.66 8.91
N GLN A 454 -10.97 16.76 8.28
CA GLN A 454 -11.11 15.36 8.63
C GLN A 454 -10.96 14.47 7.41
N TYR A 455 -11.47 14.92 6.25
CA TYR A 455 -11.53 14.12 5.05
C TYR A 455 -10.91 14.79 3.88
N PHE A 456 -10.78 14.01 2.79
CA PHE A 456 -10.33 14.53 1.51
C PHE A 456 -10.97 13.71 0.40
N ILE A 457 -11.14 14.33 -0.75
CA ILE A 457 -11.51 13.70 -2.01
C ILE A 457 -10.35 13.97 -2.94
N GLY A 458 -9.58 12.93 -3.28
CA GLY A 458 -8.42 13.02 -4.16
C GLY A 458 -8.79 12.79 -5.61
N VAL A 459 -8.24 13.58 -6.53
CA VAL A 459 -8.53 13.46 -7.96
C VAL A 459 -7.21 13.13 -8.67
N LEU A 460 -7.15 11.95 -9.31
CA LEU A 460 -5.94 11.53 -10.02
C LEU A 460 -6.02 11.80 -11.51
N ASP A 461 -5.02 12.56 -12.01
CA ASP A 461 -4.83 12.92 -13.41
C ASP A 461 -3.40 12.57 -13.89
N ILE A 462 -3.23 11.36 -14.41
CA ILE A 462 -1.94 10.87 -14.92
C ILE A 462 -1.78 11.26 -16.41
N ALA A 463 -0.57 11.12 -16.94
CA ALA A 463 -0.29 11.28 -18.38
C ALA A 463 -0.75 9.88 -18.95
N GLY A 464 -1.62 9.90 -19.96
CA GLY A 464 -2.25 8.69 -20.49
C GLY A 464 -1.45 7.86 -21.46
N PHE A 465 -1.96 6.62 -21.75
CA PHE A 465 -1.35 5.65 -22.66
C PHE A 465 -1.09 6.31 -24.02
N GLU A 466 0.16 6.23 -24.48
CA GLU A 466 0.55 6.81 -25.76
C GLU A 466 1.53 5.92 -26.52
N ILE A 467 1.41 5.96 -27.86
CA ILE A 467 2.24 5.27 -28.83
C ILE A 467 2.61 6.30 -29.88
N PHE A 468 3.90 6.60 -30.02
CA PHE A 468 4.43 7.50 -31.04
C PHE A 468 5.18 6.66 -32.08
N ASP A 469 5.77 7.30 -33.12
CA ASP A 469 6.60 6.63 -34.13
C ASP A 469 7.93 6.24 -33.49
N PHE A 470 8.30 7.02 -32.45
CA PHE A 470 9.50 6.82 -31.64
C PHE A 470 9.11 6.81 -30.18
N ASN A 471 9.24 5.64 -29.53
CA ASN A 471 8.91 5.43 -28.12
C ASN A 471 10.19 5.11 -27.37
N SER A 472 10.48 5.93 -26.36
CA SER A 472 11.69 5.85 -25.57
C SER A 472 11.34 5.64 -24.08
N PHE A 473 12.29 5.90 -23.17
CA PHE A 473 12.19 5.75 -21.73
C PHE A 473 10.98 6.47 -21.15
N GLU A 474 10.67 7.67 -21.67
CA GLU A 474 9.54 8.49 -21.21
C GLU A 474 8.19 7.82 -21.52
N GLN A 475 8.08 7.11 -22.66
CA GLN A 475 6.86 6.38 -23.04
C GLN A 475 6.72 5.12 -22.18
N LEU A 476 7.84 4.44 -21.80
CA LEU A 476 7.77 3.28 -20.92
C LEU A 476 7.23 3.66 -19.54
N CYS A 477 7.78 4.71 -18.91
CA CYS A 477 7.35 5.24 -17.61
C CYS A 477 5.86 5.60 -17.63
N ILE A 478 5.39 6.31 -18.69
CA ILE A 478 3.99 6.74 -18.89
C ILE A 478 3.08 5.51 -19.03
N ASN A 479 3.36 4.64 -20.01
CA ASN A 479 2.58 3.43 -20.29
C ASN A 479 2.57 2.46 -19.12
N PHE A 480 3.67 2.35 -18.35
CA PHE A 480 3.73 1.54 -17.12
C PHE A 480 2.75 2.13 -16.05
N THR A 481 2.59 3.48 -15.97
CA THR A 481 1.64 4.11 -15.03
C THR A 481 0.20 3.72 -15.36
N ASN A 482 -0.14 3.72 -16.66
CA ASN A 482 -1.47 3.37 -17.16
C ASN A 482 -1.81 1.90 -16.90
N GLU A 483 -0.80 1.02 -17.06
CA GLU A 483 -0.87 -0.43 -16.80
C GLU A 483 -1.22 -0.66 -15.32
N LYS A 484 -0.51 0.03 -14.40
CA LYS A 484 -0.71 -0.07 -12.95
C LYS A 484 -2.07 0.42 -12.49
N LEU A 485 -2.57 1.48 -13.13
CA LEU A 485 -3.86 2.11 -12.83
C LEU A 485 -4.98 1.20 -13.31
N GLN A 486 -4.82 0.59 -14.50
CA GLN A 486 -5.78 -0.42 -14.98
C GLN A 486 -5.83 -1.61 -14.00
N GLN A 487 -4.66 -2.06 -13.51
CA GLN A 487 -4.56 -3.17 -12.56
C GLN A 487 -5.18 -2.81 -11.20
N PHE A 488 -5.17 -1.51 -10.82
CA PHE A 488 -5.79 -1.00 -9.60
C PHE A 488 -7.30 -1.15 -9.72
N PHE A 489 -7.85 -0.81 -10.92
CA PHE A 489 -9.28 -1.02 -11.23
C PHE A 489 -9.58 -2.52 -11.13
N ASN A 490 -8.76 -3.38 -11.79
CA ASN A 490 -8.97 -4.84 -11.77
C ASN A 490 -9.03 -5.37 -10.34
N HIS A 491 -8.06 -4.94 -9.53
CA HIS A 491 -7.95 -5.37 -8.16
C HIS A 491 -9.14 -4.93 -7.30
N HIS A 492 -9.56 -3.67 -7.43
CA HIS A 492 -10.69 -3.15 -6.64
C HIS A 492 -12.01 -3.83 -7.02
N MET A 493 -12.30 -3.89 -8.31
CA MET A 493 -13.53 -4.45 -8.87
C MET A 493 -13.72 -5.96 -8.76
N PHE A 494 -12.67 -6.73 -9.02
CA PHE A 494 -12.73 -8.19 -9.12
C PHE A 494 -12.03 -8.93 -8.01
N VAL A 495 -11.05 -8.32 -7.31
CA VAL A 495 -10.34 -9.06 -6.27
C VAL A 495 -10.83 -8.65 -4.89
N LEU A 496 -10.62 -7.37 -4.50
CA LEU A 496 -11.05 -6.90 -3.18
C LEU A 496 -12.55 -7.07 -2.98
N GLU A 497 -13.33 -6.88 -4.05
CA GLU A 497 -14.79 -6.98 -4.01
C GLU A 497 -15.26 -8.37 -3.60
N GLN A 498 -14.72 -9.43 -4.24
CA GLN A 498 -15.08 -10.81 -3.95
C GLN A 498 -14.57 -11.23 -2.56
N GLU A 499 -13.40 -10.69 -2.14
CA GLU A 499 -12.76 -10.89 -0.84
C GLU A 499 -13.65 -10.34 0.28
N GLU A 500 -14.30 -9.18 0.03
CA GLU A 500 -15.20 -8.50 0.95
C GLU A 500 -16.38 -9.41 1.28
N TYR A 501 -16.96 -10.05 0.25
CA TYR A 501 -18.12 -10.95 0.40
C TYR A 501 -17.80 -12.13 1.28
N LYS A 502 -16.61 -12.75 1.07
CA LYS A 502 -16.14 -13.93 1.80
C LYS A 502 -15.84 -13.65 3.24
N LYS A 503 -15.07 -12.56 3.52
CA LYS A 503 -14.73 -12.09 4.88
C LYS A 503 -16.02 -11.85 5.68
N GLU A 504 -17.03 -11.25 5.04
CA GLU A 504 -18.31 -10.91 5.63
C GLU A 504 -19.27 -12.11 5.78
N GLY A 505 -18.96 -13.22 5.13
CA GLY A 505 -19.75 -14.46 5.25
C GLY A 505 -20.96 -14.49 4.34
N ILE A 506 -20.96 -13.68 3.29
CA ILE A 506 -22.02 -13.59 2.26
C ILE A 506 -21.84 -14.80 1.29
N GLU A 507 -22.92 -15.57 1.02
CA GLU A 507 -22.87 -16.72 0.11
C GLU A 507 -22.40 -16.22 -1.26
N TRP A 508 -21.24 -16.71 -1.71
CA TRP A 508 -20.62 -16.22 -2.95
C TRP A 508 -19.67 -17.24 -3.56
N GLU A 509 -19.80 -17.45 -4.87
CA GLU A 509 -18.92 -18.35 -5.62
C GLU A 509 -17.95 -17.44 -6.40
N PHE A 510 -16.64 -17.63 -6.20
CA PHE A 510 -15.60 -16.85 -6.87
C PHE A 510 -15.76 -16.89 -8.40
N ILE A 511 -15.75 -15.72 -9.06
CA ILE A 511 -15.82 -15.58 -10.51
C ILE A 511 -14.44 -15.11 -10.99
N ASP A 512 -13.92 -15.75 -12.04
CA ASP A 512 -12.68 -15.34 -12.69
C ASP A 512 -13.06 -14.45 -13.88
N PHE A 513 -12.81 -13.14 -13.79
CA PHE A 513 -13.16 -12.17 -14.83
C PHE A 513 -12.12 -12.02 -15.97
N GLY A 514 -10.97 -12.68 -15.83
CA GLY A 514 -9.87 -12.63 -16.81
C GLY A 514 -9.24 -11.24 -16.94
N MET A 515 -9.30 -10.47 -15.85
CA MET A 515 -8.76 -9.11 -15.73
C MET A 515 -7.61 -9.13 -14.69
N ASP A 516 -6.38 -9.32 -15.16
CA ASP A 516 -5.17 -9.39 -14.32
C ASP A 516 -3.96 -9.08 -15.21
N LEU A 517 -3.23 -8.01 -14.88
CA LEU A 517 -2.07 -7.57 -15.66
C LEU A 517 -0.73 -7.82 -14.96
N GLN A 518 -0.71 -8.74 -13.98
CA GLN A 518 0.46 -9.05 -13.19
C GLN A 518 1.66 -9.47 -14.03
N ALA A 519 1.51 -10.33 -15.05
CA ALA A 519 2.65 -10.75 -15.90
C ALA A 519 3.36 -9.57 -16.57
N CYS A 520 2.61 -8.60 -17.09
CA CYS A 520 3.20 -7.41 -17.71
C CYS A 520 3.84 -6.47 -16.68
N ILE A 521 3.15 -6.25 -15.56
CA ILE A 521 3.62 -5.42 -14.45
C ILE A 521 4.92 -6.01 -13.86
N ASP A 522 4.97 -7.35 -13.65
CA ASP A 522 6.14 -8.08 -13.15
C ASP A 522 7.33 -7.94 -14.10
N LEU A 523 7.08 -8.10 -15.41
CA LEU A 523 8.11 -7.91 -16.45
C LEU A 523 8.78 -6.53 -16.30
N ILE A 524 7.99 -5.49 -16.00
CA ILE A 524 8.53 -4.14 -15.89
C ILE A 524 9.21 -3.88 -14.53
N GLU A 525 8.52 -4.12 -13.40
CA GLU A 525 9.02 -3.67 -12.09
C GLU A 525 9.65 -4.70 -11.12
N LYS A 526 9.50 -5.99 -11.37
CA LYS A 526 10.02 -6.96 -10.42
C LYS A 526 11.54 -7.16 -10.61
N PRO A 527 12.27 -7.74 -9.60
CA PRO A 527 13.70 -8.04 -9.82
C PRO A 527 13.90 -8.86 -11.10
N MET A 528 15.00 -8.58 -11.84
CA MET A 528 15.35 -9.20 -13.10
C MET A 528 14.47 -8.71 -14.26
N GLY A 529 13.51 -7.82 -13.96
CA GLY A 529 12.63 -7.23 -14.96
C GLY A 529 13.29 -6.08 -15.73
N ILE A 530 12.55 -5.37 -16.59
CA ILE A 530 13.09 -4.27 -17.41
C ILE A 530 13.78 -3.17 -16.57
N MET A 531 13.09 -2.60 -15.55
N MET A 531 13.09 -2.60 -15.55
CA MET A 531 13.63 -1.52 -14.70
CA MET A 531 13.62 -1.52 -14.70
C MET A 531 14.80 -1.96 -13.85
C MET A 531 14.80 -1.97 -13.85
N SER A 532 14.72 -3.16 -13.25
CA SER A 532 15.78 -3.71 -12.41
C SER A 532 17.05 -3.99 -13.19
N ILE A 533 16.93 -4.45 -14.45
CA ILE A 533 18.08 -4.70 -15.33
C ILE A 533 18.73 -3.36 -15.68
N LEU A 534 17.91 -2.34 -16.03
CA LEU A 534 18.38 -0.98 -16.35
C LEU A 534 19.14 -0.38 -15.18
N GLU A 535 18.59 -0.50 -13.95
CA GLU A 535 19.19 0.01 -12.71
C GLU A 535 20.54 -0.61 -12.39
N GLU A 536 20.69 -1.93 -12.62
CA GLU A 536 21.93 -2.67 -12.41
C GLU A 536 22.98 -2.21 -13.40
N GLU A 537 22.60 -2.06 -14.69
CA GLU A 537 23.45 -1.59 -15.78
C GLU A 537 23.98 -0.19 -15.55
N CYS A 538 23.22 0.64 -14.81
CA CYS A 538 23.58 2.00 -14.41
C CYS A 538 24.70 1.99 -13.36
N MET A 539 24.90 0.86 -12.67
CA MET A 539 25.92 0.66 -11.64
C MET A 539 27.22 0.03 -12.18
N PHE A 540 27.25 -0.29 -13.49
CA PHE A 540 28.45 -0.84 -14.16
C PHE A 540 29.03 0.28 -15.00
N PRO A 541 30.25 0.80 -14.68
CA PRO A 541 30.80 1.93 -15.45
C PRO A 541 31.01 1.70 -16.95
N LYS A 542 31.29 0.42 -17.36
CA LYS A 542 31.56 0.04 -18.75
C LYS A 542 30.31 -0.37 -19.56
N ALA A 543 29.11 -0.37 -18.93
CA ALA A 543 27.86 -0.73 -19.61
C ALA A 543 27.50 0.24 -20.75
N THR A 544 26.86 -0.28 -21.79
CA THR A 544 26.44 0.48 -22.98
C THR A 544 24.97 0.19 -23.23
N ASP A 545 24.35 0.90 -24.19
CA ASP A 545 22.95 0.66 -24.54
C ASP A 545 22.78 -0.76 -25.11
N MET A 546 23.85 -1.32 -25.71
CA MET A 546 23.82 -2.67 -26.30
C MET A 546 24.09 -3.76 -25.28
N THR A 547 24.83 -3.50 -24.18
CA THR A 547 24.96 -4.49 -23.07
C THR A 547 23.59 -4.55 -22.35
N PHE A 548 22.89 -3.40 -22.25
CA PHE A 548 21.55 -3.33 -21.67
C PHE A 548 20.56 -4.11 -22.55
N ALA A 550 21.16 -6.54 -24.71
CA ALA A 550 21.49 -7.97 -24.64
C ALA A 550 20.98 -8.61 -23.37
N LYS A 551 21.10 -7.91 -22.24
CA LYS A 551 20.62 -8.38 -20.94
C LYS A 551 19.08 -8.55 -20.91
N LEU A 552 18.33 -7.63 -21.58
CA LEU A 552 16.87 -7.70 -21.67
C LEU A 552 16.46 -8.94 -22.47
N PHE A 553 17.10 -9.16 -23.62
CA PHE A 553 16.85 -10.31 -24.50
C PHE A 553 17.20 -11.64 -23.85
N ASP A 554 18.39 -11.74 -23.19
CA ASP A 554 18.82 -12.98 -22.51
C ASP A 554 17.88 -13.36 -21.38
N ASN A 555 17.30 -12.38 -20.69
CA ASN A 555 16.44 -12.69 -19.56
C ASN A 555 14.97 -12.83 -19.91
N HIS A 556 14.53 -12.27 -21.05
CA HIS A 556 13.09 -12.25 -21.31
C HIS A 556 12.61 -12.82 -22.66
N LEU A 557 13.42 -12.81 -23.74
CA LEU A 557 12.93 -13.34 -25.03
C LEU A 557 12.70 -14.86 -24.94
N GLY A 558 11.45 -15.28 -25.12
CA GLY A 558 11.03 -16.67 -25.00
C GLY A 558 10.76 -17.09 -23.58
N LYS A 559 10.81 -16.13 -22.61
CA LYS A 559 10.61 -16.39 -21.17
C LYS A 559 9.47 -15.55 -20.58
N SER A 560 9.32 -14.32 -21.04
CA SER A 560 8.26 -13.43 -20.60
C SER A 560 7.33 -13.16 -21.79
N SER A 561 6.07 -13.65 -21.69
CA SER A 561 5.00 -13.53 -22.70
C SER A 561 4.81 -12.11 -23.24
N ASN A 562 4.94 -11.10 -22.37
CA ASN A 562 4.75 -9.69 -22.74
C ASN A 562 5.98 -9.03 -23.40
N PHE A 563 7.14 -9.72 -23.44
CA PHE A 563 8.36 -9.21 -24.04
C PHE A 563 8.53 -9.90 -25.40
N GLN A 564 8.60 -9.10 -26.48
CA GLN A 564 8.76 -9.63 -27.84
C GLN A 564 9.81 -8.86 -28.65
N LYS A 565 10.10 -9.35 -29.87
CA LYS A 565 11.00 -8.72 -30.81
C LYS A 565 10.36 -7.40 -31.30
N PRO A 566 11.12 -6.39 -31.77
CA PRO A 566 10.46 -5.17 -32.31
C PRO A 566 9.79 -5.45 -33.66
N ARG A 567 8.78 -4.67 -34.02
CA ARG A 567 8.10 -4.85 -35.30
C ARG A 567 8.53 -3.69 -36.19
N ASN A 568 9.79 -3.72 -36.64
CA ASN A 568 10.36 -2.66 -37.47
C ASN A 568 9.79 -2.61 -38.89
N ILE A 569 9.43 -1.40 -39.33
CA ILE A 569 8.86 -1.07 -40.64
C ILE A 569 9.81 -0.02 -41.29
N LYS A 570 10.02 -0.12 -42.62
CA LYS A 570 10.92 0.75 -43.39
C LYS A 570 10.89 2.27 -43.02
N GLY A 571 9.87 3.01 -43.47
CA GLY A 571 9.72 4.45 -43.26
C GLY A 571 9.35 4.90 -41.87
N LYS A 572 9.61 4.05 -40.87
CA LYS A 572 9.36 4.29 -39.46
C LYS A 572 10.69 4.18 -38.66
N PRO A 573 10.89 5.01 -37.59
CA PRO A 573 12.10 4.90 -36.75
C PRO A 573 12.28 3.49 -36.16
N GLU A 574 13.56 3.06 -35.94
CA GLU A 574 14.00 1.75 -35.41
C GLU A 574 13.69 1.52 -33.92
N ALA A 575 13.23 0.30 -33.55
CA ALA A 575 13.02 -0.10 -32.14
C ALA A 575 13.82 -1.36 -31.81
N HIS A 576 14.06 -1.59 -30.50
CA HIS A 576 14.87 -2.72 -30.04
C HIS A 576 14.03 -3.88 -29.45
N PHE A 577 12.84 -3.59 -28.95
CA PHE A 577 11.91 -4.61 -28.45
C PHE A 577 10.48 -4.06 -28.48
N SER A 578 9.50 -4.96 -28.31
CA SER A 578 8.12 -4.59 -28.19
C SER A 578 7.54 -5.19 -26.88
N LEU A 579 6.65 -4.43 -26.26
CA LEU A 579 6.04 -4.82 -25.00
C LEU A 579 4.53 -4.92 -25.20
N ILE A 580 3.94 -6.06 -24.83
CA ILE A 580 2.48 -6.22 -24.95
C ILE A 580 1.81 -5.58 -23.73
N HIS A 581 1.44 -4.29 -23.88
CA HIS A 581 0.73 -3.55 -22.82
C HIS A 581 -0.77 -3.88 -22.89
N TYR A 582 -1.52 -3.53 -21.84
CA TYR A 582 -2.98 -3.76 -21.76
C TYR A 582 -3.73 -3.13 -22.92
N ALA A 583 -3.32 -1.90 -23.33
CA ALA A 583 -3.93 -1.08 -24.37
C ALA A 583 -3.29 -1.24 -25.75
N GLY A 584 -2.25 -2.06 -25.83
CA GLY A 584 -1.58 -2.32 -27.10
C GLY A 584 -0.13 -2.70 -27.01
N THR A 585 0.44 -3.13 -28.14
CA THR A 585 1.84 -3.51 -28.27
C THR A 585 2.61 -2.24 -28.66
N VAL A 586 3.65 -1.92 -27.88
CA VAL A 586 4.47 -0.73 -28.09
C VAL A 586 5.90 -1.16 -28.36
N ASP A 587 6.50 -0.58 -29.41
CA ASP A 587 7.89 -0.80 -29.82
C ASP A 587 8.77 0.26 -29.20
N TYR A 588 9.69 -0.16 -28.33
CA TYR A 588 10.61 0.74 -27.63
C TYR A 588 12.01 0.81 -28.23
N ASN A 589 12.53 2.03 -28.33
CA ASN A 589 13.90 2.34 -28.75
C ASN A 589 14.65 2.56 -27.44
N ILE A 590 15.79 1.89 -27.31
CA ILE A 590 16.61 1.76 -26.11
C ILE A 590 17.81 2.74 -26.00
N ILE A 591 18.13 3.50 -27.06
CA ILE A 591 19.25 4.47 -27.07
C ILE A 591 19.10 5.56 -25.98
N GLY A 592 20.16 5.74 -25.21
CA GLY A 592 20.28 6.77 -24.17
C GLY A 592 19.56 6.50 -22.87
N TRP A 593 18.97 5.28 -22.71
CA TRP A 593 18.23 4.91 -21.49
C TRP A 593 19.10 4.93 -20.23
N LEU A 594 20.40 4.51 -20.33
CA LEU A 594 21.34 4.54 -19.19
C LEU A 594 21.55 5.97 -18.69
N GLN A 595 21.82 6.91 -19.64
CA GLN A 595 22.01 8.34 -19.39
C GLN A 595 20.75 8.99 -18.84
N LYS A 596 19.57 8.68 -19.43
CA LYS A 596 18.26 9.15 -18.97
C LYS A 596 17.99 8.66 -17.55
N ASN A 597 18.39 7.42 -17.23
CA ASN A 597 18.15 6.87 -15.89
C ASN A 597 19.06 7.49 -14.82
N LYS A 598 20.35 7.69 -15.13
CA LYS A 598 21.31 8.26 -14.18
C LYS A 598 21.12 9.76 -14.01
N ASP A 599 20.74 10.46 -15.10
CA ASP A 599 20.47 11.88 -15.15
C ASP A 599 21.66 12.66 -14.52
N PRO A 600 22.90 12.49 -15.02
CA PRO A 600 24.05 13.18 -14.37
C PRO A 600 24.10 14.68 -14.68
N LEU A 601 24.71 15.47 -13.77
CA LEU A 601 24.81 16.93 -13.91
C LEU A 601 26.22 17.43 -13.65
N ASN A 602 26.66 18.43 -14.42
CA ASN A 602 27.94 19.12 -14.27
C ASN A 602 27.85 19.88 -12.91
N GLU A 603 28.59 19.41 -11.89
CA GLU A 603 28.53 19.96 -10.52
C GLU A 603 29.27 21.29 -10.35
N THR A 604 30.12 21.67 -11.34
CA THR A 604 30.80 22.96 -11.33
C THR A 604 29.78 24.07 -11.61
N VAL A 605 28.90 23.85 -12.63
CA VAL A 605 27.85 24.79 -12.99
C VAL A 605 26.75 24.82 -11.91
N VAL A 606 26.49 23.67 -11.24
CA VAL A 606 25.49 23.61 -10.17
C VAL A 606 25.94 24.51 -9.00
N ASP A 607 27.27 24.56 -8.72
CA ASP A 607 27.82 25.41 -7.67
C ASP A 607 27.64 26.89 -8.02
N LEU A 608 27.73 27.24 -9.33
CA LEU A 608 27.51 28.60 -9.82
C LEU A 608 26.05 28.97 -9.64
N TYR A 609 25.13 28.01 -9.88
CA TYR A 609 23.69 28.21 -9.67
C TYR A 609 23.42 28.48 -8.18
N LYS A 610 24.10 27.74 -7.27
CA LYS A 610 23.99 27.93 -5.81
C LYS A 610 24.45 29.35 -5.36
N LYS A 611 25.45 29.93 -6.05
CA LYS A 611 26.01 31.26 -5.75
C LYS A 611 25.43 32.38 -6.65
N SER A 612 24.29 32.11 -7.32
CA SER A 612 23.61 33.05 -8.21
C SER A 612 23.07 34.26 -7.47
N SER A 613 23.13 35.45 -8.13
CA SER A 613 22.55 36.69 -7.57
C SER A 613 21.02 36.72 -7.71
N LEU A 614 20.45 35.82 -8.55
CA LEU A 614 19.00 35.66 -8.73
C LEU A 614 18.56 34.62 -7.67
N LYS A 615 17.92 35.09 -6.59
CA LYS A 615 17.45 34.32 -5.42
C LYS A 615 16.71 33.03 -5.80
N MET A 616 15.86 33.08 -6.84
CA MET A 616 15.13 31.88 -7.29
C MET A 616 16.05 30.75 -7.74
N LEU A 617 17.03 31.05 -8.62
CA LEU A 617 17.96 30.03 -9.10
C LEU A 617 18.83 29.48 -7.98
N SER A 618 19.21 30.36 -7.05
CA SER A 618 19.99 29.99 -5.86
C SER A 618 19.21 28.97 -4.98
N SER A 619 17.91 29.21 -4.78
CA SER A 619 17.06 28.32 -3.97
C SER A 619 16.72 27.01 -4.67
N LEU A 620 16.63 27.00 -6.02
CA LEU A 620 16.31 25.79 -6.80
C LEU A 620 17.35 24.70 -6.62
N PHE A 621 18.61 25.10 -6.36
CA PHE A 621 19.75 24.20 -6.22
C PHE A 621 20.37 24.18 -4.81
N ALA A 622 19.66 24.78 -3.82
CA ALA A 622 20.08 24.83 -2.42
C ALA A 622 19.77 23.51 -1.71
N GLN A 645 18.48 7.54 -6.43
CA GLN A 645 19.67 7.55 -7.29
C GLN A 645 19.27 7.70 -8.76
N THR A 646 18.34 6.84 -9.24
CA THR A 646 17.88 6.81 -10.63
C THR A 646 16.40 7.20 -10.80
N VAL A 647 16.01 7.57 -12.04
CA VAL A 647 14.63 7.94 -12.40
C VAL A 647 13.68 6.74 -12.21
N SER A 648 14.07 5.55 -12.71
CA SER A 648 13.25 4.34 -12.58
C SER A 648 12.98 3.96 -11.12
N ALA A 649 13.98 4.12 -10.24
CA ALA A 649 13.86 3.85 -8.80
C ALA A 649 12.89 4.85 -8.15
N LEU A 650 13.05 6.13 -8.47
CA LEU A 650 12.19 7.22 -7.97
C LEU A 650 10.74 7.06 -8.49
N HIS A 651 10.55 6.68 -9.77
CA HIS A 651 9.26 6.44 -10.38
C HIS A 651 8.51 5.29 -9.66
N ARG A 652 9.20 4.14 -9.51
CA ARG A 652 8.71 2.93 -8.83
C ARG A 652 8.27 3.24 -7.39
N GLU A 653 9.02 4.10 -6.68
CA GLU A 653 8.73 4.55 -5.32
C GLU A 653 7.52 5.46 -5.25
N ASN A 654 7.37 6.39 -6.22
CA ASN A 654 6.21 7.30 -6.31
C ASN A 654 4.95 6.50 -6.58
N LEU A 655 5.01 5.54 -7.52
CA LEU A 655 3.89 4.71 -7.91
C LEU A 655 3.30 3.89 -6.78
N ASN A 656 4.16 3.13 -6.08
CA ASN A 656 3.69 2.23 -5.03
C ASN A 656 3.25 3.00 -3.77
N LYS A 657 3.78 4.21 -3.54
CA LYS A 657 3.36 5.10 -2.47
C LYS A 657 2.01 5.75 -2.84
N LEU A 658 1.76 5.99 -4.14
CA LEU A 658 0.49 6.50 -4.62
C LEU A 658 -0.58 5.40 -4.45
N MET A 659 -0.25 4.17 -4.88
CA MET A 659 -1.11 2.99 -4.79
C MET A 659 -1.52 2.67 -3.34
N THR A 660 -0.71 3.05 -2.33
CA THR A 660 -1.09 2.81 -0.93
C THR A 660 -1.96 3.96 -0.36
N ASN A 661 -1.81 5.20 -0.86
CA ASN A 661 -2.68 6.32 -0.52
C ASN A 661 -4.07 5.95 -1.04
N LEU A 662 -4.14 5.45 -2.31
CA LEU A 662 -5.37 5.03 -3.00
C LEU A 662 -6.05 3.85 -2.32
N ARG A 663 -5.27 2.96 -1.71
CA ARG A 663 -5.84 1.79 -1.03
C ARG A 663 -6.61 2.16 0.23
N SER A 664 -6.23 3.27 0.90
CA SER A 664 -6.90 3.83 2.08
C SER A 664 -8.05 4.80 1.71
N THR A 665 -8.46 4.83 0.41
CA THR A 665 -9.59 5.64 -0.04
C THR A 665 -10.63 4.74 -0.70
N HIS A 666 -11.87 5.21 -0.85
CA HIS A 666 -12.90 4.50 -1.61
C HIS A 666 -12.74 5.07 -3.06
N PRO A 667 -12.31 4.25 -4.05
CA PRO A 667 -12.13 4.80 -5.41
C PRO A 667 -13.41 4.87 -6.22
N HIS A 668 -13.52 5.89 -7.08
CA HIS A 668 -14.62 6.13 -8.03
C HIS A 668 -13.95 6.29 -9.39
N PHE A 669 -14.31 5.43 -10.34
CA PHE A 669 -13.64 5.45 -11.66
C PHE A 669 -14.43 6.15 -12.76
N VAL A 670 -13.69 6.93 -13.55
CA VAL A 670 -14.23 7.63 -14.72
C VAL A 670 -13.38 7.13 -15.87
N ARG A 671 -14.00 6.42 -16.84
CA ARG A 671 -13.32 5.82 -17.99
C ARG A 671 -13.52 6.69 -19.21
N CYS A 672 -12.51 7.53 -19.53
CA CYS A 672 -12.58 8.43 -20.70
C CYS A 672 -12.23 7.66 -21.94
N ILE A 673 -13.04 7.83 -22.99
CA ILE A 673 -12.91 7.11 -24.26
C ILE A 673 -12.68 8.10 -25.42
N ILE A 674 -11.70 7.80 -26.30
CA ILE A 674 -11.39 8.52 -27.55
C ILE A 674 -12.36 7.93 -28.61
N PRO A 675 -13.24 8.74 -29.26
CA PRO A 675 -14.20 8.15 -30.21
C PRO A 675 -13.66 7.79 -31.61
N ASN A 676 -12.66 8.55 -32.11
CA ASN A 676 -12.06 8.40 -33.44
C ASN A 676 -10.61 8.88 -33.43
N GLU A 677 -9.85 8.57 -34.51
CA GLU A 677 -8.42 8.94 -34.59
C GLU A 677 -8.16 10.31 -35.25
N THR A 678 -9.22 11.07 -35.61
CA THR A 678 -9.05 12.35 -36.31
C THR A 678 -9.55 13.62 -35.56
N LYS A 679 -9.91 13.53 -34.25
CA LYS A 679 -10.45 14.64 -33.45
C LYS A 679 -11.77 15.21 -34.05
N SER A 680 -12.58 14.33 -34.65
CA SER A 680 -13.85 14.70 -35.31
C SER A 680 -15.01 14.63 -34.30
N PRO A 681 -15.70 15.78 -34.05
CA PRO A 681 -16.82 15.74 -33.09
C PRO A 681 -18.00 14.89 -33.55
N GLY A 682 -18.57 14.12 -32.63
CA GLY A 682 -19.75 13.31 -32.89
C GLY A 682 -19.58 12.09 -33.77
N VAL A 683 -18.33 11.76 -34.15
CA VAL A 683 -18.01 10.60 -35.00
C VAL A 683 -17.45 9.45 -34.13
N ILE A 684 -18.06 8.26 -34.23
CA ILE A 684 -17.58 7.06 -33.54
C ILE A 684 -16.97 6.04 -34.52
N ASP A 685 -15.76 5.55 -34.18
CA ASP A 685 -15.01 4.49 -34.86
C ASP A 685 -15.24 3.25 -33.98
N ASN A 686 -16.18 2.36 -34.37
CA ASN A 686 -16.57 1.16 -33.61
C ASN A 686 -15.39 0.32 -33.11
N PRO A 687 -14.44 -0.18 -33.98
CA PRO A 687 -13.30 -0.95 -33.46
C PRO A 687 -12.46 -0.21 -32.40
N LEU A 688 -12.20 1.09 -32.58
CA LEU A 688 -11.42 1.90 -31.63
C LEU A 688 -12.13 2.02 -30.27
N VAL A 689 -13.45 2.26 -30.28
CA VAL A 689 -14.28 2.35 -29.07
C VAL A 689 -14.34 0.93 -28.41
N MET A 690 -14.56 -0.12 -29.21
CA MET A 690 -14.60 -1.50 -28.73
C MET A 690 -13.29 -1.92 -28.06
N HIS A 691 -12.15 -1.57 -28.67
CA HIS A 691 -10.82 -1.88 -28.16
C HIS A 691 -10.66 -1.28 -26.77
N GLN A 692 -10.97 0.03 -26.60
CA GLN A 692 -10.91 0.75 -25.33
C GLN A 692 -11.80 0.14 -24.25
N LEU A 693 -13.05 -0.19 -24.60
CA LEU A 693 -14.00 -0.81 -23.65
C LEU A 693 -13.52 -2.17 -23.20
N ARG A 694 -12.92 -2.95 -24.13
CA ARG A 694 -12.39 -4.28 -23.83
C ARG A 694 -11.22 -4.22 -22.85
N CYS A 695 -10.16 -3.46 -23.18
CA CYS A 695 -8.97 -3.37 -22.32
C CYS A 695 -9.21 -2.59 -21.01
N ASN A 696 -10.30 -1.79 -20.92
CA ASN A 696 -10.67 -1.11 -19.69
C ASN A 696 -11.43 -2.06 -18.75
N GLY A 697 -12.00 -3.13 -19.30
CA GLY A 697 -12.79 -4.09 -18.54
C GLY A 697 -14.11 -3.54 -18.09
N VAL A 698 -14.75 -2.75 -18.96
CA VAL A 698 -16.02 -2.07 -18.72
C VAL A 698 -17.17 -3.06 -18.50
N LEU A 699 -17.28 -4.08 -19.38
CA LEU A 699 -18.31 -5.12 -19.32
C LEU A 699 -18.21 -5.98 -18.08
N GLU A 700 -16.98 -6.43 -17.76
CA GLU A 700 -16.65 -7.23 -16.58
C GLU A 700 -17.00 -6.39 -15.33
N GLY A 701 -16.65 -5.10 -15.35
CA GLY A 701 -16.95 -4.14 -14.28
C GLY A 701 -18.44 -3.97 -14.05
N ILE A 702 -19.26 -3.89 -15.13
CA ILE A 702 -20.72 -3.79 -15.01
C ILE A 702 -21.27 -5.11 -14.38
N ARG A 703 -20.74 -6.25 -14.83
CA ARG A 703 -21.12 -7.58 -14.39
C ARG A 703 -20.99 -7.80 -12.88
N ILE A 704 -19.82 -7.47 -12.27
CA ILE A 704 -19.62 -7.62 -10.83
C ILE A 704 -20.62 -6.73 -10.05
N CYS A 705 -20.92 -5.51 -10.59
CA CYS A 705 -21.88 -4.60 -9.98
C CYS A 705 -23.31 -5.20 -9.98
N ARG A 706 -23.70 -5.86 -11.07
CA ARG A 706 -24.99 -6.54 -11.25
C ARG A 706 -25.12 -7.82 -10.42
N LYS A 707 -24.08 -8.70 -10.49
CA LYS A 707 -24.03 -10.00 -9.84
C LYS A 707 -23.74 -9.91 -8.34
N GLY A 708 -22.86 -8.99 -7.95
CA GLY A 708 -22.49 -8.80 -6.54
C GLY A 708 -23.44 -7.88 -5.81
N PHE A 709 -22.96 -7.22 -4.74
CA PHE A 709 -23.72 -6.35 -3.82
C PHE A 709 -22.83 -5.15 -3.63
N PRO A 710 -22.92 -4.19 -4.57
CA PRO A 710 -21.95 -3.07 -4.58
C PRO A 710 -22.12 -2.02 -3.48
N ASN A 711 -23.26 -2.03 -2.76
CA ASN A 711 -23.47 -1.09 -1.66
C ASN A 711 -23.58 -1.85 -0.38
N ARG A 712 -23.01 -1.32 0.70
CA ARG A 712 -22.95 -2.00 2.01
C ARG A 712 -22.91 -0.94 3.11
N ILE A 713 -23.42 -1.25 4.31
CA ILE A 713 -23.47 -0.33 5.46
C ILE A 713 -23.34 -1.08 6.79
N LEU A 714 -22.51 -0.58 7.75
CA LEU A 714 -22.38 -1.16 9.10
C LEU A 714 -23.76 -1.14 9.77
N TYR A 715 -24.08 -2.15 10.61
CA TYR A 715 -25.39 -2.30 11.27
C TYR A 715 -25.82 -1.09 12.11
N GLY A 716 -24.89 -0.46 12.82
CA GLY A 716 -25.17 0.71 13.64
C GLY A 716 -25.58 1.88 12.77
N ASP A 717 -24.85 2.06 11.66
CA ASP A 717 -25.09 3.09 10.65
C ASP A 717 -26.40 2.85 9.89
N PHE A 718 -26.80 1.57 9.70
CA PHE A 718 -28.05 1.17 9.03
C PHE A 718 -29.22 1.68 9.89
N ARG A 719 -29.16 1.44 11.22
CA ARG A 719 -30.17 1.85 12.20
C ARG A 719 -30.36 3.36 12.19
N GLN A 720 -29.27 4.15 12.22
CA GLN A 720 -29.31 5.61 12.19
C GLN A 720 -29.96 6.17 10.90
N ARG A 721 -29.64 5.58 9.75
CA ARG A 721 -30.15 6.03 8.46
C ARG A 721 -31.57 5.54 8.11
N TYR A 722 -31.89 4.28 8.41
CA TYR A 722 -33.16 3.73 7.94
C TYR A 722 -34.20 3.38 8.99
N ARG A 723 -33.96 3.63 10.30
CA ARG A 723 -35.01 3.37 11.32
C ARG A 723 -36.28 4.16 10.95
N ILE A 724 -36.11 5.34 10.33
CA ILE A 724 -37.18 6.22 9.83
C ILE A 724 -38.21 5.47 8.93
N LEU A 725 -37.78 4.42 8.20
CA LEU A 725 -38.64 3.64 7.30
C LEU A 725 -39.75 2.91 8.03
N ASN A 726 -39.46 2.42 9.27
CA ASN A 726 -40.42 1.71 10.13
C ASN A 726 -39.89 1.69 11.58
N PRO A 727 -40.03 2.80 12.35
CA PRO A 727 -39.50 2.82 13.74
C PRO A 727 -39.97 1.69 14.67
N ALA A 728 -41.19 1.12 14.40
CA ALA A 728 -41.77 0.01 15.17
C ALA A 728 -40.96 -1.28 15.06
N ALA A 729 -40.28 -1.51 13.92
CA ALA A 729 -39.46 -2.70 13.68
C ALA A 729 -38.18 -2.71 14.52
N ILE A 730 -37.72 -1.52 14.97
CA ILE A 730 -36.55 -1.35 15.84
C ILE A 730 -37.03 -0.61 17.10
N PRO A 731 -37.74 -1.27 18.05
CA PRO A 731 -38.24 -0.55 19.24
C PRO A 731 -37.22 -0.47 20.37
N ASP A 737 -30.68 -5.44 19.42
CA ASP A 737 -29.44 -5.77 18.72
C ASP A 737 -29.51 -5.19 17.31
N SER A 738 -28.46 -4.45 16.87
CA SER A 738 -28.41 -3.77 15.57
C SER A 738 -28.62 -4.70 14.38
N ARG A 739 -28.10 -5.96 14.44
CA ARG A 739 -28.32 -6.92 13.36
C ARG A 739 -29.80 -7.36 13.30
N LYS A 740 -30.36 -7.78 14.45
CA LYS A 740 -31.77 -8.19 14.55
C LYS A 740 -32.71 -7.07 14.09
N GLY A 741 -32.38 -5.84 14.47
CA GLY A 741 -33.11 -4.66 14.08
C GLY A 741 -33.14 -4.45 12.58
N ALA A 742 -31.99 -4.63 11.90
CA ALA A 742 -31.86 -4.53 10.42
C ALA A 742 -32.71 -5.61 9.74
N GLU A 743 -32.68 -6.86 10.27
CA GLU A 743 -33.45 -8.00 9.79
C GLU A 743 -34.94 -7.72 9.86
N LYS A 744 -35.42 -7.29 11.04
CA LYS A 744 -36.83 -6.94 11.29
C LYS A 744 -37.30 -5.81 10.38
N LEU A 745 -36.49 -4.73 10.24
CA LEU A 745 -36.86 -3.57 9.42
C LEU A 745 -36.94 -3.90 7.94
N LEU A 746 -35.89 -4.53 7.37
CA LEU A 746 -35.88 -4.90 5.95
C LEU A 746 -36.96 -5.93 5.62
N GLY A 747 -37.20 -6.86 6.56
CA GLY A 747 -38.24 -7.90 6.43
C GLY A 747 -39.66 -7.37 6.41
N SER A 748 -39.90 -6.17 7.01
CA SER A 748 -41.20 -5.50 7.08
C SER A 748 -41.55 -4.70 5.83
N LEU A 749 -40.59 -4.52 4.91
CA LEU A 749 -40.75 -3.73 3.69
C LEU A 749 -41.23 -4.54 2.49
N ASP A 750 -41.97 -3.89 1.57
CA ASP A 750 -42.48 -4.53 0.35
C ASP A 750 -41.38 -4.43 -0.70
N ILE A 751 -40.32 -5.25 -0.53
CA ILE A 751 -39.12 -5.22 -1.38
C ILE A 751 -38.73 -6.61 -1.82
N ASP A 752 -37.79 -6.72 -2.77
CA ASP A 752 -37.26 -7.98 -3.23
C ASP A 752 -36.21 -8.35 -2.19
N HIS A 753 -36.58 -9.31 -1.32
CA HIS A 753 -35.77 -9.76 -0.20
C HIS A 753 -34.49 -10.50 -0.63
N ASN A 754 -34.32 -10.77 -1.95
CA ASN A 754 -33.10 -11.38 -2.49
C ASN A 754 -32.03 -10.32 -2.74
N GLN A 755 -32.44 -9.04 -2.77
CA GLN A 755 -31.56 -7.93 -3.12
C GLN A 755 -30.71 -7.36 -1.97
N TYR A 756 -30.74 -8.01 -0.82
CA TYR A 756 -29.91 -7.64 0.34
C TYR A 756 -29.44 -8.89 1.06
N LYS A 757 -28.27 -8.80 1.71
CA LYS A 757 -27.68 -9.94 2.44
C LYS A 757 -27.05 -9.47 3.73
N PHE A 758 -27.14 -10.29 4.79
CA PHE A 758 -26.55 -9.98 6.09
C PHE A 758 -25.12 -10.53 6.27
N GLY A 759 -24.16 -9.62 6.45
CA GLY A 759 -22.76 -9.95 6.68
C GLY A 759 -22.46 -10.03 8.16
N HIS A 760 -21.21 -10.30 8.54
CA HIS A 760 -20.84 -10.34 9.96
C HIS A 760 -20.98 -8.93 10.62
N THR A 761 -20.59 -7.86 9.90
CA THR A 761 -20.63 -6.48 10.41
C THR A 761 -21.43 -5.51 9.54
N LYS A 762 -21.77 -5.90 8.29
CA LYS A 762 -22.49 -4.99 7.38
C LYS A 762 -23.71 -5.64 6.75
N VAL A 763 -24.65 -4.81 6.23
CA VAL A 763 -25.81 -5.21 5.42
C VAL A 763 -25.34 -4.90 3.98
N PHE A 764 -25.48 -5.86 3.06
CA PHE A 764 -25.10 -5.70 1.66
C PHE A 764 -26.33 -5.48 0.82
N PHE A 765 -26.22 -4.64 -0.21
CA PHE A 765 -27.33 -4.32 -1.09
C PHE A 765 -26.92 -4.35 -2.54
N LYS A 766 -27.89 -4.60 -3.41
CA LYS A 766 -27.77 -4.43 -4.85
C LYS A 766 -27.94 -2.90 -4.99
N ALA A 767 -27.26 -2.27 -5.98
CA ALA A 767 -27.39 -0.81 -6.20
C ALA A 767 -28.85 -0.37 -6.42
N GLY A 768 -29.63 -1.19 -7.13
CA GLY A 768 -31.04 -0.93 -7.42
C GLY A 768 -31.89 -0.88 -6.16
N LEU A 769 -31.65 -1.84 -5.22
CA LEU A 769 -32.37 -1.82 -3.95
C LEU A 769 -31.99 -0.58 -3.13
N LEU A 770 -30.69 -0.22 -3.09
CA LEU A 770 -30.29 0.99 -2.38
C LEU A 770 -31.00 2.25 -2.93
N GLY A 771 -31.09 2.39 -4.25
CA GLY A 771 -31.79 3.51 -4.89
C GLY A 771 -33.25 3.57 -4.46
N LEU A 772 -33.91 2.39 -4.38
CA LEU A 772 -35.32 2.27 -3.95
C LEU A 772 -35.48 2.67 -2.48
N LEU A 773 -34.59 2.15 -1.59
CA LEU A 773 -34.57 2.47 -0.14
C LEU A 773 -34.40 3.96 0.09
N GLU A 774 -33.53 4.60 -0.72
CA GLU A 774 -33.28 6.05 -0.65
C GLU A 774 -34.52 6.85 -1.07
N GLU A 775 -35.25 6.39 -2.10
CA GLU A 775 -36.49 7.01 -2.57
C GLU A 775 -37.56 6.90 -1.46
N MET A 776 -37.69 5.70 -0.85
CA MET A 776 -38.58 5.40 0.26
C MET A 776 -38.29 6.27 1.47
N ARG A 777 -36.98 6.47 1.79
CA ARG A 777 -36.51 7.32 2.89
C ARG A 777 -36.88 8.79 2.65
N ASP A 778 -36.63 9.32 1.43
CA ASP A 778 -37.01 10.69 1.04
C ASP A 778 -38.52 10.89 1.10
N GLU A 779 -39.30 9.90 0.60
CA GLU A 779 -40.76 9.92 0.58
C GLU A 779 -41.33 9.97 2.00
N ARG A 780 -40.81 9.10 2.90
CA ARG A 780 -41.22 9.04 4.29
C ARG A 780 -40.81 10.30 5.07
N LEU A 781 -39.63 10.90 4.74
CA LEU A 781 -39.16 12.13 5.37
C LEU A 781 -40.14 13.28 5.07
N SER A 782 -40.59 13.38 3.79
CA SER A 782 -41.54 14.38 3.30
C SER A 782 -42.88 14.29 4.03
N ARG A 783 -43.35 13.06 4.26
CA ARG A 783 -44.60 12.78 4.98
C ARG A 783 -44.49 13.13 6.45
N ILE A 784 -43.30 12.88 7.07
CA ILE A 784 -43.03 13.21 8.47
C ILE A 784 -42.96 14.73 8.65
N ILE A 785 -42.25 15.45 7.76
CA ILE A 785 -42.16 16.91 7.78
C ILE A 785 -43.56 17.50 7.68
N THR A 786 -44.41 16.98 6.75
CA THR A 786 -45.81 17.38 6.56
C THR A 786 -46.59 17.24 7.85
N ARG A 787 -46.37 16.12 8.57
CA ARG A 787 -47.02 15.84 9.85
C ARG A 787 -46.48 16.73 10.99
N ILE A 788 -45.19 17.09 10.97
CA ILE A 788 -44.58 18.02 11.94
C ILE A 788 -45.18 19.42 11.69
N GLN A 789 -45.38 19.79 10.39
CA GLN A 789 -45.95 21.08 9.97
C GLN A 789 -47.41 21.21 10.40
N ALA A 790 -48.17 20.09 10.37
CA ALA A 790 -49.58 20.01 10.79
C ALA A 790 -49.67 20.22 12.30
N GLN A 791 -48.74 19.61 13.07
CA GLN A 791 -48.67 19.79 14.54
C GLN A 791 -48.29 21.25 14.86
N SER A 792 -47.38 21.82 14.04
CA SER A 792 -46.89 23.20 14.13
C SER A 792 -47.99 24.21 13.85
N ARG A 793 -48.90 23.93 12.88
CA ARG A 793 -50.07 24.76 12.55
C ARG A 793 -51.06 24.68 13.71
N GLY A 794 -51.16 23.50 14.33
CA GLY A 794 -51.99 23.25 15.49
C GLY A 794 -51.60 24.14 16.66
N VAL A 795 -50.28 24.15 17.03
CA VAL A 795 -49.68 24.99 18.07
C VAL A 795 -49.97 26.49 17.83
N LEU A 796 -49.65 27.01 16.61
CA LEU A 796 -49.85 28.42 16.22
C LEU A 796 -51.32 28.85 16.31
N SER A 797 -52.25 27.98 15.85
CA SER A 797 -53.69 28.26 15.93
C SER A 797 -54.20 28.26 17.38
N ARG A 798 -53.66 27.31 18.20
CA ARG A 798 -53.98 27.16 19.63
C ARG A 798 -53.44 28.36 20.42
N MET A 799 -52.27 28.94 20.00
CA MET A 799 -51.64 30.11 20.62
C MET A 799 -52.54 31.33 20.42
N GLU A 800 -53.07 31.47 19.20
CA GLU A 800 -54.00 32.53 18.83
C GLU A 800 -55.37 32.35 19.50
N PHE A 801 -55.84 31.09 19.60
CA PHE A 801 -57.11 30.78 20.26
C PHE A 801 -57.08 31.16 21.74
N LYS A 802 -55.94 30.92 22.43
CA LYS A 802 -55.71 31.26 23.85
C LYS A 802 -55.77 32.80 24.05
N LYS A 803 -55.27 33.59 23.07
CA LYS A 803 -55.36 35.07 23.12
C LYS A 803 -56.82 35.51 23.02
N LEU A 804 -57.58 34.88 22.09
CA LEU A 804 -59.00 35.16 21.87
C LEU A 804 -59.84 34.81 23.10
N LEU A 805 -59.59 33.63 23.72
CA LEU A 805 -60.29 33.19 24.95
C LEU A 805 -60.01 34.14 26.12
N GLU A 806 -58.74 34.61 26.27
CA GLU A 806 -58.33 35.53 27.34
C GLU A 806 -59.08 36.86 27.31
N ARG A 807 -59.55 37.29 26.12
CA ARG A 807 -60.33 38.53 26.00
C ARG A 807 -61.80 38.37 26.44
N ARG A 808 -62.34 37.13 26.43
CA ARG A 808 -63.74 36.91 26.71
C ARG A 808 -64.09 35.84 27.78
N ASP A 809 -63.52 34.64 27.64
CA ASP A 809 -63.84 33.44 28.42
C ASP A 809 -62.85 32.95 29.47
N SER A 810 -61.56 33.24 29.32
CA SER A 810 -60.53 32.81 30.26
C SER A 810 -60.11 33.98 31.15
N ASP B 3 24.13 -38.37 17.02
CA ASP B 3 25.27 -37.49 17.29
C ASP B 3 26.23 -37.35 16.11
N ALA B 4 26.31 -38.37 15.21
CA ALA B 4 27.23 -38.28 14.07
C ALA B 4 26.69 -37.40 12.95
N GLU B 5 25.38 -37.50 12.67
CA GLU B 5 24.70 -36.68 11.66
C GLU B 5 24.62 -35.18 12.13
N MET B 6 24.70 -34.97 13.45
CA MET B 6 24.66 -33.65 14.10
C MET B 6 26.07 -33.10 14.44
N ALA B 7 27.14 -33.87 14.10
CA ALA B 7 28.55 -33.55 14.36
C ALA B 7 29.00 -32.18 13.86
N ALA B 8 28.52 -31.75 12.67
CA ALA B 8 28.86 -30.43 12.08
C ALA B 8 28.48 -29.24 12.96
N PHE B 9 27.44 -29.43 13.80
CA PHE B 9 26.91 -28.39 14.70
C PHE B 9 27.72 -28.23 15.99
N GLY B 10 28.64 -29.16 16.27
CA GLY B 10 29.50 -29.12 17.44
C GLY B 10 28.76 -29.17 18.76
N GLU B 11 29.18 -28.34 19.72
CA GLU B 11 28.62 -28.26 21.09
C GLU B 11 27.16 -27.77 21.13
N ALA B 12 26.68 -27.16 20.03
CA ALA B 12 25.30 -26.68 19.89
C ALA B 12 24.33 -27.83 19.67
N ALA B 13 24.81 -28.98 19.12
CA ALA B 13 23.99 -30.16 18.79
C ALA B 13 22.93 -30.55 19.85
N PRO B 14 23.23 -30.74 21.17
CA PRO B 14 22.14 -31.11 22.11
C PRO B 14 21.07 -30.02 22.37
N TYR B 15 21.37 -28.77 22.04
CA TYR B 15 20.45 -27.64 22.19
C TYR B 15 19.60 -27.42 20.92
N LEU B 16 19.90 -28.17 19.85
CA LEU B 16 19.23 -28.06 18.55
C LEU B 16 18.37 -29.29 18.23
N ARG B 17 18.88 -30.50 18.52
CA ARG B 17 18.17 -31.76 18.27
C ARG B 17 18.45 -32.76 19.39
N LYS B 18 17.42 -33.49 19.83
CA LYS B 18 17.53 -34.51 20.87
C LYS B 18 18.40 -35.68 20.40
N SER B 19 19.06 -36.36 21.36
CA SER B 19 19.92 -37.52 21.11
C SER B 19 19.15 -38.67 20.43
N GLU B 20 19.87 -39.56 19.73
CA GLU B 20 19.29 -40.77 19.13
C GLU B 20 18.71 -41.66 20.24
N LYS B 21 19.36 -41.65 21.42
CA LYS B 21 18.92 -42.39 22.61
C LYS B 21 17.54 -41.88 23.09
N GLU B 22 17.33 -40.55 23.05
CA GLU B 22 16.04 -39.97 23.42
C GLU B 22 14.97 -40.28 22.38
N ARG B 23 15.34 -40.31 21.07
CA ARG B 23 14.46 -40.66 19.94
C ARG B 23 13.97 -42.13 20.05
N LEU B 24 14.84 -43.03 20.52
CA LEU B 24 14.47 -44.43 20.73
C LEU B 24 13.60 -44.57 21.98
N GLU B 25 13.82 -43.70 23.00
CA GLU B 25 12.99 -43.70 24.21
C GLU B 25 11.55 -43.27 23.85
N ALA B 26 11.42 -42.28 22.89
CA ALA B 26 10.13 -41.79 22.38
C ALA B 26 9.42 -42.80 21.51
N GLN B 27 10.14 -43.50 20.59
CA GLN B 27 9.54 -44.50 19.69
C GLN B 27 9.02 -45.74 20.43
N THR B 28 9.51 -46.00 21.66
CA THR B 28 9.15 -47.18 22.46
C THR B 28 8.39 -46.90 23.76
N ARG B 29 8.08 -45.60 24.07
CA ARG B 29 7.35 -45.20 25.29
C ARG B 29 5.92 -45.75 25.29
N PRO B 30 5.48 -46.53 26.33
CA PRO B 30 4.09 -47.03 26.33
C PRO B 30 3.13 -45.87 26.50
N PHE B 31 2.02 -45.92 25.77
CA PHE B 31 1.01 -44.87 25.79
C PHE B 31 -0.34 -45.49 25.54
N ASP B 32 -1.40 -44.82 25.99
CA ASP B 32 -2.73 -45.29 25.71
C ASP B 32 -3.47 -44.12 25.11
N LEU B 33 -3.78 -44.22 23.81
CA LEU B 33 -4.49 -43.16 23.08
C LEU B 33 -5.83 -42.83 23.74
N LYS B 34 -6.51 -43.84 24.34
CA LYS B 34 -7.79 -43.67 25.02
C LYS B 34 -7.73 -42.96 26.37
N LYS B 35 -6.69 -43.22 27.18
CA LYS B 35 -6.51 -42.65 28.53
C LYS B 35 -5.79 -41.30 28.58
N ASP B 36 -4.63 -41.21 27.91
CA ASP B 36 -3.75 -40.04 27.89
C ASP B 36 -4.35 -38.89 27.10
N VAL B 37 -4.90 -37.91 27.84
CA VAL B 37 -5.61 -36.75 27.30
C VAL B 37 -5.13 -35.43 27.95
N PHE B 38 -5.75 -34.32 27.53
CA PHE B 38 -5.59 -32.98 28.07
C PHE B 38 -6.98 -32.55 28.51
N VAL B 39 -7.07 -31.89 29.66
CA VAL B 39 -8.34 -31.37 30.16
C VAL B 39 -8.17 -29.87 30.46
N PRO B 40 -9.23 -29.02 30.41
CA PRO B 40 -9.04 -27.61 30.77
C PRO B 40 -8.71 -27.50 32.25
N ASP B 41 -8.02 -26.43 32.64
CA ASP B 41 -7.64 -26.14 34.01
C ASP B 41 -7.77 -24.63 34.21
N ASP B 42 -8.43 -24.23 35.30
CA ASP B 42 -8.68 -22.81 35.65
C ASP B 42 -7.42 -21.97 35.86
N LYS B 43 -6.30 -22.60 36.28
CA LYS B 43 -5.04 -21.89 36.55
C LYS B 43 -3.94 -22.16 35.53
N GLU B 44 -3.91 -23.37 34.95
CA GLU B 44 -2.86 -23.75 34.02
C GLU B 44 -3.30 -23.89 32.55
N GLU B 45 -4.52 -23.36 32.20
CA GLU B 45 -5.15 -23.42 30.86
C GLU B 45 -5.59 -24.84 30.53
N PHE B 46 -4.62 -25.75 30.39
CA PHE B 46 -4.80 -27.15 30.11
C PHE B 46 -3.76 -27.91 30.89
N VAL B 47 -4.09 -29.15 31.27
CA VAL B 47 -3.18 -30.05 31.99
C VAL B 47 -3.25 -31.43 31.33
N LYS B 48 -2.17 -32.23 31.44
CA LYS B 48 -2.16 -33.61 30.98
C LYS B 48 -2.92 -34.41 32.03
N ALA B 49 -3.76 -35.36 31.60
CA ALA B 49 -4.53 -36.19 32.52
C ALA B 49 -4.73 -37.61 31.95
N THR B 50 -5.03 -38.58 32.83
CA THR B 50 -5.31 -39.96 32.46
C THR B 50 -6.76 -40.24 32.88
N ILE B 51 -7.61 -40.66 31.92
CA ILE B 51 -9.03 -40.94 32.18
C ILE B 51 -9.15 -42.16 33.10
N LEU B 52 -9.93 -42.01 34.19
CA LEU B 52 -10.17 -43.08 35.18
C LEU B 52 -11.52 -43.73 34.89
N SER B 53 -12.56 -42.92 34.62
CA SER B 53 -13.91 -43.38 34.31
C SER B 53 -14.60 -42.47 33.28
N ARG B 54 -15.54 -43.07 32.51
CA ARG B 54 -16.40 -42.44 31.49
C ARG B 54 -15.64 -41.53 30.53
N GLY B 57 -22.59 -38.33 30.31
CA GLY B 57 -21.85 -37.71 29.23
C GLY B 57 -20.68 -36.85 29.70
N LYS B 58 -19.96 -37.36 30.71
CA LYS B 58 -18.81 -36.72 31.35
C LYS B 58 -17.60 -37.66 31.42
N VAL B 59 -16.43 -37.10 31.75
CA VAL B 59 -15.15 -37.78 31.87
C VAL B 59 -14.49 -37.40 33.20
N THR B 60 -14.15 -38.42 34.01
CA THR B 60 -13.43 -38.23 35.26
C THR B 60 -12.01 -38.67 35.01
N ALA B 61 -11.04 -37.79 35.32
CA ALA B 61 -9.64 -38.04 35.06
C ALA B 61 -8.71 -37.60 36.18
N GLU B 62 -7.50 -38.20 36.19
CA GLU B 62 -6.45 -37.88 37.15
C GLU B 62 -5.35 -37.05 36.43
N THR B 63 -5.18 -35.78 36.87
CA THR B 63 -4.20 -34.81 36.32
C THR B 63 -2.77 -35.30 36.56
N LYS B 67 -4.66 -34.90 40.91
CA LYS B 67 -5.95 -34.28 41.17
C LYS B 67 -7.06 -34.94 40.35
N THR B 68 -8.17 -35.31 40.99
CA THR B 68 -9.33 -35.90 40.33
C THR B 68 -10.27 -34.77 39.91
N VAL B 69 -10.51 -34.64 38.60
CA VAL B 69 -11.37 -33.61 37.99
C VAL B 69 -12.48 -34.31 37.18
N THR B 70 -13.67 -33.70 37.14
CA THR B 70 -14.83 -34.18 36.39
C THR B 70 -15.15 -33.12 35.34
N VAL B 71 -15.10 -33.48 34.04
CA VAL B 71 -15.29 -32.55 32.92
C VAL B 71 -16.12 -33.21 31.78
N LYS B 72 -16.83 -32.39 30.96
CA LYS B 72 -17.65 -32.88 29.83
C LYS B 72 -16.76 -33.51 28.76
N GLU B 73 -17.26 -34.55 28.06
CA GLU B 73 -16.57 -35.29 26.99
C GLU B 73 -16.01 -34.37 25.90
N ASP B 74 -16.78 -33.32 25.50
CA ASP B 74 -16.41 -32.37 24.44
C ASP B 74 -15.35 -31.34 24.87
N GLN B 75 -14.91 -31.37 26.15
CA GLN B 75 -13.87 -30.48 26.67
C GLN B 75 -12.49 -31.20 26.65
N VAL B 76 -12.52 -32.54 26.52
CA VAL B 76 -11.36 -33.44 26.51
C VAL B 76 -10.69 -33.44 25.12
N LEU B 77 -9.35 -33.28 25.11
CA LEU B 77 -8.52 -33.25 23.90
C LEU B 77 -7.44 -34.32 23.96
N GLN B 78 -7.28 -35.05 22.85
CA GLN B 78 -6.34 -36.15 22.74
C GLN B 78 -4.87 -35.76 22.69
N GLN B 79 -4.01 -36.50 23.41
CA GLN B 79 -2.58 -36.24 23.38
C GLN B 79 -2.02 -36.87 22.11
N ASN B 80 -0.94 -36.31 21.58
CA ASN B 80 -0.28 -36.92 20.43
C ASN B 80 0.58 -38.09 20.93
N PRO B 81 0.63 -39.22 20.20
CA PRO B 81 1.52 -40.34 20.65
C PRO B 81 3.01 -39.92 20.84
N PRO B 82 3.81 -40.68 21.65
CA PRO B 82 5.20 -40.29 21.94
C PRO B 82 6.15 -40.05 20.76
N LYS B 83 5.87 -40.60 19.57
CA LYS B 83 6.68 -40.38 18.37
C LYS B 83 6.70 -38.88 17.98
N PHE B 84 5.66 -38.14 18.39
CA PHE B 84 5.48 -36.70 18.17
C PHE B 84 6.08 -35.82 19.29
N ASP B 85 6.72 -36.43 20.32
CA ASP B 85 7.35 -35.68 21.41
C ASP B 85 8.41 -34.74 20.87
N LYS B 86 8.34 -33.44 21.26
CA LYS B 86 9.29 -32.40 20.89
C LYS B 86 9.46 -32.29 19.36
N ILE B 87 8.35 -32.45 18.61
CA ILE B 87 8.39 -32.44 17.15
C ILE B 87 8.91 -31.09 16.64
N GLU B 88 9.77 -31.14 15.58
CA GLU B 88 10.40 -29.94 14.99
C GLU B 88 9.39 -29.04 14.26
N ASP B 89 8.42 -29.63 13.53
CA ASP B 89 7.36 -28.92 12.82
C ASP B 89 6.01 -29.36 13.34
N MET B 90 5.28 -28.43 13.99
CA MET B 90 3.96 -28.71 14.60
C MET B 90 2.85 -28.92 13.57
N ALA B 91 3.11 -28.59 12.27
CA ALA B 91 2.19 -28.87 11.17
C ALA B 91 2.09 -30.41 10.93
N MET B 92 3.02 -31.18 11.51
CA MET B 92 3.11 -32.64 11.33
C MET B 92 2.37 -33.45 12.41
N LEU B 93 1.92 -32.80 13.51
CA LEU B 93 1.18 -33.44 14.59
C LEU B 93 -0.12 -34.08 14.06
N THR B 94 -0.51 -35.26 14.58
CA THR B 94 -1.77 -35.93 14.21
C THR B 94 -2.95 -35.08 14.72
N PHE B 95 -2.94 -34.72 16.01
CA PHE B 95 -3.99 -33.90 16.63
C PHE B 95 -3.50 -32.48 16.82
N LEU B 96 -4.07 -31.56 16.06
CA LEU B 96 -3.71 -30.14 16.15
C LEU B 96 -4.78 -29.37 16.92
N HIS B 97 -4.44 -28.95 18.13
CA HIS B 97 -5.28 -28.19 19.08
C HIS B 97 -4.38 -27.39 20.01
N GLU B 98 -4.96 -26.51 20.85
CA GLU B 98 -4.21 -25.62 21.73
C GLU B 98 -3.25 -26.34 22.71
N PRO B 99 -3.67 -27.32 23.55
CA PRO B 99 -2.68 -27.97 24.43
C PRO B 99 -1.60 -28.78 23.69
N ALA B 100 -1.89 -29.34 22.49
CA ALA B 100 -0.87 -30.07 21.70
C ALA B 100 0.27 -29.13 21.32
N VAL B 101 -0.07 -27.92 20.86
CA VAL B 101 0.89 -26.87 20.48
C VAL B 101 1.64 -26.38 21.73
N LEU B 102 0.89 -26.01 22.78
CA LEU B 102 1.44 -25.53 24.04
C LEU B 102 2.41 -26.52 24.68
N TYR B 103 2.02 -27.79 24.81
CA TYR B 103 2.87 -28.81 25.42
C TYR B 103 4.06 -29.21 24.55
N ASN B 104 3.94 -29.11 23.23
CA ASN B 104 5.09 -29.40 22.34
C ASN B 104 6.16 -28.32 22.49
N LEU B 105 5.72 -27.05 22.65
CA LEU B 105 6.57 -25.89 22.86
C LEU B 105 7.25 -25.95 24.23
N LYS B 106 6.48 -26.29 25.29
CA LYS B 106 6.96 -26.43 26.67
C LYS B 106 8.03 -27.52 26.78
N GLU B 107 7.78 -28.66 26.12
CA GLU B 107 8.68 -29.81 26.21
C GLU B 107 10.01 -29.56 25.49
N ARG B 108 9.98 -28.76 24.40
CA ARG B 108 11.19 -28.37 23.67
C ARG B 108 11.95 -27.34 24.50
N TYR B 109 11.22 -26.35 25.08
CA TYR B 109 11.80 -25.30 25.92
C TYR B 109 12.49 -25.87 27.15
N ALA B 110 11.91 -26.94 27.75
CA ALA B 110 12.51 -27.65 28.91
C ALA B 110 13.89 -28.29 28.55
N SER B 111 14.11 -28.59 27.25
CA SER B 111 15.37 -29.13 26.74
C SER B 111 16.25 -28.01 26.15
N TRP B 112 15.87 -26.74 26.40
CA TRP B 112 16.54 -25.51 25.92
C TRP B 112 16.48 -25.41 24.38
N MET B 113 15.50 -26.10 23.75
CA MET B 113 15.28 -26.02 22.28
C MET B 113 14.22 -24.92 22.11
N ILE B 114 14.70 -23.68 21.84
CA ILE B 114 13.90 -22.45 21.84
C ILE B 114 13.22 -22.12 20.49
N TYR B 115 13.53 -22.84 19.41
CA TYR B 115 12.92 -22.66 18.09
C TYR B 115 12.08 -23.88 17.72
N THR B 116 10.89 -23.66 17.17
CA THR B 116 9.99 -24.72 16.72
C THR B 116 9.30 -24.21 15.47
N TYR B 117 9.32 -25.02 14.38
CA TYR B 117 8.57 -24.64 13.18
C TYR B 117 7.08 -24.90 13.43
N SER B 118 6.25 -24.05 12.83
CA SER B 118 4.79 -24.14 12.92
C SER B 118 4.29 -23.86 11.50
N GLY B 119 4.35 -24.89 10.67
CA GLY B 119 4.02 -24.76 9.26
C GLY B 119 5.17 -24.00 8.59
N LEU B 120 4.85 -22.97 7.78
CA LEU B 120 5.87 -22.18 7.09
C LEU B 120 6.42 -21.03 7.93
N PHE B 121 5.93 -20.85 9.16
CA PHE B 121 6.47 -19.85 10.05
C PHE B 121 7.17 -20.53 11.23
N CYS B 122 7.71 -19.74 12.16
CA CYS B 122 8.47 -20.23 13.29
C CYS B 122 8.05 -19.55 14.58
N VAL B 123 8.09 -20.31 15.68
CA VAL B 123 7.84 -19.82 17.04
C VAL B 123 9.18 -19.91 17.80
N THR B 124 9.47 -18.94 18.65
CA THR B 124 10.65 -18.93 19.50
C THR B 124 10.28 -18.37 20.88
N ILE B 125 10.75 -19.02 21.93
CA ILE B 125 10.45 -18.66 23.32
C ILE B 125 11.75 -18.19 23.94
N ASN B 126 11.69 -16.99 24.56
CA ASN B 126 12.84 -16.36 25.19
C ASN B 126 13.48 -17.26 26.29
N PRO B 127 14.75 -17.74 26.12
CA PRO B 127 15.34 -18.57 27.19
C PRO B 127 15.80 -17.79 28.43
N TYR B 128 16.07 -16.45 28.30
CA TYR B 128 16.62 -15.58 29.37
C TYR B 128 17.96 -16.13 29.87
N TRP B 130 22.05 -17.34 27.86
N TRP B 130 22.04 -17.24 27.78
CA TRP B 130 22.92 -17.50 26.67
CA TRP B 130 22.74 -17.33 26.49
C TRP B 130 23.02 -18.99 26.36
C TRP B 130 23.22 -18.78 26.23
N LEU B 131 22.76 -19.37 25.11
CA LEU B 131 22.95 -20.76 24.67
C LEU B 131 24.02 -20.81 23.58
N PRO B 132 24.86 -21.88 23.51
CA PRO B 132 25.95 -21.89 22.50
C PRO B 132 25.48 -22.31 21.11
N VAL B 133 24.41 -21.66 20.60
CA VAL B 133 23.78 -22.00 19.33
C VAL B 133 23.97 -20.95 18.22
N TYR B 134 24.72 -19.85 18.49
CA TYR B 134 24.87 -18.77 17.53
C TYR B 134 26.30 -18.50 17.04
N ASN B 135 27.19 -19.45 17.17
CA ASN B 135 28.58 -19.28 16.72
C ASN B 135 28.78 -19.56 15.20
N ALA B 136 29.95 -19.19 14.65
CA ALA B 136 30.29 -19.32 13.22
C ALA B 136 30.26 -20.78 12.71
N GLU B 137 30.49 -21.76 13.61
CA GLU B 137 30.41 -23.21 13.32
C GLU B 137 28.96 -23.58 13.01
N VAL B 138 27.98 -23.04 13.78
CA VAL B 138 26.53 -23.28 13.56
C VAL B 138 26.08 -22.57 12.28
N VAL B 139 26.61 -21.37 12.00
CA VAL B 139 26.35 -20.63 10.76
C VAL B 139 26.74 -21.54 9.57
N ALA B 140 28.00 -22.04 9.54
CA ALA B 140 28.52 -22.93 8.50
C ALA B 140 27.68 -24.19 8.35
N ALA B 141 27.28 -24.80 9.49
CA ALA B 141 26.46 -26.02 9.55
C ALA B 141 25.07 -25.87 8.93
N TYR B 142 24.46 -24.65 8.97
CA TYR B 142 23.11 -24.39 8.43
C TYR B 142 23.08 -24.04 6.93
N ARG B 143 24.22 -23.64 6.37
CA ARG B 143 24.40 -23.21 4.98
C ARG B 143 23.86 -24.20 3.94
N GLY B 144 22.80 -23.79 3.24
CA GLY B 144 22.17 -24.58 2.18
C GLY B 144 21.35 -25.78 2.61
N LYS B 145 21.15 -25.97 3.94
CA LYS B 145 20.38 -27.11 4.47
C LYS B 145 18.91 -26.95 4.23
N LYS B 146 18.25 -28.04 3.86
CA LYS B 146 16.80 -28.07 3.67
C LYS B 146 16.11 -28.08 5.05
N ARG B 147 14.85 -27.66 5.10
CA ARG B 147 14.05 -27.56 6.32
C ARG B 147 13.97 -28.86 7.12
N SER B 148 13.85 -30.01 6.45
CA SER B 148 13.79 -31.31 7.10
C SER B 148 15.16 -31.73 7.69
N GLU B 149 16.22 -31.44 6.91
CA GLU B 149 17.63 -31.75 7.08
C GLU B 149 18.31 -31.03 8.27
N ALA B 150 17.78 -29.91 8.69
CA ALA B 150 18.36 -29.10 9.75
C ALA B 150 17.36 -28.81 10.88
N PRO B 151 17.81 -28.79 12.17
CA PRO B 151 16.86 -28.48 13.26
C PRO B 151 16.32 -27.04 13.19
N PRO B 152 15.13 -26.70 13.77
CA PRO B 152 14.65 -25.30 13.71
C PRO B 152 15.65 -24.34 14.37
N HIS B 153 15.91 -23.21 13.70
CA HIS B 153 16.82 -22.15 14.13
C HIS B 153 16.54 -20.89 13.30
N ILE B 154 16.88 -19.71 13.86
CA ILE B 154 16.79 -18.43 13.15
C ILE B 154 17.67 -18.44 11.87
N PHE B 155 18.82 -19.16 11.90
CA PHE B 155 19.74 -19.31 10.76
C PHE B 155 19.13 -20.05 9.58
N SER B 156 18.28 -21.05 9.87
N SER B 156 18.29 -21.07 9.85
CA SER B 156 17.59 -21.86 8.87
CA SER B 156 17.62 -21.83 8.80
C SER B 156 16.49 -21.04 8.19
C SER B 156 16.49 -21.01 8.15
N ILE B 157 15.74 -20.21 8.96
CA ILE B 157 14.70 -19.31 8.44
C ILE B 157 15.38 -18.34 7.46
N SER B 158 16.57 -17.83 7.85
CA SER B 158 17.39 -16.92 7.07
C SER B 158 17.87 -17.60 5.79
N ASP B 159 18.39 -18.84 5.89
CA ASP B 159 18.83 -19.61 4.72
C ASP B 159 17.67 -19.93 3.77
N ASN B 160 16.51 -20.41 4.29
CA ASN B 160 15.30 -20.68 3.50
C ASN B 160 14.89 -19.43 2.69
N ALA B 161 14.84 -18.24 3.34
CA ALA B 161 14.51 -16.96 2.69
C ALA B 161 15.46 -16.68 1.51
N TYR B 162 16.75 -16.94 1.71
CA TYR B 162 17.78 -16.78 0.70
C TYR B 162 17.55 -17.72 -0.50
N GLN B 163 17.15 -19.00 -0.23
CA GLN B 163 16.88 -19.97 -1.32
C GLN B 163 15.61 -19.56 -2.07
N TYR B 164 14.54 -19.13 -1.36
CA TYR B 164 13.31 -18.61 -2.00
C TYR B 164 13.63 -17.43 -2.94
N MET B 165 14.48 -16.49 -2.50
CA MET B 165 14.92 -15.30 -3.27
C MET B 165 15.55 -15.74 -4.63
N LEU B 166 16.53 -16.65 -4.62
CA LEU B 166 17.16 -17.12 -5.85
C LEU B 166 16.26 -18.02 -6.72
N THR B 167 15.41 -18.88 -6.09
CA THR B 167 14.51 -19.78 -6.84
C THR B 167 13.33 -19.03 -7.47
N ASP B 168 12.66 -18.17 -6.70
CA ASP B 168 11.48 -17.43 -7.17
C ASP B 168 11.80 -16.11 -7.85
N ARG B 169 13.02 -15.57 -7.64
CA ARG B 169 13.48 -14.28 -8.16
C ARG B 169 12.62 -13.15 -7.60
N GLU B 170 12.52 -13.13 -6.27
CA GLU B 170 11.76 -12.10 -5.61
C GLU B 170 12.31 -11.75 -4.24
N ASN B 171 12.05 -10.51 -3.83
CA ASN B 171 12.48 -9.95 -2.54
C ASN B 171 11.81 -10.64 -1.38
N GLN B 172 12.54 -10.76 -0.29
CA GLN B 172 12.03 -11.45 0.88
C GLN B 172 12.05 -10.53 2.10
N SER B 173 11.20 -10.83 3.11
CA SER B 173 11.18 -10.13 4.36
C SER B 173 11.04 -11.12 5.52
N ILE B 174 11.76 -10.86 6.60
CA ILE B 174 11.73 -11.64 7.82
C ILE B 174 11.09 -10.72 8.87
N LEU B 175 9.83 -11.03 9.21
CA LEU B 175 8.97 -10.24 10.10
C LEU B 175 8.90 -10.90 11.45
N ILE B 176 9.57 -10.26 12.42
CA ILE B 176 9.77 -10.78 13.76
C ILE B 176 8.85 -10.08 14.74
N THR B 177 7.83 -10.80 15.20
CA THR B 177 6.81 -10.23 16.08
C THR B 177 7.05 -10.58 17.55
N GLY B 178 6.32 -9.88 18.43
CA GLY B 178 6.34 -10.16 19.85
C GLY B 178 6.15 -8.91 20.70
N GLU B 179 5.74 -9.14 21.95
CA GLU B 179 5.58 -8.10 22.94
C GLU B 179 7.01 -7.64 23.34
N SER B 180 7.12 -6.55 24.11
CA SER B 180 8.38 -6.03 24.64
C SER B 180 9.14 -7.10 25.45
N GLY B 181 10.39 -7.34 25.10
CA GLY B 181 11.23 -8.34 25.76
C GLY B 181 11.10 -9.75 25.23
N ALA B 182 10.27 -9.98 24.16
CA ALA B 182 10.06 -11.34 23.58
C ALA B 182 11.26 -11.91 22.82
N GLY B 183 12.06 -11.06 22.18
CA GLY B 183 13.26 -11.51 21.48
C GLY B 183 13.44 -11.03 20.06
N LYS B 184 12.68 -9.99 19.65
CA LYS B 184 12.72 -9.41 18.30
C LYS B 184 14.08 -8.87 17.89
N THR B 185 14.76 -8.09 18.78
CA THR B 185 16.08 -7.50 18.49
C THR B 185 17.18 -8.61 18.46
N VAL B 186 17.14 -9.59 19.40
CA VAL B 186 18.07 -10.74 19.44
C VAL B 186 17.99 -11.47 18.11
N ASN B 187 16.77 -11.84 17.66
CA ASN B 187 16.62 -12.59 16.41
C ASN B 187 16.96 -11.76 15.18
N THR B 188 16.65 -10.43 15.21
CA THR B 188 17.01 -9.52 14.12
C THR B 188 18.51 -9.56 13.87
N LYS B 189 19.31 -9.51 14.96
CA LYS B 189 20.77 -9.49 14.91
C LYS B 189 21.36 -10.82 14.51
N ARG B 190 20.65 -11.93 14.72
CA ARG B 190 21.15 -13.23 14.32
C ARG B 190 20.91 -13.44 12.83
N VAL B 191 19.84 -12.83 12.25
CA VAL B 191 19.58 -12.84 10.79
C VAL B 191 20.74 -12.10 10.07
N ILE B 192 21.09 -10.89 10.57
CA ILE B 192 22.18 -10.07 10.06
C ILE B 192 23.51 -10.84 10.19
N GLN B 193 23.76 -11.46 11.37
CA GLN B 193 24.96 -12.25 11.66
C GLN B 193 25.11 -13.39 10.65
N TYR B 194 23.99 -14.08 10.36
CA TYR B 194 23.96 -15.17 9.39
C TYR B 194 24.53 -14.77 8.01
N PHE B 195 24.00 -13.71 7.39
CA PHE B 195 24.45 -13.23 6.08
C PHE B 195 25.84 -12.64 6.11
N ALA B 196 26.20 -11.90 7.20
CA ALA B 196 27.53 -11.33 7.36
C ALA B 196 28.62 -12.40 7.44
N VAL B 197 28.42 -13.44 8.29
CA VAL B 197 29.38 -14.53 8.46
C VAL B 197 29.50 -15.37 7.18
N ILE B 198 28.37 -15.66 6.49
CA ILE B 198 28.39 -16.47 5.26
C ILE B 198 29.20 -15.73 4.19
N ALA B 199 28.97 -14.41 4.02
CA ALA B 199 29.67 -13.55 3.06
C ALA B 199 31.15 -13.40 3.40
N ALA B 200 31.52 -13.46 4.69
CA ALA B 200 32.91 -13.37 5.17
C ALA B 200 33.68 -14.63 4.75
N ILE B 201 32.93 -15.74 4.55
CA ILE B 201 33.27 -17.10 4.12
C ILE B 201 33.34 -18.02 5.34
N THR B 215 35.11 -4.10 6.60
CA THR B 215 34.30 -4.63 5.51
C THR B 215 32.81 -4.35 5.75
N LEU B 216 32.01 -4.60 4.71
CA LEU B 216 30.57 -4.42 4.71
C LEU B 216 29.93 -5.33 5.76
N GLU B 217 30.37 -6.60 5.81
CA GLU B 217 29.92 -7.64 6.77
C GLU B 217 30.14 -7.22 8.21
N ASP B 218 31.32 -6.60 8.50
CA ASP B 218 31.66 -6.10 9.85
C ASP B 218 30.75 -4.92 10.18
N GLN B 219 30.54 -4.02 9.21
CA GLN B 219 29.72 -2.81 9.39
C GLN B 219 28.23 -3.10 9.60
N ILE B 220 27.65 -4.11 8.91
CA ILE B 220 26.22 -4.49 9.10
C ILE B 220 25.99 -5.03 10.54
N ILE B 221 26.99 -5.71 11.13
CA ILE B 221 26.93 -6.21 12.50
C ILE B 221 27.12 -5.07 13.53
N GLN B 222 28.02 -4.11 13.22
CA GLN B 222 28.36 -3.00 14.12
C GLN B 222 27.37 -1.83 14.09
N ALA B 223 26.43 -1.86 13.13
CA ALA B 223 25.38 -0.85 13.03
C ALA B 223 24.45 -0.87 14.25
N ASN B 224 24.12 -2.08 14.76
CA ASN B 224 23.18 -2.26 15.89
C ASN B 224 23.74 -1.75 17.24
N PRO B 225 24.99 -2.05 17.71
CA PRO B 225 25.45 -1.46 18.99
C PRO B 225 25.45 0.07 18.98
N ALA B 226 25.79 0.70 17.84
CA ALA B 226 25.78 2.17 17.71
C ALA B 226 24.33 2.72 17.86
N LEU B 227 23.36 2.07 17.18
CA LEU B 227 21.96 2.47 17.22
C LEU B 227 21.34 2.20 18.60
N GLU B 228 21.69 1.07 19.23
CA GLU B 228 21.16 0.69 20.55
C GLU B 228 21.60 1.61 21.66
N ALA B 229 22.84 2.16 21.58
CA ALA B 229 23.32 3.13 22.58
C ALA B 229 22.39 4.37 22.62
N PHE B 230 21.95 4.83 21.45
CA PHE B 230 21.13 6.04 21.33
C PHE B 230 19.62 5.83 21.23
N GLY B 231 19.20 4.66 20.76
CA GLY B 231 17.80 4.32 20.55
C GLY B 231 17.17 3.32 21.48
N ASN B 232 17.97 2.65 22.34
CA ASN B 232 17.46 1.64 23.29
C ASN B 232 17.59 2.09 24.73
N ALA B 233 16.69 1.57 25.59
CA ALA B 233 16.67 1.96 27.02
C ALA B 233 15.99 0.92 27.88
N LYS B 234 16.30 0.94 29.18
CA LYS B 234 15.68 0.05 30.14
C LYS B 234 14.27 0.52 30.46
N THR B 235 13.30 -0.36 30.24
CA THR B 235 11.90 -0.11 30.59
C THR B 235 11.55 -1.16 31.62
N VAL B 236 10.36 -1.07 32.22
CA VAL B 236 9.89 -2.06 33.20
C VAL B 236 9.78 -3.46 32.55
N ARG B 237 9.57 -3.54 31.21
CA ARG B 237 9.43 -4.81 30.49
C ARG B 237 10.72 -5.35 29.87
N ASN B 238 11.63 -4.47 29.46
CA ASN B 238 12.86 -4.93 28.83
C ASN B 238 14.04 -4.06 29.23
N ASP B 239 15.14 -4.68 29.72
CA ASP B 239 16.38 -4.00 30.10
C ASP B 239 17.05 -3.35 28.89
N ASN B 240 16.81 -3.89 27.69
CA ASN B 240 17.32 -3.36 26.43
C ASN B 240 16.18 -3.11 25.42
N SER B 241 15.16 -2.34 25.83
CA SER B 241 13.99 -2.06 24.97
C SER B 241 14.31 -1.12 23.79
N SER B 242 13.88 -1.49 22.56
CA SER B 242 14.03 -0.65 21.36
C SER B 242 12.96 0.42 21.43
N ARG B 243 13.38 1.70 21.39
CA ARG B 243 12.44 2.82 21.49
C ARG B 243 12.22 3.46 20.13
N PHE B 244 12.51 2.68 19.06
CA PHE B 244 12.39 3.02 17.65
C PHE B 244 12.24 1.73 16.86
N GLY B 245 11.62 1.84 15.69
CA GLY B 245 11.41 0.75 14.76
C GLY B 245 12.47 0.81 13.70
N LYS B 246 12.76 -0.33 13.06
CA LYS B 246 13.74 -0.39 11.96
C LYS B 246 13.48 -1.51 10.98
N PHE B 247 13.74 -1.23 9.69
CA PHE B 247 13.67 -2.16 8.58
C PHE B 247 15.06 -2.20 7.95
N ILE B 248 15.78 -3.34 8.08
CA ILE B 248 17.14 -3.51 7.54
C ILE B 248 17.05 -4.29 6.23
N ARG B 249 17.49 -3.69 5.11
CA ARG B 249 17.51 -4.41 3.83
C ARG B 249 18.91 -4.89 3.52
N ILE B 250 19.07 -6.20 3.26
CA ILE B 250 20.36 -6.78 2.89
C ILE B 250 20.24 -7.04 1.38
N HIS B 251 20.98 -6.28 0.57
CA HIS B 251 20.93 -6.35 -0.90
C HIS B 251 21.88 -7.40 -1.47
N PHE B 252 21.40 -8.14 -2.49
CA PHE B 252 22.14 -9.20 -3.16
C PHE B 252 22.19 -9.04 -4.69
N GLY B 253 23.29 -9.49 -5.29
CA GLY B 253 23.41 -9.51 -6.74
C GLY B 253 22.53 -10.62 -7.30
N ALA B 254 22.33 -10.64 -8.63
CA ALA B 254 21.48 -11.63 -9.33
C ALA B 254 21.83 -13.11 -9.01
N THR B 255 23.11 -13.42 -8.74
CA THR B 255 23.54 -14.79 -8.45
C THR B 255 23.61 -15.06 -6.94
N GLY B 256 23.27 -14.07 -6.13
CA GLY B 256 23.22 -14.23 -4.68
C GLY B 256 24.41 -13.77 -3.88
N LYS B 257 25.31 -12.95 -4.46
CA LYS B 257 26.45 -12.37 -3.72
C LYS B 257 26.00 -11.13 -2.94
N LEU B 258 26.42 -10.99 -1.68
CA LEU B 258 26.10 -9.83 -0.82
C LEU B 258 26.61 -8.57 -1.51
N ALA B 259 25.74 -7.56 -1.71
CA ALA B 259 26.11 -6.36 -2.44
C ALA B 259 26.17 -5.09 -1.59
N SER B 260 25.11 -4.82 -0.81
CA SER B 260 24.92 -3.61 -0.01
C SER B 260 23.92 -3.86 1.11
N ALA B 261 23.66 -2.82 1.92
CA ALA B 261 22.65 -2.83 2.99
C ALA B 261 22.21 -1.40 3.28
N ASP B 262 21.02 -1.25 3.84
CA ASP B 262 20.49 0.07 4.23
C ASP B 262 19.58 -0.10 5.41
N ILE B 263 19.45 0.96 6.23
CA ILE B 263 18.62 0.98 7.43
C ILE B 263 17.64 2.13 7.39
N GLU B 264 16.35 1.80 7.52
CA GLU B 264 15.28 2.77 7.67
C GLU B 264 14.83 2.69 9.16
N THR B 265 14.83 3.83 9.86
CA THR B 265 14.41 3.89 11.27
C THR B 265 13.11 4.68 11.37
N TYR B 266 12.23 4.29 12.32
CA TYR B 266 10.93 4.91 12.50
C TYR B 266 10.64 5.35 13.92
N LEU B 267 10.20 6.60 14.04
CA LEU B 267 9.71 7.26 15.25
C LEU B 267 10.43 6.92 16.55
N LEU B 268 11.53 7.63 16.81
CA LEU B 268 12.26 7.51 18.07
C LEU B 268 11.35 8.15 19.15
N GLU B 269 11.31 7.56 20.36
CA GLU B 269 10.53 8.05 21.49
C GLU B 269 11.24 9.28 22.08
N LYS B 270 10.76 10.46 21.74
CA LYS B 270 11.41 11.68 22.18
C LYS B 270 11.32 11.97 23.68
N SER B 271 10.19 11.70 24.33
CA SER B 271 10.01 12.07 25.76
C SER B 271 11.03 11.46 26.72
N ARG B 272 11.57 10.25 26.41
CA ARG B 272 12.55 9.53 27.25
C ARG B 272 13.82 10.33 27.50
N VAL B 273 14.23 11.13 26.51
CA VAL B 273 15.39 12.02 26.59
C VAL B 273 15.39 12.90 27.85
N ILE B 274 14.21 13.43 28.22
CA ILE B 274 14.03 14.38 29.33
C ILE B 274 13.12 13.88 30.45
N PHE B 275 12.51 12.68 30.29
CA PHE B 275 11.53 12.15 31.25
C PHE B 275 11.64 10.65 31.41
N GLN B 276 11.55 10.17 32.66
CA GLN B 276 11.55 8.73 32.97
C GLN B 276 10.49 8.44 34.03
N LEU B 277 9.83 7.28 33.90
CA LEU B 277 8.89 6.77 34.90
C LEU B 277 9.75 6.05 35.95
N LYS B 278 9.20 5.81 37.16
CA LYS B 278 9.88 5.19 38.31
C LYS B 278 10.81 4.01 37.97
N ALA B 279 10.29 2.98 37.30
CA ALA B 279 11.04 1.77 37.01
C ALA B 279 11.73 1.77 35.63
N GLU B 280 12.18 2.94 35.14
CA GLU B 280 12.84 2.96 33.84
C GLU B 280 14.01 3.97 33.76
N ARG B 281 14.79 3.91 32.68
CA ARG B 281 15.94 4.77 32.47
C ARG B 281 15.82 5.58 31.22
N ASP B 282 16.70 6.59 31.04
CA ASP B 282 16.83 7.35 29.79
C ASP B 282 17.62 6.40 28.81
N TYR B 283 17.97 6.88 27.61
CA TYR B 283 18.78 6.07 26.68
C TYR B 283 20.12 5.66 27.27
N HIS B 284 20.61 4.45 26.92
CA HIS B 284 21.84 3.83 27.41
C HIS B 284 23.04 4.76 27.37
N ILE B 285 23.23 5.49 26.24
CA ILE B 285 24.40 6.36 26.02
C ILE B 285 24.81 7.19 27.25
N PHE B 286 23.84 7.86 27.91
CA PHE B 286 24.11 8.71 29.08
C PHE B 286 24.86 7.99 30.18
N TYR B 287 24.42 6.77 30.53
CA TYR B 287 24.99 5.87 31.54
C TYR B 287 26.31 5.25 31.09
N GLN B 288 26.42 4.97 29.77
CA GLN B 288 27.64 4.46 29.15
C GLN B 288 28.77 5.49 29.31
N ILE B 289 28.48 6.77 29.02
CA ILE B 289 29.42 7.88 29.17
C ILE B 289 29.77 8.05 30.67
N LEU B 290 28.77 8.14 31.55
CA LEU B 290 28.94 8.33 32.99
C LEU B 290 29.66 7.18 33.73
N SER B 291 29.82 6.00 33.08
CA SER B 291 30.48 4.80 33.62
C SER B 291 31.92 5.06 34.05
N ASN B 292 32.56 6.07 33.43
CA ASN B 292 33.93 6.53 33.62
C ASN B 292 34.95 5.58 33.00
N LYS B 293 34.49 4.74 32.06
CA LYS B 293 35.32 3.80 31.32
C LYS B 293 36.32 4.55 30.40
N LYS B 294 35.92 5.71 29.88
CA LYS B 294 36.76 6.58 29.06
C LYS B 294 36.73 7.92 29.81
N PRO B 295 37.63 8.12 30.82
CA PRO B 295 37.57 9.35 31.63
C PRO B 295 37.68 10.67 30.86
N GLU B 296 38.28 10.62 29.67
CA GLU B 296 38.48 11.78 28.79
C GLU B 296 37.16 12.33 28.25
N LEU B 297 36.14 11.46 28.12
CA LEU B 297 34.80 11.86 27.69
C LEU B 297 34.15 12.77 28.73
N LEU B 298 34.37 12.49 30.03
CA LEU B 298 33.81 13.29 31.12
C LEU B 298 34.46 14.65 31.15
N ASP B 299 35.78 14.69 30.87
CA ASP B 299 36.53 15.93 30.81
C ASP B 299 36.12 16.76 29.59
N MET B 300 35.93 16.10 28.43
CA MET B 300 35.50 16.72 27.17
C MET B 300 34.08 17.31 27.28
N LEU B 301 33.14 16.57 27.92
CA LEU B 301 31.72 16.95 28.07
C LEU B 301 31.46 17.90 29.23
N LEU B 302 32.50 18.16 30.06
CA LEU B 302 32.47 19.06 31.25
C LEU B 302 31.45 18.60 32.29
N ILE B 303 31.38 17.28 32.50
CA ILE B 303 30.46 16.56 33.41
C ILE B 303 31.18 15.77 34.51
N THR B 304 30.42 15.46 35.60
CA THR B 304 30.84 14.62 36.73
C THR B 304 30.56 13.15 36.34
N ASN B 305 30.70 12.20 37.28
CA ASN B 305 30.41 10.79 36.99
C ASN B 305 29.10 10.37 37.67
N ASN B 306 28.34 11.37 38.15
CA ASN B 306 27.11 11.14 38.88
C ASN B 306 25.87 11.42 38.06
N PRO B 307 25.07 10.39 37.69
CA PRO B 307 23.84 10.65 36.91
C PRO B 307 22.80 11.51 37.65
N TYR B 308 22.79 11.46 38.99
CA TYR B 308 21.89 12.22 39.87
C TYR B 308 22.19 13.71 39.86
N ASP B 309 23.29 14.11 39.20
CA ASP B 309 23.69 15.50 38.99
C ASP B 309 23.00 16.07 37.74
N TYR B 310 22.32 15.21 36.94
CA TYR B 310 21.66 15.58 35.67
C TYR B 310 20.18 15.23 35.71
N ALA B 311 19.33 16.29 35.79
CA ALA B 311 17.87 16.24 35.95
C ALA B 311 17.12 15.43 34.91
N PHE B 312 17.48 15.62 33.63
CA PHE B 312 16.88 14.92 32.49
C PHE B 312 16.98 13.40 32.51
N ILE B 313 18.03 12.89 33.19
CA ILE B 313 18.57 11.52 33.13
C ILE B 313 18.41 10.66 34.42
N SER B 314 17.96 11.26 35.53
CA SER B 314 17.89 10.59 36.83
C SER B 314 16.53 10.56 37.52
N GLN B 315 15.42 10.60 36.75
CA GLN B 315 14.05 10.58 37.31
C GLN B 315 13.54 9.18 37.70
N GLY B 316 14.11 8.15 37.09
CA GLY B 316 13.76 6.76 37.33
C GLY B 316 14.92 6.00 37.93
N GLU B 317 15.48 5.08 37.17
CA GLU B 317 16.63 4.29 37.62
C GLU B 317 17.87 4.76 36.91
N THR B 318 19.05 4.49 37.50
CA THR B 318 20.32 4.88 36.90
C THR B 318 21.20 3.67 36.56
N THR B 319 20.98 2.52 37.23
CA THR B 319 21.74 1.27 37.00
C THR B 319 20.81 0.08 36.73
N VAL B 320 21.27 -0.88 35.92
CA VAL B 320 20.56 -2.09 35.51
C VAL B 320 21.50 -3.26 35.82
N ALA B 321 21.03 -4.25 36.60
CA ALA B 321 21.83 -5.40 37.03
C ALA B 321 22.44 -6.20 35.88
N SER B 322 21.67 -6.36 34.78
CA SER B 322 22.08 -7.14 33.61
C SER B 322 22.92 -6.36 32.58
N ILE B 323 23.19 -5.06 32.82
CA ILE B 323 23.96 -4.24 31.87
C ILE B 323 25.24 -3.73 32.51
N ASP B 324 26.37 -3.90 31.79
CA ASP B 324 27.68 -3.37 32.16
C ASP B 324 27.87 -2.15 31.23
N ASP B 325 27.52 -0.96 31.73
CA ASP B 325 27.60 0.30 30.99
C ASP B 325 29.01 0.66 30.57
N ALA B 326 30.04 0.22 31.36
CA ALA B 326 31.47 0.41 31.04
C ALA B 326 31.80 -0.43 29.83
N GLU B 327 31.39 -1.72 29.84
CA GLU B 327 31.60 -2.62 28.70
C GLU B 327 30.87 -2.11 27.46
N GLU B 328 29.60 -1.65 27.63
CA GLU B 328 28.78 -1.17 26.52
C GLU B 328 29.32 0.09 25.85
N LEU B 329 29.96 0.99 26.61
CA LEU B 329 30.55 2.20 26.06
C LEU B 329 31.63 1.82 25.04
N MET B 330 32.47 0.84 25.40
CA MET B 330 33.55 0.32 24.56
C MET B 330 32.95 -0.33 23.31
N ALA B 331 31.80 -1.04 23.43
CA ALA B 331 31.11 -1.65 22.29
C ALA B 331 30.62 -0.52 21.36
N THR B 332 29.98 0.54 21.92
CA THR B 332 29.53 1.71 21.15
C THR B 332 30.71 2.36 20.41
N ASP B 333 31.79 2.70 21.14
CA ASP B 333 32.93 3.40 20.57
C ASP B 333 33.65 2.58 19.50
N ASN B 334 33.70 1.27 19.66
CA ASN B 334 34.33 0.37 18.68
C ASN B 334 33.44 0.27 17.46
N ALA B 335 32.10 0.31 17.67
CA ALA B 335 31.10 0.24 16.62
C ALA B 335 31.24 1.46 15.69
N PHE B 336 31.51 2.64 16.24
CA PHE B 336 31.73 3.84 15.42
C PHE B 336 33.01 3.76 14.61
N ASP B 337 34.06 3.16 15.20
CA ASP B 337 35.37 2.99 14.53
C ASP B 337 35.23 2.11 13.30
N VAL B 338 34.59 0.93 13.45
CA VAL B 338 34.33 -0.06 12.39
C VAL B 338 33.50 0.59 11.25
N LEU B 339 32.51 1.42 11.63
CA LEU B 339 31.63 2.13 10.69
C LEU B 339 32.32 3.31 9.98
N GLY B 340 33.57 3.59 10.36
CA GLY B 340 34.37 4.65 9.74
C GLY B 340 34.05 6.06 10.17
N PHE B 341 33.52 6.24 11.41
CA PHE B 341 33.24 7.60 11.92
C PHE B 341 34.57 8.22 12.30
N THR B 342 34.78 9.49 11.92
CA THR B 342 36.01 10.21 12.26
C THR B 342 36.00 10.52 13.78
N THR B 343 37.13 10.99 14.33
CA THR B 343 37.24 11.41 15.73
C THR B 343 36.30 12.60 15.96
N GLU B 344 36.25 13.52 15.01
CA GLU B 344 35.42 14.72 15.01
C GLU B 344 33.92 14.35 15.01
N GLU B 345 33.53 13.30 14.25
CA GLU B 345 32.14 12.83 14.16
C GLU B 345 31.70 12.19 15.48
N LYS B 346 32.51 11.22 15.98
CA LYS B 346 32.31 10.53 17.27
C LYS B 346 32.20 11.55 18.40
N ASN B 347 33.16 12.52 18.47
CA ASN B 347 33.23 13.59 19.47
C ASN B 347 32.04 14.52 19.44
N SER B 348 31.58 14.93 18.24
CA SER B 348 30.41 15.83 18.11
C SER B 348 29.16 15.19 18.71
N MET B 349 29.04 13.85 18.57
CA MET B 349 27.94 13.07 19.12
C MET B 349 28.02 13.00 20.64
N TYR B 350 29.23 12.76 21.18
CA TYR B 350 29.46 12.78 22.64
C TYR B 350 29.20 14.18 23.22
N LYS B 351 29.71 15.25 22.57
CA LYS B 351 29.55 16.66 22.97
C LYS B 351 28.11 17.10 23.02
N LEU B 352 27.30 16.72 22.00
CA LEU B 352 25.87 17.06 21.96
C LEU B 352 25.10 16.33 23.03
N THR B 353 25.50 15.08 23.38
CA THR B 353 24.89 14.29 24.46
C THR B 353 25.16 14.99 25.80
N GLY B 354 26.40 15.47 26.00
CA GLY B 354 26.84 16.21 27.18
C GLY B 354 26.14 17.54 27.29
N ALA B 355 25.98 18.25 26.16
CA ALA B 355 25.26 19.53 26.07
C ALA B 355 23.79 19.33 26.49
N ILE B 356 23.16 18.19 26.10
CA ILE B 356 21.78 17.86 26.49
C ILE B 356 21.68 17.69 28.02
N MET B 357 22.66 16.99 28.62
CA MET B 357 22.75 16.77 30.08
C MET B 357 22.77 18.11 30.83
N HIS B 358 23.64 19.04 30.38
CA HIS B 358 23.79 20.39 30.95
C HIS B 358 22.53 21.25 30.79
N PHE B 359 21.88 21.14 29.62
CA PHE B 359 20.67 21.86 29.21
C PHE B 359 19.52 21.65 30.19
N GLY B 360 19.35 20.42 30.67
CA GLY B 360 18.32 20.11 31.63
C GLY B 360 18.51 20.65 33.03
N ASN B 361 19.76 21.08 33.35
CA ASN B 361 20.18 21.59 34.64
C ASN B 361 20.07 23.11 34.75
N MET B 362 19.70 23.79 33.63
CA MET B 362 19.49 25.24 33.65
C MET B 362 18.21 25.51 34.47
N LYS B 363 18.36 26.19 35.61
CA LYS B 363 17.26 26.54 36.51
C LYS B 363 16.76 27.94 36.21
N PHE B 364 15.46 28.17 36.48
CA PHE B 364 14.79 29.45 36.27
C PHE B 364 13.92 29.81 37.48
N LYS B 365 13.72 31.11 37.71
CA LYS B 365 12.93 31.66 38.80
C LYS B 365 11.97 32.73 38.31
N LEU B 366 10.83 32.87 39.00
CA LEU B 366 9.76 33.83 38.70
C LEU B 366 10.08 35.20 39.28
N GLN B 372 6.65 35.81 34.98
CA GLN B 372 7.84 35.94 34.15
C GLN B 372 9.09 35.25 34.75
N ALA B 373 9.67 34.32 33.97
CA ALA B 373 10.88 33.57 34.31
C ALA B 373 12.13 34.39 33.99
N GLU B 374 13.19 34.16 34.77
CA GLU B 374 14.51 34.77 34.62
C GLU B 374 15.55 33.70 35.02
N PRO B 375 16.79 33.67 34.47
CA PRO B 375 17.74 32.61 34.90
C PRO B 375 18.02 32.63 36.39
N ASP B 376 18.14 31.44 36.97
CA ASP B 376 18.46 31.23 38.38
C ASP B 376 19.83 30.52 38.35
N GLY B 377 20.88 31.31 38.15
CA GLY B 377 22.24 30.82 37.94
C GLY B 377 22.46 30.64 36.45
N THR B 378 23.73 30.67 35.98
CA THR B 378 24.04 30.54 34.54
C THR B 378 25.17 29.54 34.21
N GLU B 379 25.76 28.86 35.24
CA GLU B 379 26.87 27.91 35.07
C GLU B 379 26.57 26.78 34.09
N GLU B 380 25.40 26.11 34.23
CA GLU B 380 24.99 24.98 33.36
C GLU B 380 24.61 25.47 31.96
N ALA B 381 24.13 26.72 31.83
CA ALA B 381 23.79 27.33 30.54
C ALA B 381 25.09 27.62 29.77
N ASP B 382 26.13 28.12 30.49
CA ASP B 382 27.44 28.42 29.92
C ASP B 382 28.09 27.16 29.32
N LYS B 383 28.02 26.02 30.03
CA LYS B 383 28.58 24.72 29.60
C LYS B 383 27.83 24.19 28.36
N SER B 384 26.47 24.25 28.40
CA SER B 384 25.54 23.87 27.33
C SER B 384 25.88 24.61 26.04
N ALA B 385 25.85 25.96 26.09
CA ALA B 385 26.18 26.84 24.97
C ALA B 385 27.61 26.62 24.48
N TYR B 386 28.57 26.36 25.40
CA TYR B 386 29.96 26.10 25.02
C TYR B 386 30.08 24.87 24.12
N LEU B 387 29.46 23.75 24.54
CA LEU B 387 29.49 22.49 23.79
C LEU B 387 28.68 22.59 22.50
N MET B 388 27.63 23.42 22.51
CA MET B 388 26.71 23.65 21.38
C MET B 388 27.17 24.73 20.39
N GLY B 389 28.25 25.43 20.71
CA GLY B 389 28.79 26.49 19.86
C GLY B 389 27.86 27.69 19.76
N LEU B 390 27.23 28.04 20.89
CA LEU B 390 26.31 29.17 21.01
C LEU B 390 26.79 30.15 22.07
N ASN B 391 26.16 31.35 22.12
CA ASN B 391 26.40 32.36 23.11
C ASN B 391 25.37 32.10 24.21
N SER B 392 25.80 31.97 25.48
CA SER B 392 24.87 31.65 26.58
C SER B 392 23.86 32.75 26.89
N ALA B 393 24.23 34.04 26.67
CA ALA B 393 23.34 35.18 26.89
C ALA B 393 22.20 35.17 25.86
N ASP B 394 22.51 34.82 24.60
CA ASP B 394 21.53 34.70 23.51
C ASP B 394 20.57 33.54 23.80
N LEU B 395 21.11 32.39 24.27
CA LEU B 395 20.33 31.18 24.63
C LEU B 395 19.29 31.51 25.71
N LEU B 396 19.77 32.08 26.84
CA LEU B 396 18.94 32.46 27.98
C LEU B 396 17.90 33.53 27.63
N LYS B 397 18.25 34.50 26.78
CA LYS B 397 17.29 35.53 26.36
C LYS B 397 16.23 34.96 25.43
N GLY B 398 16.64 34.02 24.56
CA GLY B 398 15.75 33.34 23.62
C GLY B 398 14.70 32.48 24.31
N LEU B 399 15.11 31.81 25.41
CA LEU B 399 14.26 30.96 26.23
C LEU B 399 13.29 31.79 27.09
N CYS B 400 13.75 32.92 27.62
CA CYS B 400 12.91 33.76 28.48
C CYS B 400 12.03 34.75 27.71
N HIS B 401 12.50 35.21 26.55
CA HIS B 401 11.81 36.18 25.71
C HIS B 401 11.82 35.82 24.21
N PRO B 402 11.06 34.78 23.76
CA PRO B 402 11.06 34.47 22.32
C PRO B 402 10.51 35.63 21.46
N ARG B 403 11.06 35.80 20.25
CA ARG B 403 10.64 36.84 19.30
C ARG B 403 9.33 36.45 18.62
N VAL B 404 8.49 37.48 18.32
CA VAL B 404 7.18 37.39 17.67
C VAL B 404 7.08 38.53 16.66
N LYS B 405 6.54 38.24 15.47
CA LYS B 405 6.36 39.19 14.38
C LYS B 405 5.03 39.94 14.53
N VAL B 406 5.10 41.30 14.61
CA VAL B 406 3.95 42.20 14.68
C VAL B 406 4.25 43.29 13.66
N GLY B 407 3.81 43.05 12.41
CA GLY B 407 4.06 43.92 11.27
C GLY B 407 5.53 43.92 10.87
N ASN B 408 6.11 45.13 10.75
CA ASN B 408 7.53 45.33 10.41
C ASN B 408 8.41 45.29 11.68
N GLU B 409 7.77 45.00 12.84
CA GLU B 409 8.41 44.94 14.16
C GLU B 409 8.54 43.50 14.71
N TYR B 410 9.54 43.32 15.56
CA TYR B 410 9.82 42.08 16.27
C TYR B 410 9.72 42.44 17.76
N VAL B 411 8.83 41.73 18.48
CA VAL B 411 8.54 41.94 19.90
C VAL B 411 8.76 40.65 20.69
N THR B 412 9.01 40.75 21.99
CA THR B 412 9.20 39.56 22.81
C THR B 412 7.91 39.15 23.51
N LYS B 413 7.74 37.84 23.63
CA LYS B 413 6.62 37.20 24.29
C LYS B 413 7.09 36.85 25.70
N GLY B 414 6.28 37.17 26.69
CA GLY B 414 6.58 36.83 28.08
C GLY B 414 6.45 35.32 28.29
N GLN B 415 7.22 34.78 29.24
CA GLN B 415 7.16 33.35 29.55
C GLN B 415 7.31 33.16 31.05
N ASN B 416 6.43 32.36 31.69
CA ASN B 416 6.62 32.01 33.10
C ASN B 416 7.65 30.84 33.19
N VAL B 417 7.95 30.32 34.42
CA VAL B 417 8.92 29.23 34.58
C VAL B 417 8.40 27.91 33.96
N GLN B 418 7.09 27.60 34.09
CA GLN B 418 6.49 26.38 33.49
C GLN B 418 6.71 26.34 31.97
N GLN B 419 6.52 27.51 31.31
CA GLN B 419 6.69 27.69 29.87
C GLN B 419 8.14 27.50 29.43
N VAL B 420 9.10 28.09 30.18
CA VAL B 420 10.54 27.98 29.88
C VAL B 420 11.00 26.53 30.07
N VAL B 421 10.62 25.87 31.19
CA VAL B 421 10.94 24.45 31.47
C VAL B 421 10.42 23.55 30.32
N TYR B 422 9.16 23.77 29.84
CA TYR B 422 8.58 23.02 28.73
C TYR B 422 9.42 23.24 27.45
N ALA B 423 9.74 24.52 27.15
CA ALA B 423 10.52 24.92 25.96
C ALA B 423 11.91 24.33 25.97
N LYS B 424 12.57 24.34 27.14
CA LYS B 424 13.91 23.81 27.38
C LYS B 424 13.93 22.31 27.03
N GLY B 425 12.90 21.60 27.48
CA GLY B 425 12.70 20.18 27.23
C GLY B 425 12.47 19.87 25.77
N ALA B 426 11.54 20.61 25.11
CA ALA B 426 11.21 20.47 23.68
C ALA B 426 12.49 20.56 22.79
N LEU B 427 13.36 21.56 23.08
CA LEU B 427 14.60 21.78 22.32
C LEU B 427 15.64 20.64 22.50
N ALA B 428 15.79 20.09 23.73
CA ALA B 428 16.72 18.99 24.02
C ALA B 428 16.28 17.71 23.29
N LYS B 429 14.95 17.41 23.27
CA LYS B 429 14.38 16.27 22.56
C LYS B 429 14.65 16.39 21.07
N ALA B 430 14.40 17.58 20.47
CA ALA B 430 14.64 17.84 19.04
C ALA B 430 16.10 17.68 18.62
N VAL B 431 17.07 18.20 19.44
CA VAL B 431 18.52 18.03 19.20
C VAL B 431 18.88 16.52 19.19
N TYR B 432 18.39 15.77 20.23
CA TYR B 432 18.62 14.33 20.38
C TYR B 432 18.07 13.52 19.22
N GLU B 433 16.78 13.74 18.86
CA GLU B 433 16.14 13.01 17.76
C GLU B 433 16.85 13.28 16.42
N ARG B 434 17.18 14.55 16.12
CA ARG B 434 17.86 14.90 14.87
C ARG B 434 19.27 14.31 14.81
N MET B 435 19.94 14.19 15.98
CA MET B 435 21.28 13.62 16.12
C MET B 435 21.22 12.12 15.82
N PHE B 436 20.21 11.43 16.35
CA PHE B 436 19.97 10.02 16.11
C PHE B 436 19.71 9.81 14.60
N ASN B 437 18.88 10.67 13.99
CA ASN B 437 18.57 10.57 12.56
C ASN B 437 19.81 10.83 11.70
N TRP B 438 20.71 11.74 12.16
CA TRP B 438 21.97 12.04 11.48
C TRP B 438 22.83 10.76 11.48
N MET B 439 22.90 10.09 12.64
CA MET B 439 23.69 8.86 12.82
C MET B 439 23.24 7.75 11.88
N VAL B 440 21.92 7.58 11.69
CA VAL B 440 21.36 6.55 10.79
C VAL B 440 21.78 6.85 9.33
N THR B 441 21.63 8.14 8.91
CA THR B 441 22.01 8.62 7.58
C THR B 441 23.51 8.35 7.33
N ARG B 442 24.34 8.58 8.37
CA ARG B 442 25.79 8.39 8.33
C ARG B 442 26.17 6.90 8.26
N ILE B 443 25.45 6.01 9.00
CA ILE B 443 25.68 4.55 8.93
C ILE B 443 25.33 4.09 7.48
N ASN B 444 24.25 4.65 6.89
CA ASN B 444 23.79 4.34 5.54
C ASN B 444 24.79 4.71 4.47
N ALA B 445 25.46 5.85 4.67
CA ALA B 445 26.51 6.34 3.76
C ALA B 445 27.64 5.32 3.66
N THR B 446 28.01 4.63 4.76
CA THR B 446 29.08 3.64 4.76
C THR B 446 28.59 2.27 4.24
N LEU B 447 27.35 1.88 4.58
CA LEU B 447 26.75 0.62 4.14
C LEU B 447 26.47 0.54 2.63
N GLU B 448 26.22 1.72 1.99
CA GLU B 448 26.00 1.82 0.55
C GLU B 448 27.35 1.68 -0.15
N THR B 449 27.51 0.61 -0.93
CA THR B 449 28.75 0.26 -1.62
C THR B 449 28.78 0.62 -3.11
N LYS B 450 27.62 0.98 -3.69
CA LYS B 450 27.47 1.28 -5.13
C LYS B 450 27.72 0.02 -6.04
N GLN B 451 27.66 -1.17 -5.40
CA GLN B 451 27.82 -2.47 -6.03
C GLN B 451 26.46 -2.87 -6.61
N PRO B 452 26.39 -3.43 -7.85
CA PRO B 452 25.08 -3.79 -8.43
C PRO B 452 24.31 -4.87 -7.64
N ARG B 453 22.97 -4.78 -7.65
CA ARG B 453 22.06 -5.69 -6.94
C ARG B 453 20.77 -5.94 -7.69
N GLN B 454 20.07 -7.00 -7.32
CA GLN B 454 18.82 -7.37 -7.97
C GLN B 454 17.73 -7.65 -6.98
N TYR B 455 18.10 -8.18 -5.79
CA TYR B 455 17.12 -8.52 -4.75
C TYR B 455 17.60 -8.03 -3.41
N PHE B 456 16.72 -8.15 -2.43
CA PHE B 456 17.00 -7.83 -1.04
C PHE B 456 16.24 -8.75 -0.12
N ILE B 457 16.77 -8.93 1.08
CA ILE B 457 16.12 -9.59 2.19
C ILE B 457 15.99 -8.51 3.27
N GLY B 458 14.76 -8.15 3.58
CA GLY B 458 14.44 -7.14 4.60
C GLY B 458 14.13 -7.77 5.94
N VAL B 459 14.67 -7.20 7.03
CA VAL B 459 14.43 -7.71 8.39
C VAL B 459 13.73 -6.62 9.19
N LEU B 460 12.49 -6.88 9.64
CA LEU B 460 11.72 -5.91 10.40
C LEU B 460 11.81 -6.13 11.90
N ASP B 461 12.24 -5.08 12.62
CA ASP B 461 12.38 -5.04 14.08
C ASP B 461 11.66 -3.78 14.66
N ILE B 462 10.38 -3.93 14.97
CA ILE B 462 9.56 -2.84 15.56
C ILE B 462 9.70 -2.86 17.09
N ALA B 463 9.24 -1.80 17.76
CA ALA B 463 9.13 -1.74 19.21
C ALA B 463 7.84 -2.55 19.49
N GLY B 464 7.91 -3.53 20.39
CA GLY B 464 6.81 -4.46 20.68
C GLY B 464 5.69 -4.00 21.59
N PHE B 465 4.56 -4.71 21.57
CA PHE B 465 3.37 -4.43 22.37
C PHE B 465 3.75 -4.26 23.84
N GLU B 466 3.34 -3.13 24.42
CA GLU B 466 3.63 -2.85 25.83
C GLU B 466 2.46 -2.20 26.56
N ILE B 467 2.34 -2.54 27.85
CA ILE B 467 1.37 -1.99 28.78
C ILE B 467 2.16 -1.60 30.03
N PHE B 468 2.15 -0.32 30.38
CA PHE B 468 2.78 0.21 31.59
C PHE B 468 1.65 0.60 32.58
N ASP B 469 2.00 1.13 33.78
CA ASP B 469 1.05 1.62 34.77
C ASP B 469 0.49 2.95 34.25
N PHE B 470 1.27 3.63 33.40
CA PHE B 470 0.94 4.88 32.74
C PHE B 470 1.22 4.73 31.24
N ASN B 471 0.15 4.73 30.43
CA ASN B 471 0.23 4.61 28.96
C ASN B 471 -0.24 5.90 28.35
N SER B 472 0.60 6.49 27.53
CA SER B 472 0.36 7.77 26.89
C SER B 472 0.45 7.62 25.34
N PHE B 473 0.63 8.74 24.61
CA PHE B 473 0.70 8.82 23.15
C PHE B 473 1.74 7.89 22.56
N GLU B 474 2.90 7.74 23.24
CA GLU B 474 4.00 6.88 22.78
C GLU B 474 3.60 5.41 22.79
N GLN B 475 2.79 4.98 23.78
CA GLN B 475 2.30 3.59 23.86
C GLN B 475 1.24 3.35 22.78
N LEU B 476 0.38 4.36 22.46
CA LEU B 476 -0.61 4.22 21.38
C LEU B 476 0.07 3.98 20.01
N CYS B 477 1.08 4.80 19.65
CA CYS B 477 1.85 4.68 18.40
C CYS B 477 2.52 3.30 18.28
N ILE B 478 3.16 2.82 19.38
CA ILE B 478 3.82 1.51 19.48
C ILE B 478 2.81 0.37 19.31
N ASN B 479 1.76 0.36 20.15
CA ASN B 479 0.72 -0.69 20.14
C ASN B 479 -0.05 -0.72 18.82
N PHE B 480 -0.28 0.45 18.20
CA PHE B 480 -0.90 0.53 16.87
C PHE B 480 -0.01 -0.16 15.81
N THR B 481 1.35 -0.04 15.91
CA THR B 481 2.29 -0.69 14.97
C THR B 481 2.17 -2.22 15.06
N ASN B 482 2.07 -2.75 16.30
CA ASN B 482 1.96 -4.18 16.58
C ASN B 482 0.63 -4.75 16.03
N GLU B 483 -0.45 -3.97 16.16
CA GLU B 483 -1.80 -4.28 15.66
C GLU B 483 -1.75 -4.44 14.13
N LYS B 484 -1.10 -3.48 13.42
CA LYS B 484 -0.97 -3.49 11.96
C LYS B 484 -0.13 -4.65 11.44
N LEU B 485 0.93 -5.02 12.17
CA LEU B 485 1.84 -6.12 11.85
C LEU B 485 1.12 -7.45 12.04
N GLN B 486 0.31 -7.59 13.11
CA GLN B 486 -0.50 -8.79 13.32
C GLN B 486 -1.51 -8.91 12.16
N GLN B 487 -2.13 -7.78 11.73
CA GLN B 487 -3.08 -7.76 10.61
C GLN B 487 -2.41 -8.11 9.28
N PHE B 488 -1.10 -7.79 9.14
CA PHE B 488 -0.32 -8.12 7.95
C PHE B 488 -0.14 -9.65 7.90
N PHE B 489 0.12 -10.29 9.06
CA PHE B 489 0.18 -11.75 9.17
C PHE B 489 -1.19 -12.32 8.80
N ASN B 490 -2.30 -11.77 9.39
CA ASN B 490 -3.66 -12.25 9.11
C ASN B 490 -3.97 -12.21 7.62
N HIS B 491 -3.66 -11.08 6.98
CA HIS B 491 -3.87 -10.87 5.56
C HIS B 491 -3.08 -11.83 4.70
N HIS B 492 -1.78 -11.99 4.97
CA HIS B 492 -0.93 -12.88 4.18
C HIS B 492 -1.34 -14.36 4.31
N MET B 493 -1.56 -14.79 5.55
CA MET B 493 -1.84 -16.19 5.88
C MET B 493 -3.25 -16.70 5.52
N PHE B 494 -4.27 -15.85 5.71
CA PHE B 494 -5.67 -16.23 5.56
C PHE B 494 -6.37 -15.56 4.39
N VAL B 495 -5.89 -14.41 3.90
CA VAL B 495 -6.61 -13.73 2.81
C VAL B 495 -5.89 -13.94 1.49
N LEU B 496 -4.66 -13.43 1.35
CA LEU B 496 -3.90 -13.57 0.10
C LEU B 496 -3.70 -15.02 -0.27
N GLU B 497 -3.50 -15.89 0.73
CA GLU B 497 -3.27 -17.31 0.53
C GLU B 497 -4.43 -17.99 -0.17
N GLN B 498 -5.66 -17.78 0.33
CA GLN B 498 -6.87 -18.36 -0.24
C GLN B 498 -7.19 -17.78 -1.62
N GLU B 499 -6.86 -16.48 -1.82
CA GLU B 499 -7.02 -15.71 -3.06
C GLU B 499 -6.12 -16.33 -4.15
N GLU B 500 -4.91 -16.74 -3.78
CA GLU B 500 -3.91 -17.37 -4.66
C GLU B 500 -4.48 -18.64 -5.28
N TYR B 501 -5.14 -19.48 -4.43
CA TYR B 501 -5.73 -20.76 -4.86
C TYR B 501 -6.83 -20.56 -5.88
N LYS B 502 -7.71 -19.58 -5.64
CA LYS B 502 -8.85 -19.23 -6.49
C LYS B 502 -8.43 -18.69 -7.85
N LYS B 503 -7.49 -17.74 -7.86
CA LYS B 503 -6.98 -17.10 -9.08
C LYS B 503 -6.14 -18.08 -9.94
N GLU B 504 -5.57 -19.13 -9.33
CA GLU B 504 -4.83 -20.17 -10.04
C GLU B 504 -5.76 -21.33 -10.45
N GLY B 505 -7.02 -21.30 -10.02
CA GLY B 505 -8.01 -22.31 -10.40
C GLY B 505 -7.93 -23.64 -9.66
N ILE B 506 -7.33 -23.62 -8.47
CA ILE B 506 -7.20 -24.77 -7.58
C ILE B 506 -8.58 -24.94 -6.89
N GLU B 507 -9.07 -26.20 -6.79
CA GLU B 507 -10.33 -26.50 -6.10
C GLU B 507 -10.12 -26.15 -4.62
N TRP B 508 -10.91 -25.18 -4.11
CA TRP B 508 -10.75 -24.68 -2.75
C TRP B 508 -12.04 -24.05 -2.22
N GLU B 509 -12.41 -24.40 -0.98
CA GLU B 509 -13.56 -23.79 -0.31
C GLU B 509 -13.00 -22.80 0.70
N PHE B 510 -13.41 -21.52 0.61
CA PHE B 510 -12.98 -20.47 1.51
C PHE B 510 -13.22 -20.85 2.99
N ILE B 511 -12.18 -20.72 3.84
CA ILE B 511 -12.26 -20.96 5.28
C ILE B 511 -12.18 -19.61 5.98
N ASP B 512 -13.08 -19.40 6.94
CA ASP B 512 -13.09 -18.20 7.79
C ASP B 512 -12.32 -18.55 9.08
N PHE B 513 -11.10 -18.00 9.23
CA PHE B 513 -10.24 -18.27 10.38
C PHE B 513 -10.50 -17.37 11.60
N GLY B 514 -11.38 -16.36 11.44
CA GLY B 514 -11.74 -15.43 12.51
C GLY B 514 -10.59 -14.55 12.96
N MET B 515 -9.74 -14.16 12.02
CA MET B 515 -8.54 -13.37 12.26
C MET B 515 -8.63 -12.12 11.40
N ASP B 516 -9.14 -11.02 11.97
CA ASP B 516 -9.32 -9.75 11.29
C ASP B 516 -9.36 -8.65 12.35
N LEU B 517 -8.41 -7.70 12.25
CA LEU B 517 -8.30 -6.59 13.22
C LEU B 517 -8.74 -5.24 12.64
N GLN B 518 -9.50 -5.26 11.53
CA GLN B 518 -9.96 -4.05 10.86
C GLN B 518 -10.72 -3.08 11.75
N ALA B 519 -11.68 -3.55 12.59
CA ALA B 519 -12.42 -2.66 13.51
C ALA B 519 -11.50 -1.84 14.44
N CYS B 520 -10.47 -2.48 15.01
CA CYS B 520 -9.54 -1.78 15.89
C CYS B 520 -8.63 -0.83 15.12
N ILE B 521 -8.12 -1.28 13.96
CA ILE B 521 -7.27 -0.50 13.08
C ILE B 521 -8.03 0.76 12.58
N ASP B 522 -9.31 0.60 12.17
CA ASP B 522 -10.20 1.66 11.71
C ASP B 522 -10.43 2.69 12.81
N LEU B 523 -10.71 2.23 14.04
CA LEU B 523 -10.89 3.08 15.21
C LEU B 523 -9.66 4.01 15.38
N ILE B 524 -8.45 3.50 15.16
CA ILE B 524 -7.24 4.29 15.34
C ILE B 524 -6.92 5.20 14.14
N GLU B 525 -6.87 4.67 12.92
CA GLU B 525 -6.36 5.44 11.76
C GLU B 525 -7.34 6.01 10.73
N LYS B 526 -8.61 5.58 10.73
CA LYS B 526 -9.52 6.07 9.72
C LYS B 526 -10.04 7.47 10.05
N PRO B 527 -10.60 8.23 9.06
CA PRO B 527 -11.22 9.53 9.41
C PRO B 527 -12.23 9.38 10.56
N MET B 528 -12.30 10.40 11.45
CA MET B 528 -13.16 10.40 12.64
C MET B 528 -12.66 9.44 13.73
N GLY B 529 -11.56 8.73 13.47
CA GLY B 529 -10.93 7.83 14.43
C GLY B 529 -10.07 8.57 15.45
N ILE B 530 -9.35 7.84 16.33
CA ILE B 530 -8.51 8.45 17.39
C ILE B 530 -7.47 9.46 16.82
N MET B 531 -6.62 9.03 15.83
CA MET B 531 -5.57 9.89 15.25
CA MET B 531 -5.57 9.88 15.24
C MET B 531 -6.13 11.07 14.48
N SER B 532 -7.21 10.87 13.70
CA SER B 532 -7.83 11.92 12.89
C SER B 532 -8.48 12.99 13.74
N ILE B 533 -9.08 12.59 14.89
CA ILE B 533 -9.69 13.54 15.83
C ILE B 533 -8.57 14.38 16.46
N LEU B 534 -7.48 13.71 16.89
CA LEU B 534 -6.31 14.37 17.48
C LEU B 534 -5.71 15.39 16.52
N GLU B 535 -5.53 15.03 15.24
CA GLU B 535 -4.98 15.88 14.19
C GLU B 535 -5.79 17.12 13.91
N GLU B 536 -7.13 16.98 13.92
CA GLU B 536 -8.07 18.09 13.72
C GLU B 536 -7.99 19.06 14.89
N GLU B 537 -7.96 18.52 16.13
CA GLU B 537 -7.86 19.28 17.38
C GLU B 537 -6.56 20.07 17.46
N CYS B 538 -5.50 19.58 16.82
CA CYS B 538 -4.19 20.24 16.71
C CYS B 538 -4.26 21.46 15.80
N MET B 539 -5.29 21.57 14.96
CA MET B 539 -5.50 22.69 14.03
C MET B 539 -6.46 23.75 14.60
N PHE B 540 -6.99 23.54 15.81
CA PHE B 540 -7.85 24.51 16.51
C PHE B 540 -7.00 25.18 17.59
N PRO B 541 -6.69 26.49 17.49
CA PRO B 541 -5.82 27.12 18.50
C PRO B 541 -6.30 27.06 19.97
N LYS B 542 -7.62 27.04 20.21
CA LYS B 542 -8.19 27.03 21.56
C LYS B 542 -8.47 25.60 22.11
N ALA B 543 -8.14 24.54 21.34
CA ALA B 543 -8.38 23.15 21.78
C ALA B 543 -7.54 22.79 23.00
N THR B 544 -8.07 21.90 23.84
CA THR B 544 -7.43 21.45 25.08
C THR B 544 -7.46 19.94 25.09
N ASP B 545 -6.79 19.33 26.07
CA ASP B 545 -6.78 17.87 26.21
C ASP B 545 -8.20 17.37 26.52
N MET B 546 -9.06 18.23 27.14
CA MET B 546 -10.42 17.86 27.50
C MET B 546 -11.41 18.08 26.35
N THR B 547 -11.15 19.02 25.40
CA THR B 547 -11.99 19.14 24.19
C THR B 547 -11.67 17.88 23.31
N PHE B 548 -10.40 17.44 23.30
CA PHE B 548 -10.00 16.22 22.60
C PHE B 548 -10.68 14.99 23.23
N ALA B 550 -13.44 14.80 25.03
CA ALA B 550 -14.88 14.88 24.77
C ALA B 550 -15.23 14.42 23.34
N LYS B 551 -14.47 14.84 22.31
CA LYS B 551 -14.71 14.37 20.92
C LYS B 551 -14.47 12.85 20.77
N LEU B 552 -13.47 12.28 21.48
CA LEU B 552 -13.23 10.83 21.42
C LEU B 552 -14.46 10.07 21.95
N PHE B 553 -14.99 10.50 23.11
CA PHE B 553 -16.16 9.90 23.74
C PHE B 553 -17.43 10.07 22.91
N ASP B 554 -17.70 11.31 22.40
CA ASP B 554 -18.88 11.60 21.58
C ASP B 554 -18.89 10.77 20.28
N ASN B 555 -17.74 10.49 19.71
CA ASN B 555 -17.68 9.75 18.46
C ASN B 555 -17.57 8.26 18.60
N HIS B 556 -17.08 7.78 19.77
CA HIS B 556 -16.79 6.34 19.85
C HIS B 556 -17.43 5.57 21.02
N LEU B 557 -17.75 6.20 22.17
CA LEU B 557 -18.35 5.44 23.28
C LEU B 557 -19.75 4.92 22.92
N GLY B 558 -19.90 3.59 22.90
CA GLY B 558 -21.14 2.92 22.50
C GLY B 558 -21.30 2.81 20.99
N LYS B 559 -20.25 3.18 20.21
CA LYS B 559 -20.26 3.16 18.73
C LYS B 559 -19.14 2.33 18.14
N SER B 560 -17.96 2.36 18.78
CA SER B 560 -16.82 1.55 18.35
C SER B 560 -16.53 0.51 19.45
N SER B 561 -16.72 -0.79 19.10
CA SER B 561 -16.53 -1.97 19.98
C SER B 561 -15.19 -1.97 20.73
N ASN B 562 -14.11 -1.51 20.09
CA ASN B 562 -12.77 -1.49 20.66
C ASN B 562 -12.48 -0.28 21.55
N PHE B 563 -13.40 0.71 21.61
CA PHE B 563 -13.24 1.90 22.45
C PHE B 563 -14.12 1.72 23.69
N GLN B 564 -13.52 1.78 24.87
CA GLN B 564 -14.26 1.63 26.14
C GLN B 564 -13.84 2.65 27.18
N LYS B 565 -14.54 2.62 28.33
CA LYS B 565 -14.27 3.48 29.48
C LYS B 565 -12.94 3.02 30.10
N PRO B 566 -12.21 3.85 30.89
CA PRO B 566 -10.97 3.34 31.50
C PRO B 566 -11.28 2.44 32.70
N ARG B 567 -10.33 1.59 33.09
CA ARG B 567 -10.46 0.70 34.24
C ARG B 567 -9.56 1.23 35.36
N ASN B 568 -9.92 2.37 35.91
CA ASN B 568 -9.15 3.07 36.95
C ASN B 568 -9.20 2.38 38.30
N ILE B 569 -8.02 2.30 38.94
CA ILE B 569 -7.79 1.70 40.25
C ILE B 569 -7.16 2.77 41.16
N LYS B 570 -7.64 2.87 42.41
CA LYS B 570 -7.14 3.80 43.41
C LYS B 570 -5.80 3.27 43.91
N GLY B 571 -4.77 4.08 43.74
CA GLY B 571 -3.38 3.74 44.06
C GLY B 571 -2.53 3.56 42.82
N LYS B 572 -3.15 3.56 41.63
CA LYS B 572 -2.53 3.36 40.31
C LYS B 572 -2.78 4.59 39.42
N PRO B 573 -1.86 4.99 38.50
CA PRO B 573 -2.14 6.17 37.68
C PRO B 573 -3.42 6.01 36.85
N GLU B 574 -4.24 7.04 36.84
CA GLU B 574 -5.51 6.91 36.12
C GLU B 574 -5.37 7.24 34.63
N ALA B 575 -6.37 6.84 33.85
CA ALA B 575 -6.48 6.97 32.41
C ALA B 575 -7.85 7.56 31.99
N HIS B 576 -7.99 7.93 30.70
CA HIS B 576 -9.21 8.56 30.19
C HIS B 576 -10.08 7.61 29.35
N PHE B 577 -9.47 6.58 28.75
CA PHE B 577 -10.20 5.56 27.99
C PHE B 577 -9.36 4.27 27.94
N SER B 578 -9.99 3.17 27.52
CA SER B 578 -9.29 1.90 27.26
C SER B 578 -9.55 1.49 25.82
N LEU B 579 -8.57 0.82 25.19
CA LEU B 579 -8.64 0.36 23.82
C LEU B 579 -8.45 -1.16 23.81
N ILE B 580 -9.36 -1.91 23.17
CA ILE B 580 -9.23 -3.37 23.09
C ILE B 580 -8.31 -3.72 21.94
N HIS B 581 -6.99 -3.84 22.25
CA HIS B 581 -5.98 -4.22 21.24
C HIS B 581 -5.99 -5.74 21.08
N TYR B 582 -5.35 -6.26 20.02
CA TYR B 582 -5.26 -7.69 19.71
C TYR B 582 -4.64 -8.48 20.88
N ALA B 583 -3.60 -7.89 21.53
CA ALA B 583 -2.82 -8.49 22.61
C ALA B 583 -3.30 -8.09 24.01
N GLY B 584 -4.33 -7.27 24.08
CA GLY B 584 -4.89 -6.87 25.36
C GLY B 584 -5.57 -5.52 25.38
N THR B 585 -6.24 -5.22 26.48
CA THR B 585 -6.93 -3.96 26.73
C THR B 585 -5.92 -3.02 27.42
N VAL B 586 -5.72 -1.84 26.83
CA VAL B 586 -4.77 -0.85 27.32
C VAL B 586 -5.53 0.42 27.70
N ASP B 587 -5.24 0.94 28.90
CA ASP B 587 -5.82 2.18 29.43
C ASP B 587 -4.90 3.33 29.05
N TYR B 588 -5.40 4.24 28.21
CA TYR B 588 -4.64 5.41 27.75
C TYR B 588 -5.02 6.65 28.49
N ASN B 589 -4.02 7.42 28.95
CA ASN B 589 -4.19 8.72 29.60
C ASN B 589 -3.90 9.70 28.46
N ILE B 590 -4.76 10.73 28.26
CA ILE B 590 -4.64 11.62 27.10
C ILE B 590 -3.99 13.02 27.39
N ILE B 591 -3.39 13.24 28.57
CA ILE B 591 -2.75 14.52 28.95
C ILE B 591 -1.50 14.80 28.08
N GLY B 592 -1.42 16.02 27.55
CA GLY B 592 -0.31 16.45 26.72
C GLY B 592 -0.25 15.90 25.31
N TRP B 593 -1.28 15.17 24.82
CA TRP B 593 -1.25 14.60 23.47
C TRP B 593 -1.28 15.63 22.35
N LEU B 594 -1.97 16.78 22.54
CA LEU B 594 -2.04 17.85 21.54
C LEU B 594 -0.67 18.45 21.37
N GLN B 595 0.07 18.64 22.49
CA GLN B 595 1.44 19.17 22.54
C GLN B 595 2.41 18.15 21.95
N LYS B 596 2.28 16.86 22.31
CA LYS B 596 3.12 15.78 21.78
C LYS B 596 2.90 15.62 20.27
N ASN B 597 1.66 15.82 19.79
CA ASN B 597 1.39 15.70 18.36
C ASN B 597 1.93 16.88 17.52
N LYS B 598 1.80 18.10 18.04
CA LYS B 598 2.27 19.31 17.36
C LYS B 598 3.76 19.45 17.44
N ASP B 599 4.37 19.05 18.59
CA ASP B 599 5.79 19.07 18.87
C ASP B 599 6.34 20.49 18.60
N PRO B 600 5.80 21.56 19.24
CA PRO B 600 6.25 22.92 18.92
C PRO B 600 7.62 23.22 19.53
N LEU B 601 8.38 24.11 18.88
CA LEU B 601 9.72 24.50 19.31
C LEU B 601 9.86 26.01 19.36
N ASN B 602 10.63 26.50 20.36
CA ASN B 602 10.98 27.92 20.49
C ASN B 602 11.88 28.24 19.27
N GLU B 603 11.35 29.02 18.30
CA GLU B 603 12.03 29.31 17.03
C GLU B 603 13.17 30.31 17.15
N THR B 604 13.27 31.03 18.30
CA THR B 604 14.35 31.96 18.57
C THR B 604 15.63 31.15 18.81
N VAL B 605 15.52 30.10 19.63
CA VAL B 605 16.61 29.17 19.95
C VAL B 605 16.97 28.33 18.71
N VAL B 606 15.98 27.91 17.89
CA VAL B 606 16.25 27.13 16.68
C VAL B 606 17.13 27.93 15.71
N ASP B 607 16.92 29.25 15.64
CA ASP B 607 17.73 30.13 14.80
C ASP B 607 19.19 30.19 15.31
N LEU B 608 19.37 30.13 16.65
CA LEU B 608 20.70 30.08 17.29
C LEU B 608 21.39 28.77 16.94
N TYR B 609 20.62 27.65 16.89
CA TYR B 609 21.15 26.33 16.50
C TYR B 609 21.63 26.39 15.04
N LYS B 610 20.85 27.05 14.16
CA LYS B 610 21.21 27.23 12.75
C LYS B 610 22.53 28.03 12.54
N LYS B 611 22.81 28.98 13.44
CA LYS B 611 24.00 29.84 13.42
C LYS B 611 25.13 29.34 14.36
N SER B 612 25.05 28.07 14.81
CA SER B 612 26.03 27.43 15.70
C SER B 612 27.40 27.28 15.05
N SER B 613 28.47 27.46 15.86
CA SER B 613 29.85 27.24 15.40
C SER B 613 30.22 25.75 15.34
N LEU B 614 29.39 24.86 15.94
CA LEU B 614 29.55 23.41 15.89
C LEU B 614 28.75 22.95 14.66
N LYS B 615 29.47 22.62 13.56
CA LYS B 615 28.93 22.22 12.25
C LYS B 615 27.82 21.15 12.34
N MET B 616 27.96 20.16 13.24
CA MET B 616 26.93 19.13 13.41
C MET B 616 25.58 19.72 13.83
N LEU B 617 25.57 20.54 14.91
CA LEU B 617 24.36 21.18 15.41
C LEU B 617 23.72 22.06 14.34
N SER B 618 24.55 22.84 13.60
CA SER B 618 24.13 23.72 12.49
C SER B 618 23.42 22.93 11.39
N SER B 619 23.97 21.75 11.02
CA SER B 619 23.37 20.91 9.97
C SER B 619 22.10 20.19 10.44
N LEU B 620 21.98 19.86 11.75
CA LEU B 620 20.80 19.20 12.30
C LEU B 620 19.53 20.03 12.13
N PHE B 621 19.67 21.37 12.11
CA PHE B 621 18.55 22.32 12.02
C PHE B 621 18.55 23.15 10.71
N ALA B 622 19.40 22.77 9.73
CA ALA B 622 19.50 23.44 8.43
C ALA B 622 18.39 22.98 7.49
N THR B 646 2.26 16.89 11.84
CA THR B 646 2.14 16.22 13.14
C THR B 646 2.79 14.84 13.19
N VAL B 647 3.08 14.35 14.41
CA VAL B 647 3.67 13.05 14.66
C VAL B 647 2.75 11.91 14.17
N SER B 648 1.44 11.99 14.50
CA SER B 648 0.47 10.97 14.09
C SER B 648 0.35 10.85 12.56
N ALA B 649 0.40 11.99 11.84
CA ALA B 649 0.36 12.04 10.37
C ALA B 649 1.60 11.40 9.77
N LEU B 650 2.78 11.74 10.31
CA LEU B 650 4.06 11.19 9.88
C LEU B 650 4.14 9.68 10.18
N HIS B 651 3.65 9.24 11.36
CA HIS B 651 3.62 7.83 11.76
C HIS B 651 2.75 7.00 10.78
N ARG B 652 1.50 7.48 10.52
CA ARG B 652 0.53 6.88 9.60
C ARG B 652 1.12 6.74 8.19
N GLU B 653 1.89 7.74 7.72
CA GLU B 653 2.55 7.74 6.42
C GLU B 653 3.70 6.73 6.36
N ASN B 654 4.51 6.63 7.43
CA ASN B 654 5.59 5.66 7.53
C ASN B 654 5.05 4.23 7.51
N LEU B 655 4.00 3.97 8.28
CA LEU B 655 3.37 2.66 8.39
C LEU B 655 2.84 2.13 7.08
N ASN B 656 2.02 2.92 6.37
CA ASN B 656 1.40 2.47 5.13
C ASN B 656 2.41 2.38 3.98
N LYS B 657 3.53 3.15 4.03
CA LYS B 657 4.64 3.06 3.07
C LYS B 657 5.48 1.80 3.38
N LEU B 658 5.52 1.38 4.67
CA LEU B 658 6.21 0.17 5.05
C LEU B 658 5.38 -1.02 4.57
N MET B 659 4.05 -0.98 4.80
CA MET B 659 3.16 -2.08 4.37
C MET B 659 3.17 -2.20 2.81
N THR B 660 3.48 -1.10 2.08
CA THR B 660 3.68 -1.01 0.62
C THR B 660 4.80 -1.99 0.29
N ASN B 661 6.01 -1.67 0.81
CA ASN B 661 7.29 -2.36 0.64
C ASN B 661 7.14 -3.87 0.92
N LEU B 662 6.56 -4.20 2.08
CA LEU B 662 6.32 -5.55 2.57
C LEU B 662 5.38 -6.37 1.66
N ARG B 663 4.46 -5.69 0.93
CA ARG B 663 3.53 -6.36 0.02
C ARG B 663 4.21 -6.87 -1.24
N SER B 664 5.30 -6.18 -1.66
CA SER B 664 6.14 -6.55 -2.81
C SER B 664 7.25 -7.57 -2.41
N THR B 665 7.20 -8.14 -1.20
CA THR B 665 8.17 -9.16 -0.75
C THR B 665 7.42 -10.45 -0.39
N HIS B 666 8.15 -11.59 -0.27
CA HIS B 666 7.59 -12.83 0.23
C HIS B 666 7.90 -12.79 1.74
N PRO B 667 6.90 -12.67 2.63
CA PRO B 667 7.21 -12.58 4.08
C PRO B 667 7.41 -13.93 4.75
N HIS B 668 8.33 -13.98 5.74
CA HIS B 668 8.66 -15.13 6.60
C HIS B 668 8.52 -14.64 8.03
N PHE B 669 7.64 -15.29 8.80
CA PHE B 669 7.32 -14.83 10.16
C PHE B 669 8.00 -15.61 11.29
N VAL B 670 8.51 -14.84 12.26
CA VAL B 670 9.14 -15.40 13.46
C VAL B 670 8.31 -14.83 14.61
N ARG B 671 7.64 -15.71 15.38
CA ARG B 671 6.73 -15.30 16.47
C ARG B 671 7.45 -15.50 17.80
N CYS B 672 8.01 -14.43 18.35
CA CYS B 672 8.72 -14.46 19.64
C CYS B 672 7.72 -14.44 20.77
N ILE B 673 7.92 -15.32 21.76
CA ILE B 673 7.05 -15.51 22.90
C ILE B 673 7.82 -15.25 24.21
N ILE B 674 7.21 -14.46 25.14
CA ILE B 674 7.67 -14.19 26.50
C ILE B 674 7.18 -15.39 27.35
N PRO B 675 8.06 -16.17 28.02
CA PRO B 675 7.58 -17.35 28.78
C PRO B 675 6.93 -17.08 30.13
N ASN B 676 7.38 -16.02 30.85
CA ASN B 676 6.94 -15.65 32.20
C ASN B 676 7.09 -14.15 32.41
N GLU B 677 6.49 -13.61 33.49
CA GLU B 677 6.53 -12.17 33.79
C GLU B 677 7.73 -11.73 34.65
N THR B 678 8.62 -12.67 35.05
CA THR B 678 9.75 -12.37 35.95
C THR B 678 11.18 -12.53 35.37
N LYS B 679 11.33 -12.73 34.04
CA LYS B 679 12.63 -12.94 33.35
C LYS B 679 13.37 -14.18 33.90
N SER B 680 12.62 -15.21 34.30
CA SER B 680 13.15 -16.45 34.86
C SER B 680 13.48 -17.45 33.74
N PRO B 681 14.75 -17.89 33.62
CA PRO B 681 15.09 -18.85 32.55
C PRO B 681 14.45 -20.22 32.73
N GLY B 682 13.93 -20.79 31.64
CA GLY B 682 13.36 -22.14 31.64
C GLY B 682 12.03 -22.33 32.34
N VAL B 683 11.41 -21.23 32.78
CA VAL B 683 10.11 -21.24 33.47
C VAL B 683 9.00 -20.79 32.49
N ILE B 684 7.95 -21.63 32.33
CA ILE B 684 6.79 -21.30 31.49
C ILE B 684 5.55 -21.03 32.36
N ASP B 685 4.88 -19.90 32.06
CA ASP B 685 3.60 -19.47 32.64
C ASP B 685 2.57 -19.80 31.54
N ASN B 686 1.85 -20.93 31.70
CA ASN B 686 0.89 -21.43 30.71
C ASN B 686 -0.12 -20.37 30.24
N PRO B 687 -0.91 -19.67 31.12
CA PRO B 687 -1.84 -18.65 30.60
C PRO B 687 -1.16 -17.56 29.75
N LEU B 688 0.00 -17.06 30.17
CA LEU B 688 0.75 -16.03 29.45
C LEU B 688 1.20 -16.50 28.05
N VAL B 689 1.75 -17.74 27.96
CA VAL B 689 2.20 -18.34 26.69
C VAL B 689 0.99 -18.60 25.78
N MET B 690 -0.09 -19.16 26.35
CA MET B 690 -1.35 -19.43 25.65
C MET B 690 -1.98 -18.16 25.07
N HIS B 691 -2.05 -17.09 25.88
CA HIS B 691 -2.59 -15.80 25.46
C HIS B 691 -1.88 -15.31 24.18
N GLN B 692 -0.53 -15.36 24.22
CA GLN B 692 0.34 -14.96 23.08
C GLN B 692 0.07 -15.79 21.83
N LEU B 693 -0.02 -17.11 21.98
CA LEU B 693 -0.29 -18.03 20.88
C LEU B 693 -1.65 -17.79 20.25
N ARG B 694 -2.67 -17.51 21.10
CA ARG B 694 -4.02 -17.22 20.64
C ARG B 694 -4.09 -15.93 19.81
N CYS B 695 -3.63 -14.79 20.37
CA CYS B 695 -3.68 -13.51 19.68
C CYS B 695 -2.71 -13.40 18.48
N ASN B 696 -1.69 -14.29 18.41
CA ASN B 696 -0.78 -14.33 17.27
C ASN B 696 -1.42 -15.12 16.12
N GLY B 697 -2.40 -15.96 16.44
CA GLY B 697 -3.05 -16.81 15.44
C GLY B 697 -2.16 -17.93 14.95
N VAL B 698 -1.36 -18.49 15.88
CA VAL B 698 -0.40 -19.56 15.62
C VAL B 698 -1.10 -20.84 15.12
N LEU B 699 -2.19 -21.27 15.81
CA LEU B 699 -2.97 -22.48 15.46
C LEU B 699 -3.63 -22.37 14.11
N GLU B 700 -4.28 -21.21 13.84
CA GLU B 700 -4.96 -20.89 12.57
C GLU B 700 -3.90 -20.89 11.46
N GLY B 701 -2.72 -20.31 11.74
CA GLY B 701 -1.59 -20.25 10.82
C GLY B 701 -1.06 -21.63 10.46
N ILE B 702 -0.97 -22.56 11.44
CA ILE B 702 -0.53 -23.94 11.18
C ILE B 702 -1.60 -24.65 10.31
N ARG B 703 -2.89 -24.41 10.61
CA ARG B 703 -4.03 -25.01 9.91
C ARG B 703 -4.06 -24.71 8.42
N ILE B 704 -3.91 -23.43 8.00
CA ILE B 704 -3.88 -23.06 6.57
C ILE B 704 -2.70 -23.75 5.86
N CYS B 705 -1.55 -23.88 6.55
CA CYS B 705 -0.36 -24.54 6.00
C CYS B 705 -0.62 -26.04 5.77
N ARG B 706 -1.34 -26.70 6.70
CA ARG B 706 -1.74 -28.11 6.63
C ARG B 706 -2.80 -28.38 5.57
N LYS B 707 -3.89 -27.57 5.60
CA LYS B 707 -5.07 -27.68 4.74
C LYS B 707 -4.83 -27.20 3.32
N GLY B 708 -4.04 -26.16 3.17
CA GLY B 708 -3.72 -25.56 1.88
C GLY B 708 -2.50 -26.13 1.19
N PHE B 709 -2.01 -25.39 0.17
CA PHE B 709 -0.87 -25.81 -0.65
C PHE B 709 0.16 -24.68 -0.56
N PRO B 710 1.01 -24.72 0.52
CA PRO B 710 1.91 -23.57 0.80
C PRO B 710 3.11 -23.39 -0.12
N ASN B 711 3.42 -24.37 -0.95
CA ASN B 711 4.54 -24.24 -1.89
C ASN B 711 4.03 -24.33 -3.31
N ARG B 712 4.65 -23.58 -4.22
CA ARG B 712 4.26 -23.51 -5.62
C ARG B 712 5.40 -23.00 -6.47
N ILE B 713 5.42 -23.43 -7.72
CA ILE B 713 6.47 -23.12 -8.65
C ILE B 713 5.90 -23.06 -10.06
N LEU B 714 6.32 -22.03 -10.84
CA LEU B 714 5.91 -21.87 -12.24
C LEU B 714 6.32 -23.13 -13.00
N TYR B 715 5.54 -23.54 -14.02
CA TYR B 715 5.78 -24.76 -14.80
C TYR B 715 7.16 -24.85 -15.47
N GLY B 716 7.67 -23.73 -15.98
CA GLY B 716 8.99 -23.67 -16.61
C GLY B 716 10.07 -23.96 -15.59
N ASP B 717 9.93 -23.33 -14.42
CA ASP B 717 10.82 -23.48 -13.28
C ASP B 717 10.77 -24.89 -12.68
N PHE B 718 9.58 -25.55 -12.74
CA PHE B 718 9.38 -26.93 -12.26
C PHE B 718 10.24 -27.88 -13.12
N ARG B 719 10.19 -27.71 -14.47
CA ARG B 719 10.95 -28.51 -15.44
C ARG B 719 12.47 -28.41 -15.19
N GLN B 720 12.98 -27.18 -15.01
CA GLN B 720 14.41 -26.90 -14.75
C GLN B 720 14.89 -27.60 -13.44
N ARG B 721 14.09 -27.52 -12.38
CA ARG B 721 14.42 -28.07 -11.07
C ARG B 721 14.22 -29.59 -10.92
N TYR B 722 13.13 -30.14 -11.47
CA TYR B 722 12.81 -31.53 -11.19
C TYR B 722 12.88 -32.50 -12.36
N ARG B 723 13.27 -32.08 -13.58
CA ARG B 723 13.41 -33.05 -14.69
C ARG B 723 14.40 -34.17 -14.29
N ILE B 724 15.42 -33.82 -13.47
CA ILE B 724 16.43 -34.71 -12.90
C ILE B 724 15.83 -35.96 -12.22
N LEU B 725 14.60 -35.85 -11.65
CA LEU B 725 13.92 -36.95 -10.95
C LEU B 725 13.59 -38.12 -11.85
N ASN B 726 13.21 -37.81 -13.11
CA ASN B 726 12.86 -38.81 -14.13
C ASN B 726 12.94 -38.16 -15.54
N PRO B 727 14.16 -37.98 -16.12
CA PRO B 727 14.26 -37.32 -17.44
C PRO B 727 13.40 -37.92 -18.56
N ALA B 728 13.09 -39.24 -18.48
CA ALA B 728 12.26 -39.98 -19.45
C ALA B 728 10.82 -39.47 -19.50
N ALA B 729 10.27 -38.96 -18.37
CA ALA B 729 8.89 -38.42 -18.30
C ALA B 729 8.74 -37.09 -19.06
N ILE B 730 9.84 -36.35 -19.24
CA ILE B 730 9.87 -35.10 -20.01
C ILE B 730 10.90 -35.31 -21.17
N PRO B 731 10.56 -36.06 -22.25
CA PRO B 731 11.56 -36.25 -23.32
C PRO B 731 11.54 -35.13 -24.35
N GLN B 734 8.70 -35.45 -28.92
CA GLN B 734 9.84 -34.90 -28.20
C GLN B 734 9.63 -33.44 -27.74
N PHE B 735 8.83 -32.62 -28.47
CA PHE B 735 8.54 -31.27 -27.96
C PHE B 735 7.39 -31.42 -26.96
N ILE B 736 7.62 -31.03 -25.70
CA ILE B 736 6.62 -31.20 -24.67
C ILE B 736 6.36 -29.91 -23.91
N ASP B 737 5.07 -29.57 -23.81
CA ASP B 737 4.44 -28.45 -23.08
C ASP B 737 4.81 -28.59 -21.58
N SER B 738 5.25 -27.49 -20.95
CA SER B 738 5.69 -27.48 -19.54
C SER B 738 4.66 -28.00 -18.54
N ARG B 739 3.36 -27.74 -18.76
CA ARG B 739 2.32 -28.29 -17.89
C ARG B 739 2.21 -29.80 -18.05
N LYS B 740 2.10 -30.30 -19.29
CA LYS B 740 2.04 -31.74 -19.60
C LYS B 740 3.25 -32.48 -19.02
N GLY B 741 4.44 -31.86 -19.14
CA GLY B 741 5.70 -32.38 -18.63
C GLY B 741 5.66 -32.57 -17.11
N ALA B 742 5.11 -31.57 -16.39
CA ALA B 742 4.95 -31.60 -14.92
C ALA B 742 3.99 -32.74 -14.52
N GLU B 743 2.85 -32.88 -15.25
CA GLU B 743 1.84 -33.93 -15.05
C GLU B 743 2.46 -35.32 -15.20
N LYS B 744 3.19 -35.52 -16.31
CA LYS B 744 3.87 -36.79 -16.63
C LYS B 744 4.91 -37.15 -15.56
N LEU B 745 5.75 -36.17 -15.17
CA LEU B 745 6.83 -36.40 -14.20
C LEU B 745 6.30 -36.73 -12.81
N LEU B 746 5.37 -35.91 -12.29
CA LEU B 746 4.80 -36.16 -10.96
C LEU B 746 4.00 -37.46 -10.93
N GLY B 747 3.29 -37.77 -12.01
CA GLY B 747 2.51 -38.99 -12.18
C GLY B 747 3.34 -40.27 -12.21
N SER B 748 4.63 -40.17 -12.59
CA SER B 748 5.57 -41.30 -12.66
C SER B 748 6.24 -41.63 -11.33
N LEU B 749 6.09 -40.78 -10.32
CA LEU B 749 6.72 -40.94 -9.00
C LEU B 749 5.84 -41.72 -8.02
N ASP B 750 6.48 -42.44 -7.07
CA ASP B 750 5.78 -43.19 -6.03
C ASP B 750 5.49 -42.23 -4.87
N ILE B 751 4.51 -41.35 -5.10
CA ILE B 751 4.12 -40.28 -4.16
C ILE B 751 2.62 -40.25 -3.95
N ASP B 752 2.15 -39.46 -2.96
CA ASP B 752 0.73 -39.28 -2.71
C ASP B 752 0.29 -38.23 -3.70
N HIS B 753 -0.40 -38.69 -4.75
CA HIS B 753 -0.85 -37.84 -5.86
C HIS B 753 -1.92 -36.82 -5.48
N ASN B 754 -2.44 -36.88 -4.23
CA ASN B 754 -3.39 -35.89 -3.71
C ASN B 754 -2.66 -34.67 -3.15
N GLN B 755 -1.34 -34.79 -2.92
CA GLN B 755 -0.53 -33.76 -2.28
C GLN B 755 0.02 -32.67 -3.23
N TYR B 756 -0.43 -32.68 -4.49
CA TYR B 756 -0.06 -31.65 -5.46
C TYR B 756 -1.26 -31.32 -6.33
N LYS B 757 -1.34 -30.09 -6.85
CA LYS B 757 -2.45 -29.63 -7.69
C LYS B 757 -1.93 -28.75 -8.82
N PHE B 758 -2.54 -28.86 -10.01
CA PHE B 758 -2.16 -28.07 -11.18
C PHE B 758 -2.98 -26.77 -11.33
N GLY B 759 -2.29 -25.64 -11.24
CA GLY B 759 -2.89 -24.31 -11.39
C GLY B 759 -2.77 -23.84 -12.83
N HIS B 760 -3.26 -22.62 -13.13
CA HIS B 760 -3.14 -22.11 -14.50
C HIS B 760 -1.67 -21.88 -14.89
N THR B 761 -0.83 -21.38 -13.95
CA THR B 761 0.59 -21.08 -14.20
C THR B 761 1.57 -21.78 -13.25
N LYS B 762 1.09 -22.34 -12.11
CA LYS B 762 1.96 -23.00 -11.14
C LYS B 762 1.51 -24.38 -10.74
N VAL B 763 2.45 -25.19 -10.21
CA VAL B 763 2.19 -26.49 -9.59
C VAL B 763 2.15 -26.17 -8.10
N PHE B 764 1.12 -26.62 -7.38
CA PHE B 764 0.97 -26.40 -5.94
C PHE B 764 1.30 -27.66 -5.18
N PHE B 765 1.94 -27.51 -4.02
CA PHE B 765 2.37 -28.65 -3.22
C PHE B 765 2.05 -28.49 -1.76
N LYS B 766 1.98 -29.64 -1.07
CA LYS B 766 1.88 -29.70 0.38
C LYS B 766 3.35 -29.50 0.80
N ALA B 767 3.59 -28.88 1.96
CA ALA B 767 4.97 -28.69 2.42
C ALA B 767 5.72 -30.04 2.55
N GLY B 768 5.03 -31.09 3.03
CA GLY B 768 5.55 -32.43 3.21
C GLY B 768 5.95 -33.07 1.90
N LEU B 769 5.12 -32.90 0.84
CA LEU B 769 5.44 -33.40 -0.48
C LEU B 769 6.68 -32.68 -1.05
N LEU B 770 6.80 -31.33 -0.85
CA LEU B 770 7.98 -30.59 -1.30
C LEU B 770 9.27 -31.08 -0.61
N GLY B 771 9.22 -31.30 0.71
CA GLY B 771 10.34 -31.84 1.47
C GLY B 771 10.80 -33.18 0.92
N LEU B 772 9.85 -34.07 0.56
CA LEU B 772 10.12 -35.38 -0.03
C LEU B 772 10.79 -35.25 -1.41
N LEU B 773 10.23 -34.39 -2.28
CA LEU B 773 10.74 -34.14 -3.64
C LEU B 773 12.18 -33.61 -3.58
N GLU B 774 12.46 -32.72 -2.60
CA GLU B 774 13.79 -32.16 -2.39
C GLU B 774 14.80 -33.22 -1.93
N GLU B 775 14.38 -34.16 -1.04
CA GLU B 775 15.20 -35.26 -0.57
C GLU B 775 15.55 -36.18 -1.77
N MET B 776 14.51 -36.51 -2.60
CA MET B 776 14.61 -37.32 -3.83
C MET B 776 15.57 -36.68 -4.82
N ARG B 777 15.50 -35.34 -4.98
CA ARG B 777 16.36 -34.56 -5.88
C ARG B 777 17.83 -34.59 -5.42
N ASP B 778 18.08 -34.36 -4.12
CA ASP B 778 19.42 -34.44 -3.52
C ASP B 778 20.01 -35.85 -3.66
N GLU B 779 19.18 -36.88 -3.38
CA GLU B 779 19.55 -38.30 -3.45
C GLU B 779 19.97 -38.66 -4.88
N ARG B 780 19.15 -38.28 -5.87
CA ARG B 780 19.41 -38.54 -7.27
C ARG B 780 20.64 -37.77 -7.80
N LEU B 781 20.84 -36.52 -7.31
CA LEU B 781 22.00 -35.70 -7.69
C LEU B 781 23.32 -36.38 -7.25
N SER B 782 23.36 -36.82 -5.97
CA SER B 782 24.51 -37.50 -5.35
C SER B 782 24.86 -38.81 -6.09
N ARG B 783 23.84 -39.55 -6.61
CA ARG B 783 24.01 -40.79 -7.39
C ARG B 783 24.55 -40.48 -8.77
N ILE B 784 24.08 -39.37 -9.40
CA ILE B 784 24.52 -38.93 -10.72
C ILE B 784 25.97 -38.47 -10.65
N ILE B 785 26.35 -37.66 -9.63
CA ILE B 785 27.73 -37.20 -9.42
C ILE B 785 28.66 -38.41 -9.28
N THR B 786 28.26 -39.42 -8.46
CA THR B 786 28.99 -40.67 -8.22
C THR B 786 29.25 -41.38 -9.53
N ARG B 787 28.23 -41.41 -10.41
CA ARG B 787 28.30 -42.05 -11.72
C ARG B 787 29.18 -41.25 -12.70
N ILE B 788 29.16 -39.90 -12.60
CA ILE B 788 30.03 -39.02 -13.42
C ILE B 788 31.49 -39.28 -12.99
N GLN B 789 31.73 -39.42 -11.67
CA GLN B 789 33.05 -39.66 -11.08
C GLN B 789 33.62 -41.00 -11.48
N ALA B 790 32.77 -42.03 -11.60
CA ALA B 790 33.13 -43.40 -12.02
C ALA B 790 33.53 -43.38 -13.50
N GLN B 791 32.79 -42.62 -14.34
CA GLN B 791 33.12 -42.48 -15.76
C GLN B 791 34.45 -41.72 -15.90
N SER B 792 34.66 -40.70 -15.04
CA SER B 792 35.85 -39.86 -14.95
C SER B 792 37.09 -40.67 -14.55
N ARG B 793 36.94 -41.64 -13.62
CA ARG B 793 38.00 -42.56 -13.19
C ARG B 793 38.35 -43.48 -14.33
N GLY B 794 37.32 -43.90 -15.09
CA GLY B 794 37.45 -44.73 -16.28
C GLY B 794 38.35 -44.09 -17.32
N VAL B 795 38.04 -42.83 -17.70
CA VAL B 795 38.79 -41.98 -18.65
C VAL B 795 40.28 -41.87 -18.22
N LEU B 796 40.52 -41.44 -16.94
CA LEU B 796 41.86 -41.25 -16.37
C LEU B 796 42.70 -42.53 -16.41
N SER B 797 42.13 -43.70 -16.05
CA SER B 797 42.86 -45.00 -16.13
C SER B 797 43.11 -45.44 -17.56
N ARG B 798 42.17 -45.17 -18.46
CA ARG B 798 42.30 -45.51 -19.88
C ARG B 798 43.39 -44.66 -20.57
N MET B 799 43.48 -43.38 -20.16
CA MET B 799 44.48 -42.39 -20.62
C MET B 799 45.87 -42.92 -20.25
N GLU B 800 46.04 -43.30 -18.98
CA GLU B 800 47.27 -43.84 -18.43
C GLU B 800 47.65 -45.17 -19.06
N PHE B 801 46.65 -46.05 -19.34
CA PHE B 801 46.86 -47.34 -20.01
C PHE B 801 47.45 -47.15 -21.42
N LYS B 802 46.96 -46.16 -22.16
CA LYS B 802 47.41 -45.79 -23.51
C LYS B 802 48.89 -45.32 -23.49
N LYS B 803 49.30 -44.60 -22.42
CA LYS B 803 50.69 -44.16 -22.23
C LYS B 803 51.58 -45.38 -22.00
N LEU B 804 51.12 -46.34 -21.15
CA LEU B 804 51.83 -47.58 -20.84
C LEU B 804 52.01 -48.44 -22.09
N LEU B 805 50.94 -48.61 -22.91
CA LEU B 805 50.99 -49.37 -24.16
C LEU B 805 51.97 -48.77 -25.17
N GLU B 806 51.97 -47.42 -25.30
CA GLU B 806 52.86 -46.67 -26.21
C GLU B 806 54.33 -46.85 -25.90
N ILE C 48 32.15 -68.00 -16.75
CA ILE C 48 32.87 -67.09 -17.63
C ILE C 48 32.30 -67.21 -19.05
N GLU C 49 31.76 -66.09 -19.56
CA GLU C 49 31.11 -65.96 -20.86
C GLU C 49 32.04 -65.49 -21.99
N PHE C 50 33.16 -64.81 -21.65
CA PHE C 50 34.12 -64.28 -22.63
C PHE C 50 34.71 -65.38 -23.51
N THR C 51 35.00 -65.04 -24.78
CA THR C 51 35.62 -65.97 -25.74
C THR C 51 37.11 -66.17 -25.35
N PRO C 52 37.76 -67.31 -25.69
CA PRO C 52 39.19 -67.47 -25.33
C PRO C 52 40.11 -66.35 -25.84
N GLU C 53 39.76 -65.74 -26.99
CA GLU C 53 40.48 -64.63 -27.63
C GLU C 53 40.40 -63.36 -26.77
N GLN C 54 39.23 -63.12 -26.12
CA GLN C 54 39.02 -61.98 -25.22
C GLN C 54 39.88 -62.18 -23.99
N ILE C 55 39.88 -63.40 -23.39
CA ILE C 55 40.67 -63.79 -22.21
C ILE C 55 42.16 -63.44 -22.47
N GLU C 56 42.68 -63.85 -23.66
CA GLU C 56 44.04 -63.62 -24.16
C GLU C 56 44.34 -62.11 -24.26
N GLU C 57 43.44 -61.35 -24.90
CA GLU C 57 43.53 -59.88 -25.03
C GLU C 57 43.55 -59.22 -23.64
N PHE C 58 42.79 -59.79 -22.67
CA PHE C 58 42.72 -59.32 -21.28
C PHE C 58 44.04 -59.61 -20.53
N LYS C 59 44.70 -60.76 -20.85
CA LYS C 59 45.98 -61.19 -20.27
C LYS C 59 47.12 -60.28 -20.77
N GLU C 60 47.15 -59.96 -22.08
CA GLU C 60 48.16 -59.07 -22.70
C GLU C 60 48.07 -57.68 -22.10
N ALA C 61 46.84 -57.26 -21.70
CA ALA C 61 46.59 -55.98 -21.05
C ALA C 61 47.04 -56.02 -19.58
N PHE C 62 46.70 -57.13 -18.87
CA PHE C 62 47.03 -57.40 -17.46
C PHE C 62 48.53 -57.33 -17.16
N THR C 63 49.39 -57.84 -18.11
CA THR C 63 50.86 -57.84 -18.01
C THR C 63 51.42 -56.43 -17.83
N LEU C 64 50.80 -55.41 -18.47
CA LEU C 64 51.28 -54.04 -18.36
C LEU C 64 51.17 -53.49 -16.95
N PHE C 65 50.25 -54.06 -16.14
CA PHE C 65 50.07 -53.67 -14.74
C PHE C 65 50.96 -54.44 -13.75
N ASP C 66 51.58 -55.54 -14.24
CA ASP C 66 52.48 -56.41 -13.50
C ASP C 66 53.76 -55.69 -13.13
N ARG C 67 54.07 -55.64 -11.83
CA ARG C 67 55.28 -54.99 -11.33
C ARG C 67 56.17 -55.94 -10.53
N THR C 68 55.77 -57.24 -10.50
CA THR C 68 56.50 -58.30 -9.81
C THR C 68 57.87 -58.55 -10.47
N PRO C 69 58.97 -58.66 -9.68
CA PRO C 69 60.29 -58.86 -10.28
C PRO C 69 60.44 -60.13 -11.14
N LYS C 70 59.72 -61.21 -10.79
CA LYS C 70 59.75 -62.47 -11.53
C LYS C 70 58.78 -62.50 -12.72
N CYS C 71 57.98 -61.41 -12.95
CA CYS C 71 56.97 -61.28 -14.01
C CYS C 71 55.91 -62.38 -13.88
N GLU C 72 55.43 -62.62 -12.65
CA GLU C 72 54.47 -63.64 -12.23
C GLU C 72 52.99 -63.34 -12.54
N MET C 73 52.69 -62.23 -13.26
CA MET C 73 51.33 -61.84 -13.62
C MET C 73 50.41 -61.65 -12.39
N LYS C 74 50.84 -60.81 -11.44
CA LYS C 74 50.06 -60.50 -10.23
C LYS C 74 49.92 -59.01 -10.00
N ILE C 75 48.75 -58.59 -9.49
CA ILE C 75 48.41 -57.20 -9.16
C ILE C 75 48.01 -57.11 -7.69
N THR C 76 48.15 -55.92 -7.09
CA THR C 76 47.68 -55.74 -5.71
C THR C 76 46.16 -55.56 -5.78
N TYR C 77 45.44 -55.77 -4.66
CA TYR C 77 43.99 -55.59 -4.65
C TYR C 77 43.62 -54.14 -5.00
N GLY C 78 44.51 -53.20 -4.62
CA GLY C 78 44.37 -51.77 -4.87
C GLY C 78 44.47 -51.32 -6.31
N GLN C 79 45.07 -52.15 -7.21
CA GLN C 79 45.15 -51.76 -8.61
C GLN C 79 44.07 -52.47 -9.46
N CYS C 80 43.15 -53.24 -8.82
CA CYS C 80 42.05 -53.92 -9.53
C CYS C 80 41.13 -52.94 -10.28
N GLY C 81 40.72 -51.87 -9.62
CA GLY C 81 39.89 -50.80 -10.19
C GLY C 81 40.46 -50.29 -11.51
N ASP C 82 41.77 -49.97 -11.51
CA ASP C 82 42.55 -49.53 -12.68
C ASP C 82 42.47 -50.47 -13.87
N VAL C 83 42.63 -51.79 -13.65
CA VAL C 83 42.61 -52.83 -14.69
C VAL C 83 41.21 -53.01 -15.25
N LEU C 84 40.17 -52.99 -14.37
CA LEU C 84 38.77 -53.06 -14.80
C LEU C 84 38.47 -51.84 -15.70
N ARG C 85 38.98 -50.67 -15.32
CA ARG C 85 38.85 -49.41 -16.06
C ARG C 85 39.65 -49.41 -17.38
N ALA C 86 40.90 -49.88 -17.36
CA ALA C 86 41.73 -50.03 -18.56
C ALA C 86 41.04 -50.96 -19.60
N LEU C 87 40.26 -51.96 -19.11
CA LEU C 87 39.52 -52.94 -19.92
C LEU C 87 38.08 -52.52 -20.30
N GLY C 88 37.78 -51.22 -20.19
CA GLY C 88 36.50 -50.65 -20.61
C GLY C 88 35.36 -50.54 -19.61
N GLN C 89 35.60 -50.90 -18.35
CA GLN C 89 34.58 -50.79 -17.31
C GLN C 89 34.65 -49.44 -16.60
N ASN C 90 33.53 -49.01 -16.00
CA ASN C 90 33.43 -47.75 -15.24
C ASN C 90 32.74 -48.00 -13.88
N PRO C 91 33.29 -48.88 -13.01
CA PRO C 91 32.63 -49.14 -11.73
C PRO C 91 32.88 -48.03 -10.71
N THR C 92 31.98 -47.90 -9.74
CA THR C 92 32.17 -46.93 -8.67
C THR C 92 33.23 -47.51 -7.73
N GLN C 93 33.76 -46.68 -6.81
CA GLN C 93 34.72 -47.15 -5.81
C GLN C 93 34.07 -48.23 -4.94
N ALA C 94 32.78 -48.04 -4.57
CA ALA C 94 31.99 -49.00 -3.77
C ALA C 94 31.81 -50.34 -4.48
N GLU C 95 31.58 -50.33 -5.80
CA GLU C 95 31.38 -51.55 -6.61
C GLU C 95 32.66 -52.37 -6.73
N VAL C 96 33.82 -51.68 -6.73
CA VAL C 96 35.15 -52.32 -6.78
C VAL C 96 35.37 -52.98 -5.41
N LEU C 97 35.10 -52.26 -4.31
CA LEU C 97 35.27 -52.78 -2.94
C LEU C 97 34.38 -53.99 -2.66
N ARG C 98 33.16 -54.04 -3.24
CA ARG C 98 32.23 -55.16 -3.07
C ARG C 98 32.76 -56.44 -3.76
N VAL C 99 33.28 -56.31 -5.01
CA VAL C 99 33.82 -57.45 -5.77
C VAL C 99 35.15 -57.95 -5.15
N LEU C 100 35.90 -57.06 -4.47
CA LEU C 100 37.15 -57.42 -3.80
C LEU C 100 36.89 -58.17 -2.47
N GLY C 101 35.64 -58.09 -1.98
CA GLY C 101 35.20 -58.73 -0.74
C GLY C 101 35.33 -57.85 0.48
N LYS C 102 35.16 -56.52 0.27
CA LYS C 102 35.28 -55.45 1.27
C LYS C 102 36.62 -55.53 2.00
N PRO C 103 37.75 -55.18 1.31
CA PRO C 103 39.06 -55.31 1.96
C PRO C 103 39.44 -54.11 2.82
N LYS C 104 40.39 -54.34 3.73
CA LYS C 104 41.00 -53.33 4.59
C LYS C 104 42.03 -52.62 3.71
N GLN C 105 42.47 -51.40 4.11
CA GLN C 105 43.48 -50.64 3.36
C GLN C 105 44.78 -51.46 3.18
N GLU C 106 45.14 -52.28 4.19
CA GLU C 106 46.30 -53.16 4.21
C GLU C 106 46.24 -54.21 3.08
N GLU C 107 45.04 -54.71 2.79
CA GLU C 107 44.79 -55.71 1.75
C GLU C 107 44.86 -55.06 0.37
N LEU C 108 44.40 -53.80 0.27
CA LEU C 108 44.45 -53.02 -0.96
C LEU C 108 45.91 -52.75 -1.34
N ASN C 109 46.75 -52.45 -0.35
CA ASN C 109 48.18 -52.16 -0.57
C ASN C 109 49.02 -53.38 -0.88
N SER C 110 48.81 -54.49 -0.15
CA SER C 110 49.74 -55.62 -0.23
C SER C 110 49.16 -57.02 -0.45
N LYS C 111 47.84 -57.17 -0.62
CA LYS C 111 47.30 -58.50 -0.90
C LYS C 111 47.41 -58.69 -2.41
N MET C 112 48.04 -59.78 -2.83
CA MET C 112 48.23 -60.06 -4.26
C MET C 112 47.05 -60.81 -4.88
N MET C 113 46.84 -60.58 -6.19
CA MET C 113 45.78 -61.17 -7.00
C MET C 113 46.32 -61.65 -8.37
N ASP C 114 46.12 -62.93 -8.70
CA ASP C 114 46.53 -63.43 -10.02
C ASP C 114 45.41 -63.17 -11.05
N PHE C 115 45.68 -63.46 -12.34
CA PHE C 115 44.70 -63.25 -13.42
C PHE C 115 43.43 -64.09 -13.26
N ASP C 116 43.58 -65.36 -12.79
CA ASP C 116 42.49 -66.30 -12.55
C ASP C 116 41.49 -65.83 -11.51
N THR C 117 41.94 -65.00 -10.54
CA THR C 117 41.08 -64.41 -9.51
C THR C 117 40.42 -63.14 -10.10
N PHE C 118 41.15 -62.41 -10.94
CA PHE C 118 40.69 -61.17 -11.59
C PHE C 118 39.53 -61.37 -12.59
N LEU C 119 39.66 -62.39 -13.47
CA LEU C 119 38.71 -62.71 -14.55
C LEU C 119 37.24 -62.82 -14.09
N PRO C 120 36.86 -63.57 -12.99
CA PRO C 120 35.45 -63.56 -12.55
C PRO C 120 34.98 -62.20 -12.05
N MET C 121 35.90 -61.38 -11.49
CA MET C 121 35.59 -60.02 -11.02
C MET C 121 35.27 -59.15 -12.24
N LEU C 122 36.05 -59.28 -13.34
CA LEU C 122 35.80 -58.55 -14.58
C LEU C 122 34.43 -58.93 -15.18
N GLN C 123 34.09 -60.24 -15.18
CA GLN C 123 32.81 -60.77 -15.67
C GLN C 123 31.63 -60.22 -14.86
N HIS C 124 31.73 -60.21 -13.51
CA HIS C 124 30.69 -59.72 -12.62
C HIS C 124 30.43 -58.22 -12.78
N ILE C 125 31.52 -57.41 -12.88
CA ILE C 125 31.46 -55.96 -13.07
C ILE C 125 30.83 -55.61 -14.44
N SER C 126 31.12 -56.40 -15.48
CA SER C 126 30.60 -56.20 -16.84
C SER C 126 29.08 -56.44 -16.97
N LYS C 127 28.45 -57.08 -15.97
CA LYS C 127 27.01 -57.38 -15.96
C LYS C 127 26.28 -56.55 -14.91
N THR C 133 22.62 -42.68 -17.59
CA THR C 133 22.50 -42.23 -18.98
C THR C 133 23.15 -40.85 -19.18
N TYR C 134 23.29 -40.44 -20.47
CA TYR C 134 23.79 -39.13 -20.90
C TYR C 134 22.86 -38.06 -20.30
N GLU C 135 21.52 -38.31 -20.38
CA GLU C 135 20.48 -37.42 -19.84
C GLU C 135 20.62 -37.19 -18.34
N ASP C 136 20.90 -38.25 -17.55
CA ASP C 136 21.11 -38.16 -16.11
C ASP C 136 22.31 -37.27 -15.79
N PHE C 137 23.42 -37.46 -16.54
CA PHE C 137 24.69 -36.73 -16.42
C PHE C 137 24.52 -35.23 -16.70
N VAL C 138 23.83 -34.89 -17.79
CA VAL C 138 23.52 -33.50 -18.19
C VAL C 138 22.61 -32.83 -17.15
N GLU C 139 21.59 -33.55 -16.63
CA GLU C 139 20.68 -33.04 -15.61
C GLU C 139 21.39 -32.81 -14.26
N GLY C 140 22.38 -33.65 -13.95
CA GLY C 140 23.17 -33.55 -12.74
C GLY C 140 24.03 -32.30 -12.72
N LEU C 141 24.65 -31.99 -13.88
CA LEU C 141 25.51 -30.81 -14.02
C LEU C 141 24.70 -29.51 -14.19
N ARG C 142 23.44 -29.59 -14.67
CA ARG C 142 22.51 -28.46 -14.87
C ARG C 142 22.11 -27.82 -13.53
N VAL C 143 22.15 -28.60 -12.43
CA VAL C 143 21.88 -28.13 -11.07
C VAL C 143 22.80 -26.94 -10.74
N PHE C 144 24.06 -26.97 -11.20
CA PHE C 144 25.05 -25.92 -10.94
C PHE C 144 25.01 -24.79 -11.99
N ASP C 145 24.15 -24.94 -13.03
CA ASP C 145 23.98 -23.92 -14.05
C ASP C 145 22.97 -22.88 -13.51
N LYS C 146 23.51 -21.82 -12.86
CA LYS C 146 22.76 -20.74 -12.22
C LYS C 146 21.83 -19.99 -13.19
N GLU C 147 22.32 -19.71 -14.41
CA GLU C 147 21.62 -18.92 -15.44
C GLU C 147 20.83 -19.73 -16.46
N GLY C 148 21.22 -20.99 -16.67
CA GLY C 148 20.59 -21.85 -17.67
C GLY C 148 21.10 -21.52 -19.06
N ASN C 149 22.40 -21.12 -19.15
CA ASN C 149 23.08 -20.72 -20.39
C ASN C 149 23.92 -21.83 -21.05
N GLY C 150 23.99 -23.01 -20.43
CA GLY C 150 24.71 -24.16 -20.97
C GLY C 150 26.13 -24.35 -20.46
N THR C 151 26.59 -23.42 -19.61
CA THR C 151 27.91 -23.48 -18.99
C THR C 151 27.82 -23.46 -17.48
N VAL C 152 28.93 -23.81 -16.82
CA VAL C 152 29.12 -23.86 -15.37
C VAL C 152 30.54 -23.27 -15.15
N MET C 153 30.75 -22.55 -14.03
CA MET C 153 32.07 -21.99 -13.69
C MET C 153 33.05 -23.15 -13.43
N GLY C 154 34.21 -23.07 -14.07
CA GLY C 154 35.26 -24.07 -13.99
C GLY C 154 35.60 -24.50 -12.58
N ALA C 155 35.87 -23.51 -11.70
CA ALA C 155 36.23 -23.70 -10.29
C ALA C 155 35.12 -24.37 -9.47
N GLU C 156 33.84 -24.17 -9.88
CA GLU C 156 32.66 -24.73 -9.23
C GLU C 156 32.56 -26.24 -9.52
N LEU C 157 32.70 -26.65 -10.82
CA LEU C 157 32.68 -28.05 -11.23
C LEU C 157 33.85 -28.83 -10.59
N ARG C 158 35.04 -28.18 -10.51
CA ARG C 158 36.23 -28.75 -9.88
C ARG C 158 35.92 -29.02 -8.40
N HIS C 159 35.28 -28.04 -7.73
CA HIS C 159 34.89 -28.16 -6.33
C HIS C 159 33.87 -29.28 -6.09
N VAL C 160 32.84 -29.38 -6.96
CA VAL C 160 31.79 -30.41 -6.91
C VAL C 160 32.37 -31.85 -7.03
N LEU C 161 33.26 -32.07 -8.02
CA LEU C 161 33.87 -33.40 -8.24
C LEU C 161 34.82 -33.82 -7.13
N ALA C 162 35.35 -32.85 -6.36
CA ALA C 162 36.27 -33.08 -5.25
C ALA C 162 35.60 -33.07 -3.86
N THR C 163 34.30 -32.68 -3.75
CA THR C 163 33.61 -32.63 -2.45
C THR C 163 32.37 -33.53 -2.34
N LEU C 164 31.57 -33.65 -3.43
CA LEU C 164 30.35 -34.46 -3.47
C LEU C 164 30.64 -35.86 -3.98
N GLY C 165 29.66 -36.77 -3.83
CA GLY C 165 29.72 -38.18 -4.24
C GLY C 165 30.94 -38.92 -3.73
N GLU C 166 31.52 -39.79 -4.56
CA GLU C 166 32.76 -40.49 -4.22
C GLU C 166 33.92 -39.58 -4.67
N LYS C 167 34.25 -38.57 -3.81
CA LYS C 167 35.27 -37.54 -4.01
C LYS C 167 36.47 -37.96 -4.86
N LEU C 168 36.85 -37.11 -5.82
CA LEU C 168 38.05 -37.30 -6.64
C LEU C 168 39.13 -36.45 -5.98
N THR C 169 40.40 -36.88 -6.09
CA THR C 169 41.53 -36.14 -5.52
C THR C 169 41.72 -34.86 -6.33
N GLU C 170 42.38 -33.82 -5.76
CA GLU C 170 42.65 -32.58 -6.47
C GLU C 170 43.48 -32.83 -7.74
N ASP C 171 44.35 -33.86 -7.69
CA ASP C 171 45.23 -34.31 -8.77
C ASP C 171 44.40 -34.94 -9.91
N GLU C 172 43.42 -35.81 -9.58
CA GLU C 172 42.51 -36.48 -10.51
C GLU C 172 41.65 -35.42 -11.24
N VAL C 173 41.16 -34.42 -10.49
CA VAL C 173 40.36 -33.28 -10.99
C VAL C 173 41.21 -32.42 -11.95
N GLU C 174 42.48 -32.14 -11.59
CA GLU C 174 43.39 -31.34 -12.43
C GLU C 174 43.62 -32.00 -13.78
N LYS C 175 43.94 -33.31 -13.76
CA LYS C 175 44.18 -34.16 -14.94
C LYS C 175 42.96 -34.20 -15.86
N LEU C 176 41.78 -34.44 -15.29
CA LEU C 176 40.50 -34.54 -16.00
C LEU C 176 40.03 -33.21 -16.62
N MET C 177 40.27 -32.07 -15.93
CA MET C 177 39.83 -30.72 -16.34
C MET C 177 40.76 -29.99 -17.32
N ALA C 178 42.00 -30.50 -17.51
CA ALA C 178 43.04 -29.94 -18.38
C ALA C 178 42.55 -29.66 -19.80
N CYS C 186 32.05 -20.94 -18.55
CA CYS C 186 33.40 -21.49 -18.45
C CYS C 186 33.49 -22.93 -19.02
N ILE C 187 32.79 -23.92 -18.41
CA ILE C 187 32.74 -25.31 -18.90
C ILE C 187 31.37 -25.62 -19.53
N ASN C 188 31.35 -26.06 -20.80
CA ASN C 188 30.14 -26.49 -21.50
C ASN C 188 29.94 -27.91 -20.99
N TYR C 189 29.14 -28.04 -19.90
CA TYR C 189 28.90 -29.30 -19.21
C TYR C 189 28.31 -30.40 -20.08
N GLU C 190 27.58 -30.03 -21.15
CA GLU C 190 26.98 -30.98 -22.09
C GLU C 190 28.13 -31.62 -22.92
N ALA C 191 29.04 -30.76 -23.42
CA ALA C 191 30.21 -31.14 -24.22
C ALA C 191 31.14 -32.01 -23.36
N PHE C 192 31.27 -31.65 -22.06
CA PHE C 192 32.10 -32.35 -21.08
C PHE C 192 31.57 -33.76 -20.81
N VAL C 193 30.23 -33.93 -20.73
CA VAL C 193 29.56 -35.22 -20.54
C VAL C 193 29.87 -36.13 -21.74
N LYS C 194 29.81 -35.59 -22.98
CA LYS C 194 30.12 -36.32 -24.21
C LYS C 194 31.59 -36.74 -24.23
N HIS C 195 32.48 -35.85 -23.74
CA HIS C 195 33.93 -36.08 -23.64
C HIS C 195 34.26 -37.27 -22.72
N ILE C 196 33.71 -37.29 -21.48
CA ILE C 196 33.96 -38.37 -20.51
C ILE C 196 33.28 -39.69 -20.95
N MET C 197 32.09 -39.63 -21.58
CA MET C 197 31.40 -40.84 -22.04
C MET C 197 32.08 -41.51 -23.24
N ALA C 198 32.85 -40.74 -24.04
CA ALA C 198 33.62 -41.21 -25.20
C ALA C 198 35.07 -41.60 -24.80
N GLY C 199 35.37 -41.51 -23.51
CA GLY C 199 36.68 -41.80 -22.95
C GLY C 199 36.76 -43.08 -22.14
N PRO D 43 -71.04 13.98 4.58
CA PRO D 43 -71.79 15.08 5.21
C PRO D 43 -73.04 14.59 5.94
N SER D 44 -73.92 13.85 5.23
CA SER D 44 -75.16 13.29 5.78
C SER D 44 -74.90 11.98 6.49
N LYS D 45 -73.93 11.18 5.98
CA LYS D 45 -73.54 9.88 6.53
C LYS D 45 -72.90 10.00 7.93
N ILE D 46 -72.36 11.19 8.27
CA ILE D 46 -71.68 11.49 9.53
C ILE D 46 -72.68 11.53 10.70
N LYS D 47 -72.56 10.54 11.61
CA LYS D 47 -73.37 10.46 12.83
C LYS D 47 -72.62 11.33 13.82
N ILE D 48 -73.29 12.35 14.41
CA ILE D 48 -72.61 13.20 15.37
C ILE D 48 -72.60 12.48 16.73
N GLU D 49 -71.39 12.19 17.23
CA GLU D 49 -71.11 11.46 18.46
C GLU D 49 -70.91 12.35 19.69
N PHE D 50 -70.52 13.64 19.49
CA PHE D 50 -70.25 14.59 20.57
C PHE D 50 -71.47 14.81 21.47
N THR D 51 -71.24 15.05 22.77
CA THR D 51 -72.30 15.32 23.74
C THR D 51 -72.86 16.74 23.47
N PRO D 52 -74.15 17.06 23.80
CA PRO D 52 -74.65 18.43 23.56
C PRO D 52 -73.81 19.55 24.21
N GLU D 53 -73.15 19.25 25.35
CA GLU D 53 -72.28 20.16 26.09
C GLU D 53 -70.98 20.47 25.29
N GLN D 54 -70.45 19.46 24.56
CA GLN D 54 -69.29 19.63 23.71
C GLN D 54 -69.67 20.55 22.54
N ILE D 55 -70.83 20.26 21.89
CA ILE D 55 -71.39 21.05 20.77
C ILE D 55 -71.43 22.56 21.17
N GLU D 56 -71.96 22.88 22.37
CA GLU D 56 -72.04 24.26 22.84
C GLU D 56 -70.66 24.92 23.09
N GLU D 57 -69.70 24.12 23.60
CA GLU D 57 -68.29 24.50 23.80
C GLU D 57 -67.64 24.84 22.44
N PHE D 58 -67.94 24.02 21.39
CA PHE D 58 -67.40 24.22 20.04
C PHE D 58 -68.08 25.39 19.35
N LYS D 59 -69.38 25.61 19.66
CA LYS D 59 -70.18 26.68 19.08
C LYS D 59 -69.62 28.06 19.45
N GLU D 60 -69.12 28.19 20.69
CA GLU D 60 -68.46 29.37 21.21
C GLU D 60 -67.08 29.60 20.58
N ALA D 61 -66.25 28.53 20.44
CA ALA D 61 -64.92 28.64 19.84
C ALA D 61 -65.06 29.10 18.40
N PHE D 62 -66.02 28.53 17.67
CA PHE D 62 -66.37 28.90 16.30
C PHE D 62 -66.82 30.38 16.20
N THR D 63 -67.57 30.88 17.21
CA THR D 63 -68.05 32.27 17.30
C THR D 63 -66.87 33.27 17.50
N LEU D 64 -65.82 32.84 18.22
CA LEU D 64 -64.64 33.67 18.51
C LEU D 64 -63.85 34.01 17.25
N PHE D 65 -64.02 33.19 16.21
CA PHE D 65 -63.37 33.35 14.91
C PHE D 65 -64.14 34.22 13.95
N ASP D 66 -65.33 34.73 14.35
CA ASP D 66 -66.20 35.54 13.52
C ASP D 66 -65.53 36.85 13.10
N ARG D 67 -65.43 37.06 11.77
CA ARG D 67 -64.84 38.29 11.22
CA ARG D 67 -64.80 38.24 11.13
C ARG D 67 -65.81 38.92 10.21
N THR D 68 -67.05 38.39 10.13
CA THR D 68 -68.14 38.89 9.27
C THR D 68 -68.55 40.32 9.70
N PRO D 69 -68.73 41.25 8.71
CA PRO D 69 -69.12 42.63 9.07
C PRO D 69 -70.42 42.78 9.86
N LYS D 70 -71.41 41.89 9.59
CA LYS D 70 -72.69 41.94 10.30
C LYS D 70 -72.68 41.16 11.62
N CYS D 71 -71.54 40.52 11.99
CA CYS D 71 -71.37 39.70 13.21
C CYS D 71 -72.38 38.55 13.22
N GLU D 72 -72.51 37.85 12.06
CA GLU D 72 -73.45 36.76 11.76
C GLU D 72 -73.02 35.40 12.29
N MET D 73 -71.83 35.32 12.92
CA MET D 73 -71.25 34.11 13.54
C MET D 73 -71.06 32.98 12.53
N LYS D 74 -70.38 33.30 11.43
CA LYS D 74 -70.03 32.38 10.33
C LYS D 74 -68.54 32.51 10.08
N ILE D 75 -67.93 31.54 9.37
CA ILE D 75 -66.50 31.59 9.06
C ILE D 75 -66.33 31.38 7.56
N THR D 76 -65.21 31.87 6.98
CA THR D 76 -64.92 31.59 5.58
C THR D 76 -64.40 30.14 5.50
N TYR D 77 -64.45 29.51 4.32
CA TYR D 77 -63.94 28.15 4.17
C TYR D 77 -62.45 28.07 4.53
N GLY D 78 -61.72 29.16 4.29
CA GLY D 78 -60.30 29.34 4.56
C GLY D 78 -59.91 29.39 6.02
N GLN D 79 -60.85 29.66 6.94
CA GLN D 79 -60.53 29.69 8.36
C GLN D 79 -60.98 28.39 9.07
N CYS D 80 -61.52 27.40 8.31
CA CYS D 80 -61.93 26.11 8.88
C CYS D 80 -60.78 25.38 9.56
N GLY D 81 -59.62 25.33 8.89
CA GLY D 81 -58.42 24.70 9.41
C GLY D 81 -58.11 25.21 10.82
N ASP D 82 -58.09 26.55 10.98
CA ASP D 82 -57.85 27.29 12.24
C ASP D 82 -58.76 26.86 13.38
N VAL D 83 -60.07 26.71 13.12
CA VAL D 83 -61.08 26.32 14.12
C VAL D 83 -60.93 24.86 14.50
N LEU D 84 -60.64 23.97 13.51
CA LEU D 84 -60.38 22.54 13.76
C LEU D 84 -59.15 22.43 14.69
N ARG D 85 -58.12 23.28 14.43
CA ARG D 85 -56.88 23.36 15.21
C ARG D 85 -57.10 23.96 16.60
N ALA D 86 -57.86 25.05 16.70
CA ALA D 86 -58.24 25.66 17.98
C ALA D 86 -58.97 24.64 18.90
N LEU D 87 -59.73 23.71 18.28
CA LEU D 87 -60.50 22.65 18.96
C LEU D 87 -59.75 21.33 19.19
N GLY D 88 -58.41 21.37 19.10
CA GLY D 88 -57.54 20.23 19.39
C GLY D 88 -57.14 19.30 18.28
N GLN D 89 -57.53 19.60 17.03
CA GLN D 89 -57.16 18.76 15.89
C GLN D 89 -55.86 19.24 15.26
N ASN D 90 -55.15 18.34 14.56
CA ASN D 90 -53.90 18.66 13.86
C ASN D 90 -53.93 18.09 12.42
N PRO D 91 -54.92 18.50 11.58
CA PRO D 91 -54.96 17.98 10.21
C PRO D 91 -53.94 18.63 9.27
N THR D 92 -53.55 17.93 8.22
CA THR D 92 -52.65 18.51 7.21
C THR D 92 -53.49 19.49 6.38
N GLN D 93 -52.83 20.32 5.55
CA GLN D 93 -53.55 21.23 4.65
C GLN D 93 -54.40 20.42 3.67
N ALA D 94 -53.87 19.27 3.18
CA ALA D 94 -54.57 18.36 2.26
C ALA D 94 -55.82 17.76 2.88
N GLU D 95 -55.75 17.38 4.17
CA GLU D 95 -56.88 16.78 4.91
C GLU D 95 -58.00 17.78 5.15
N VAL D 96 -57.66 19.06 5.29
CA VAL D 96 -58.62 20.16 5.47
C VAL D 96 -59.32 20.35 4.13
N LEU D 97 -58.54 20.42 3.02
CA LEU D 97 -59.09 20.60 1.68
C LEU D 97 -60.03 19.46 1.26
N ARG D 98 -59.75 18.22 1.69
CA ARG D 98 -60.59 17.05 1.40
C ARG D 98 -61.96 17.16 2.11
N VAL D 99 -61.99 17.55 3.40
CA VAL D 99 -63.25 17.70 4.16
C VAL D 99 -64.05 18.93 3.66
N LEU D 100 -63.37 19.92 3.04
CA LEU D 100 -63.99 21.13 2.47
C LEU D 100 -64.56 20.86 1.08
N GLY D 101 -64.31 19.67 0.55
CA GLY D 101 -64.78 19.23 -0.76
C GLY D 101 -63.96 19.76 -1.92
N LYS D 102 -62.64 19.91 -1.67
CA LYS D 102 -61.63 20.41 -2.60
C LYS D 102 -62.05 21.76 -3.18
N PRO D 103 -62.01 22.85 -2.37
CA PRO D 103 -62.44 24.16 -2.89
C PRO D 103 -61.35 24.89 -3.66
N LYS D 104 -61.79 25.86 -4.48
CA LYS D 104 -60.92 26.78 -5.23
C LYS D 104 -60.48 27.84 -4.21
N GLN D 105 -59.39 28.57 -4.50
CA GLN D 105 -58.90 29.65 -3.63
C GLN D 105 -59.99 30.70 -3.36
N GLU D 106 -60.85 30.97 -4.38
CA GLU D 106 -61.99 31.90 -4.30
C GLU D 106 -63.01 31.48 -3.21
N GLU D 107 -63.22 30.17 -3.07
CA GLU D 107 -64.15 29.59 -2.10
C GLU D 107 -63.55 29.67 -0.71
N LEU D 108 -62.23 29.48 -0.60
CA LEU D 108 -61.48 29.56 0.66
C LEU D 108 -61.57 31.00 1.20
N ASN D 109 -61.42 32.00 0.30
CA ASN D 109 -61.48 33.42 0.69
C ASN D 109 -62.85 33.91 1.05
N SER D 110 -63.89 33.53 0.26
CA SER D 110 -65.19 34.19 0.41
C SER D 110 -66.43 33.31 0.49
N LYS D 111 -66.28 31.98 0.51
CA LYS D 111 -67.46 31.14 0.68
C LYS D 111 -67.70 31.03 2.18
N MET D 112 -68.91 31.35 2.62
CA MET D 112 -69.24 31.33 4.05
C MET D 112 -69.71 29.97 4.51
N MET D 113 -69.43 29.68 5.77
CA MET D 113 -69.79 28.44 6.44
C MET D 113 -70.46 28.73 7.77
N ASP D 114 -71.56 28.06 8.06
CA ASP D 114 -72.18 28.19 9.38
C ASP D 114 -71.71 27.03 10.29
N PHE D 115 -72.09 27.07 11.57
CA PHE D 115 -71.69 26.06 12.55
C PHE D 115 -72.21 24.64 12.21
N ASP D 116 -73.46 24.56 11.68
CA ASP D 116 -74.12 23.30 11.29
C ASP D 116 -73.39 22.55 10.18
N THR D 117 -72.68 23.31 9.32
CA THR D 117 -71.88 22.73 8.24
C THR D 117 -70.50 22.30 8.81
N PHE D 118 -69.95 23.10 9.76
CA PHE D 118 -68.66 22.87 10.42
C PHE D 118 -68.61 21.59 11.28
N LEU D 119 -69.65 21.35 12.11
CA LEU D 119 -69.74 20.24 13.06
C LEU D 119 -69.48 18.86 12.45
N PRO D 120 -70.10 18.44 11.29
CA PRO D 120 -69.74 17.12 10.70
C PRO D 120 -68.28 17.06 10.23
N MET D 121 -67.72 18.20 9.80
CA MET D 121 -66.32 18.28 9.37
C MET D 121 -65.41 18.04 10.58
N LEU D 122 -65.75 18.65 11.75
CA LEU D 122 -64.99 18.44 12.98
C LEU D 122 -65.03 16.95 13.42
N GLN D 123 -66.22 16.31 13.32
CA GLN D 123 -66.44 14.90 13.65
C GLN D 123 -65.60 13.97 12.74
N HIS D 124 -65.61 14.24 11.43
CA HIS D 124 -64.88 13.44 10.45
C HIS D 124 -63.35 13.54 10.63
N ILE D 125 -62.83 14.76 10.88
CA ILE D 125 -61.40 15.03 11.11
C ILE D 125 -60.93 14.33 12.41
N SER D 126 -61.78 14.31 13.45
CA SER D 126 -61.48 13.69 14.75
C SER D 126 -61.35 12.17 14.70
N LYS D 127 -61.79 11.54 13.58
CA LYS D 127 -61.74 10.08 13.37
C LYS D 127 -60.32 9.63 12.96
N ASN D 128 -59.72 10.29 11.94
CA ASN D 128 -58.40 10.00 11.40
C ASN D 128 -57.27 10.05 12.43
N THR D 131 -51.52 9.93 12.17
CA THR D 131 -51.15 11.21 12.81
C THR D 131 -49.64 11.33 13.09
N GLY D 132 -48.95 10.20 13.11
CA GLY D 132 -47.53 10.14 13.39
C GLY D 132 -47.21 10.17 14.87
N THR D 133 -46.26 9.32 15.26
CA THR D 133 -45.79 9.17 16.64
C THR D 133 -44.62 10.14 16.92
N TYR D 134 -44.25 10.25 18.20
CA TYR D 134 -43.11 11.00 18.71
C TYR D 134 -41.84 10.44 18.03
N GLU D 135 -41.73 9.08 17.95
CA GLU D 135 -40.61 8.37 17.30
C GLU D 135 -40.45 8.74 15.85
N ASP D 136 -41.56 8.83 15.09
CA ASP D 136 -41.54 9.24 13.66
C ASP D 136 -40.98 10.66 13.50
N PHE D 137 -41.45 11.59 14.37
CA PHE D 137 -41.06 13.00 14.42
C PHE D 137 -39.56 13.18 14.71
N VAL D 138 -39.03 12.47 15.72
CA VAL D 138 -37.62 12.47 16.12
C VAL D 138 -36.74 11.90 14.99
N GLU D 139 -37.21 10.82 14.32
CA GLU D 139 -36.48 10.20 13.20
C GLU D 139 -36.43 11.11 11.97
N GLY D 140 -37.50 11.88 11.76
CA GLY D 140 -37.59 12.84 10.67
C GLY D 140 -36.62 13.99 10.80
N LEU D 141 -36.47 14.49 12.03
CA LEU D 141 -35.54 15.59 12.33
C LEU D 141 -34.07 15.13 12.44
N ARG D 142 -33.83 13.82 12.74
CA ARG D 142 -32.50 13.19 12.85
C ARG D 142 -31.79 13.18 11.49
N VAL D 143 -32.55 13.15 10.39
CA VAL D 143 -32.02 13.22 9.02
C VAL D 143 -31.09 14.44 8.87
N PHE D 144 -31.45 15.59 9.49
CA PHE D 144 -30.70 16.84 9.42
C PHE D 144 -29.62 16.94 10.50
N ASP D 145 -29.53 15.94 11.40
CA ASP D 145 -28.50 15.90 12.43
C ASP D 145 -27.24 15.31 11.80
N LYS D 146 -26.36 16.21 11.28
CA LYS D 146 -25.11 15.89 10.58
C LYS D 146 -24.12 15.10 11.44
N GLU D 147 -23.99 15.46 12.72
CA GLU D 147 -23.05 14.87 13.67
C GLU D 147 -23.61 13.75 14.54
N GLY D 148 -24.91 13.73 14.76
CA GLY D 148 -25.56 12.76 15.62
C GLY D 148 -25.39 13.13 17.08
N ASN D 149 -25.35 14.46 17.37
CA ASN D 149 -25.16 15.03 18.70
C ASN D 149 -26.46 15.44 19.43
N GLY D 150 -27.62 15.29 18.77
CA GLY D 150 -28.91 15.60 19.38
C GLY D 150 -29.47 16.97 19.07
N THR D 151 -28.70 17.77 18.32
CA THR D 151 -29.13 19.10 17.89
C THR D 151 -29.07 19.22 16.36
N VAL D 152 -29.70 20.27 15.86
CA VAL D 152 -29.80 20.65 14.45
C VAL D 152 -29.61 22.18 14.44
N MET D 153 -28.95 22.74 13.41
CA MET D 153 -28.73 24.18 13.29
C MET D 153 -30.08 24.86 13.12
N GLY D 154 -30.32 25.90 13.92
CA GLY D 154 -31.56 26.67 13.92
C GLY D 154 -32.04 27.09 12.55
N ALA D 155 -31.15 27.72 11.77
CA ALA D 155 -31.40 28.23 10.41
C ALA D 155 -31.74 27.12 9.43
N GLU D 156 -31.23 25.90 9.67
CA GLU D 156 -31.45 24.72 8.83
C GLU D 156 -32.88 24.18 9.03
N LEU D 157 -33.33 24.03 10.30
CA LEU D 157 -34.69 23.60 10.63
C LEU D 157 -35.72 24.61 10.13
N ARG D 158 -35.40 25.92 10.22
CA ARG D 158 -36.26 27.00 9.73
C ARG D 158 -36.41 26.85 8.22
N HIS D 159 -35.29 26.58 7.52
CA HIS D 159 -35.28 26.37 6.08
C HIS D 159 -36.09 25.14 5.65
N VAL D 160 -35.94 24.01 6.37
CA VAL D 160 -36.66 22.74 6.13
C VAL D 160 -38.19 22.92 6.26
N LEU D 161 -38.65 23.57 7.33
CA LEU D 161 -40.09 23.77 7.57
C LEU D 161 -40.74 24.72 6.57
N ALA D 162 -39.94 25.60 5.93
CA ALA D 162 -40.38 26.57 4.93
C ALA D 162 -40.17 26.10 3.48
N THR D 163 -39.51 24.94 3.25
CA THR D 163 -39.30 24.46 1.88
C THR D 163 -39.91 23.10 1.61
N LEU D 164 -39.66 22.15 2.51
CA LEU D 164 -40.13 20.76 2.38
C LEU D 164 -41.58 20.62 2.85
N GLY D 165 -42.19 19.47 2.54
CA GLY D 165 -43.57 19.12 2.86
C GLY D 165 -44.59 20.17 2.47
N GLU D 166 -45.61 20.40 3.34
CA GLU D 166 -46.60 21.44 3.09
C GLU D 166 -46.04 22.73 3.71
N LYS D 167 -45.14 23.41 2.96
CA LYS D 167 -44.38 24.62 3.34
C LYS D 167 -45.12 25.56 4.31
N LEU D 168 -44.42 26.00 5.35
CA LEU D 168 -44.92 26.99 6.29
C LEU D 168 -44.37 28.35 5.81
N THR D 169 -45.12 29.44 6.00
CA THR D 169 -44.64 30.77 5.63
C THR D 169 -43.46 31.14 6.55
N GLU D 170 -42.63 32.12 6.15
CA GLU D 170 -41.51 32.59 6.97
C GLU D 170 -41.99 33.17 8.30
N ASP D 171 -43.22 33.71 8.30
CA ASP D 171 -43.91 34.31 9.44
C ASP D 171 -44.35 33.22 10.43
N GLU D 172 -44.92 32.11 9.91
CA GLU D 172 -45.36 30.95 10.70
C GLU D 172 -44.16 30.28 11.40
N VAL D 173 -43.03 30.16 10.66
CA VAL D 173 -41.76 29.60 11.14
C VAL D 173 -41.17 30.52 12.24
N GLU D 174 -41.20 31.85 12.04
CA GLU D 174 -40.69 32.82 13.02
C GLU D 174 -41.42 32.69 14.36
N LYS D 175 -42.78 32.69 14.30
CA LYS D 175 -43.69 32.57 15.44
C LYS D 175 -43.45 31.27 16.21
N LEU D 176 -43.33 30.15 15.47
CA LEU D 176 -43.12 28.81 16.01
C LEU D 176 -41.72 28.66 16.66
N MET D 177 -40.67 29.18 16.01
CA MET D 177 -39.27 29.07 16.47
C MET D 177 -38.85 30.00 17.61
N ALA D 178 -39.67 31.03 17.93
CA ALA D 178 -39.42 32.05 18.95
C ALA D 178 -38.97 31.45 20.30
N GLY D 179 -37.77 31.84 20.71
CA GLY D 179 -37.11 31.42 21.95
C GLY D 179 -36.84 29.93 22.08
N GLN D 180 -36.57 29.23 20.96
CA GLN D 180 -36.33 27.78 20.99
C GLN D 180 -34.86 27.40 20.75
N GLU D 181 -34.07 28.34 20.20
CA GLU D 181 -32.63 28.14 19.97
C GLU D 181 -31.80 28.41 21.23
N ASP D 182 -30.68 27.69 21.37
CA ASP D 182 -29.78 27.90 22.49
C ASP D 182 -28.79 29.05 22.19
N SER D 183 -27.71 29.17 22.98
CA SER D 183 -26.67 30.20 22.84
C SER D 183 -25.84 30.04 21.55
N ASN D 184 -25.73 28.79 21.03
CA ASN D 184 -24.99 28.47 19.80
C ASN D 184 -25.90 28.44 18.56
N GLY D 185 -27.15 28.90 18.73
CA GLY D 185 -28.17 28.95 17.69
C GLY D 185 -28.72 27.60 17.26
N CYS D 186 -28.46 26.53 18.06
CA CYS D 186 -28.89 25.16 17.77
C CYS D 186 -30.21 24.80 18.44
N ILE D 187 -30.85 23.73 17.93
CA ILE D 187 -32.15 23.24 18.38
C ILE D 187 -32.08 21.78 18.80
N ASN D 188 -32.50 21.47 20.03
CA ASN D 188 -32.59 20.13 20.56
C ASN D 188 -33.89 19.60 19.97
N TYR D 189 -33.77 18.89 18.82
CA TYR D 189 -34.92 18.42 18.03
C TYR D 189 -35.88 17.49 18.81
N GLU D 190 -35.40 16.67 19.74
CA GLU D 190 -36.34 15.84 20.50
C GLU D 190 -37.06 16.66 21.61
N ALA D 191 -36.44 17.75 22.11
CA ALA D 191 -37.10 18.66 23.06
C ALA D 191 -38.14 19.48 22.29
N PHE D 192 -37.83 19.87 21.04
CA PHE D 192 -38.70 20.62 20.13
C PHE D 192 -39.95 19.79 19.75
N VAL D 193 -39.77 18.48 19.49
CA VAL D 193 -40.84 17.54 19.17
C VAL D 193 -41.81 17.47 20.36
N LYS D 194 -41.28 17.37 21.60
CA LYS D 194 -42.07 17.33 22.84
C LYS D 194 -42.84 18.65 23.02
N HIS D 195 -42.21 19.78 22.68
CA HIS D 195 -42.78 21.14 22.75
C HIS D 195 -44.00 21.29 21.83
N ILE D 196 -43.87 20.91 20.54
CA ILE D 196 -44.98 21.01 19.57
C ILE D 196 -46.10 19.99 19.86
N MET D 197 -45.76 18.78 20.35
CA MET D 197 -46.77 17.76 20.68
C MET D 197 -47.59 18.11 21.95
N ALA D 198 -47.03 18.95 22.84
CA ALA D 198 -47.68 19.43 24.07
C ALA D 198 -48.39 20.80 23.82
N GLY D 199 -48.38 21.25 22.56
CA GLY D 199 -48.96 22.52 22.13
C GLY D 199 -50.25 22.38 21.35
#